data_9F3C
#
_entry.id   9F3C
#
_cell.length_a   1.00
_cell.length_b   1.00
_cell.length_c   1.00
_cell.angle_alpha   90.00
_cell.angle_beta   90.00
_cell.angle_gamma   90.00
#
_symmetry.space_group_name_H-M   'P 1'
#
loop_
_entity.id
_entity.type
_entity.pdbx_description
1 polymer 'Synaptic vesicle glycoprotein 2B'
2 polymer 'Botulinum neurotoxin type A'
3 branched beta-D-mannopyranose-(1-4)-2-acetamido-2-deoxy-beta-D-glucopyranose-(1-4)-2-acetamido-2-deoxy-beta-D-glucopyranose
4 non-polymer 2-acetamido-2-deoxy-beta-D-glucopyranose
#
loop_
_entity_poly.entity_id
_entity_poly.type
_entity_poly.pdbx_seq_one_letter_code
_entity_poly.pdbx_strand_id
1 'polypeptide(L)'
;MDDYKYQDNYGGYAPSDGYYRGNESNPEEDAQSDVTEGHDEEDEIYEGEYQGIPHPDDVKAKQAKMAPSRMDSLRGQTDL
MAERLEDEEQLAHQYETIMDECGHGRFQWILFFVLGLALMADGVEVFVVSFALPSAEKDMCLSSSKKGMLGMIVYLGMMA
GAFILGGLADKLGRKRVLSMSLAVNASFASLSSFVQGYGAFLFCRLISGIGIGGALPIVFAYFSEFLSREKRGEHLSWLG
IFWMTGGLYASAMAWSIIPHYGWGFSMGTNYHFHSWRVFVIVCALPCTVSMVALKFMPESPRFLLEMGKHDEAWMILKQV
HDTNMRAKGTPEKVFTVSNIKTPKQMDEFIEIQSSTGTWYQRWLVRFKTIFKQVWDNALYCVMGPYRMNTLILAVVWFAM
AFSYYGLTVWFPDMIRYFQDEEYKSKMKVFFGEHVYGATINFTMENQIHQHGKLVNDKFTRMYFKHVLFEDTFFDECYFE
DVTSTDTYFKNCTIESTIFYNTDLYEHKFINCRFINSTFLEQKEGCHMDLEQDNDFLIYLVSFLGSLSVLPGNIISALLM
DRIGRLKMIGGSMLISAVCCFFLFFGNSESAMIGWQCLFCGTSIAAWNALDVITVELYPTNQRATAFGILNGLCKFGAIL
GNTIFASFVGITKVVPILLAAASLVGGGLIALRLPETREQVLM
;
A
2 'polypeptide(L)'
;MRGSHHHHHHGSLVPRGSPFVNKQFNYKDPVNGVDIAYIKIPNAGQMQPVKAFKIHNKIWVIPERDTFTNPEEGDLNPPP
EAKQVPVSYYDSTYLSTDNEKDNYLKGVTKLFERIYSTDLGRMLLTSIVRGIPFWGGSTIDTELKVIDTNCINVIQPDGS
YRSEELNLVIIGPSADIIQFECKSFGHEVLNLTRNGYGSTQYIRFSPDFTFGFEESLEVDTNPLLGAGKFATDPAVTLAH
QLIHAGHRLYGIAINPNRVFKVNTNAYYEMSGLEVSFEELRTFGGHDAKFIDSLQENEFRLYYYNKFKDIASTLNKAKSI
VGTTASLQYMKNVFKEKYLLSEDTSGKFSVDKLKFDKLYKMLTEIYTEDNFVKFFKVLNAKTFLNFDKAVFKINIVPKVN
YTIYDGFNLRNTNLAANFNGQNTEINNMNFTKLKNFTGLFEFYKLLCVRGIITSKTKSLDKGYNKALNDLCIKVNNWDLF
FSPSEDNFTNDLNKGEEITSDTNIEAAEENISLDLIQQYYLTFNFDNEPENISIENLSSDIIGQLELMPNIERFPNGKKY
ELDKYTMFHYLRAQEFEHGKSRIALTNSVNEALLNPSRVYTFFSSDYVKKVNKATEAAMFLGWVEQLVYDFTDETSEVST
TDKIADITIIIPYIGPALNIGNMLYKDDFVGALIFSGAVILLEFIPEIAIPVLGTFALVSYIANKVLTVQTIDNALSKRN
EKWDEVYKYIVTNWLAKVNTQIDLIRKKMKEALENQAEATKAIINYQYNQYTEEEKNNINFNIDDLSSKLNESINKAMIN
INKFLNQCSVSYLMNSMIPYGVKRLEDFDASLKDALLKYIYDNRGTLIGQVDRLKDKVNNTLSTDIPFQLSKYVDNQRLL
STFTEYIKNIINTSILNLRYESNHLIDLSRYASKINIGSKVNFDPIDKNQIQLFNLESSKIEVILKNAIVYNSMYENFST
SFWIRIPKYFNSISLNNEYTIINCMENNSGWKVSLNYGEIIWTLQDTQEIKQRVVFKYSQMINISDYINRWIFVTITNNR
LNNSKIYINGRLIDQKPISNLGNIHASNNIMFKLDGCRDTHRYIWIKYFNLFDKELNEKEIKDLYDNQSNSGILKDFWGD
YLQYDKPYYMLNLYDPNKYVDVNNVGIRGYMYLKGPRGSVMTTNIYLNSSLYRGAKFIIKKYASGNKDNIVRNNDRVYIN
VVVKNKEYRLATNASQAGVEKILSALEIPDVGNLSQVVVMKSKNDQGITNKCKMNLQDNNGNDIGFIGFHQFNNIAKLVA
SNWYNRQIERSSRTLGCSWEFIPVDDGWGERPLVPPTPGSAWSHPQFEK
;
B
#
# COMPACT_ATOMS: atom_id res chain seq x y z
N ALA A 92 -12.84 83.41 19.27
CA ALA A 92 -12.39 82.61 20.40
C ALA A 92 -12.67 83.32 21.71
N HIS A 93 -12.73 84.65 21.67
CA HIS A 93 -12.96 85.42 22.88
C HIS A 93 -14.37 85.17 23.42
N GLN A 94 -15.38 85.16 22.56
CA GLN A 94 -16.75 84.94 23.02
C GLN A 94 -16.93 83.52 23.54
N TYR A 95 -16.34 82.54 22.85
CA TYR A 95 -16.40 81.16 23.33
C TYR A 95 -15.71 81.01 24.67
N GLU A 96 -14.54 81.65 24.83
CA GLU A 96 -13.84 81.59 26.11
C GLU A 96 -14.67 82.24 27.22
N THR A 97 -15.31 83.37 26.91
CA THR A 97 -16.12 84.06 27.91
C THR A 97 -17.32 83.22 28.33
N ILE A 98 -18.00 82.59 27.36
CA ILE A 98 -19.17 81.78 27.71
C ILE A 98 -18.73 80.53 28.47
N MET A 99 -17.59 79.95 28.12
CA MET A 99 -17.08 78.81 28.88
C MET A 99 -16.71 79.21 30.30
N ASP A 100 -16.15 80.41 30.47
CA ASP A 100 -15.84 80.91 31.80
C ASP A 100 -17.12 81.11 32.61
N GLU A 101 -18.16 81.67 31.99
CA GLU A 101 -19.43 81.86 32.68
C GLU A 101 -20.07 80.52 33.03
N CYS A 102 -19.85 79.50 32.21
CA CYS A 102 -20.41 78.18 32.51
C CYS A 102 -19.87 77.63 33.83
N GLY A 103 -18.57 77.80 34.05
CA GLY A 103 -17.97 77.38 35.31
C GLY A 103 -17.78 75.87 35.40
N HIS A 104 -17.42 75.44 36.61
CA HIS A 104 -17.15 74.04 36.89
C HIS A 104 -18.23 73.48 37.79
N GLY A 105 -18.80 72.33 37.39
CA GLY A 105 -19.87 71.72 38.16
C GLY A 105 -20.07 70.24 37.91
N ARG A 106 -21.34 69.82 37.84
CA ARG A 106 -21.65 68.40 37.73
C ARG A 106 -21.16 67.81 36.41
N PHE A 107 -21.39 68.53 35.31
CA PHE A 107 -21.17 67.95 33.99
C PHE A 107 -19.69 67.66 33.75
N GLN A 108 -18.82 68.62 34.07
CA GLN A 108 -17.40 68.40 33.84
C GLN A 108 -16.85 67.28 34.71
N TRP A 109 -17.40 67.10 35.92
CA TRP A 109 -16.97 65.99 36.77
C TRP A 109 -17.41 64.65 36.18
N ILE A 110 -18.65 64.57 35.70
CA ILE A 110 -19.10 63.33 35.10
C ILE A 110 -18.26 62.97 33.88
N LEU A 111 -18.00 63.97 33.04
CA LEU A 111 -17.13 63.75 31.89
C LEU A 111 -15.73 63.34 32.31
N PHE A 112 -15.22 63.94 33.39
CA PHE A 112 -13.89 63.61 33.88
C PHE A 112 -13.83 62.15 34.28
N PHE A 113 -14.89 61.64 34.92
CA PHE A 113 -14.91 60.22 35.28
C PHE A 113 -14.96 59.34 34.03
N VAL A 114 -15.86 59.65 33.10
CA VAL A 114 -16.00 58.81 31.91
C VAL A 114 -14.80 58.91 30.98
N LEU A 115 -13.89 59.86 31.20
CA LEU A 115 -12.63 59.91 30.47
C LEU A 115 -11.48 59.28 31.24
N GLY A 116 -11.49 59.42 32.56
CA GLY A 116 -10.55 58.67 33.37
C GLY A 116 -10.71 57.18 33.21
N LEU A 117 -11.91 56.73 32.82
CA LEU A 117 -12.08 55.33 32.45
C LEU A 117 -11.17 54.95 31.28
N ALA A 118 -11.14 55.78 30.23
CA ALA A 118 -10.29 55.49 29.08
C ALA A 118 -8.81 55.59 29.46
N LEU A 119 -8.46 56.54 30.32
CA LEU A 119 -7.08 56.61 30.77
C LEU A 119 -6.69 55.37 31.58
N MET A 120 -7.62 54.86 32.37
CA MET A 120 -7.40 53.58 33.04
C MET A 120 -7.19 52.47 32.03
N ALA A 121 -7.95 52.47 30.93
CA ALA A 121 -7.74 51.46 29.90
C ALA A 121 -6.34 51.55 29.31
N ASP A 122 -5.86 52.77 29.07
CA ASP A 122 -4.49 52.94 28.58
C ASP A 122 -3.47 52.40 29.58
N GLY A 123 -3.68 52.68 30.87
CA GLY A 123 -2.76 52.19 31.88
C GLY A 123 -2.72 50.66 31.93
N VAL A 124 -3.89 50.03 31.91
CA VAL A 124 -3.93 48.58 31.95
C VAL A 124 -3.36 47.98 30.67
N GLU A 125 -3.47 48.68 29.54
CA GLU A 125 -2.79 48.19 28.34
C GLU A 125 -1.29 48.23 28.50
N VAL A 126 -0.75 49.32 29.05
CA VAL A 126 0.69 49.39 29.26
C VAL A 126 1.14 48.27 30.20
N PHE A 127 0.38 48.02 31.27
CA PHE A 127 0.73 46.92 32.17
C PHE A 127 0.69 45.58 31.46
N VAL A 128 -0.41 45.28 30.78
CA VAL A 128 -0.57 43.96 30.16
C VAL A 128 0.43 43.75 29.04
N VAL A 129 1.02 44.82 28.51
CA VAL A 129 2.06 44.66 27.50
C VAL A 129 3.46 44.56 28.11
N SER A 130 3.70 45.19 29.25
CA SER A 130 5.06 45.25 29.79
C SER A 130 5.35 44.27 30.90
N PHE A 131 4.33 43.72 31.58
CA PHE A 131 4.57 42.80 32.68
C PHE A 131 3.70 41.54 32.62
N ALA A 132 2.85 41.39 31.61
CA ALA A 132 2.00 40.20 31.50
C ALA A 132 2.43 39.35 30.32
N LEU A 133 2.48 39.90 29.10
CA LEU A 133 3.00 39.18 27.95
C LEU A 133 4.46 38.76 28.16
N PRO A 134 5.35 39.64 28.61
CA PRO A 134 6.76 39.21 28.79
C PRO A 134 6.94 38.12 29.82
N SER A 135 5.94 37.92 30.70
CA SER A 135 6.00 36.81 31.68
C SER A 135 5.12 35.66 31.20
N ALA A 136 4.34 35.89 30.13
CA ALA A 136 3.47 34.83 29.56
C ALA A 136 4.32 33.87 28.71
N GLU A 137 5.34 34.41 28.03
CA GLU A 137 6.17 33.58 27.13
C GLU A 137 7.15 32.73 27.94
N GLY A 148 11.40 37.18 27.95
CA GLY A 148 11.42 37.55 26.51
C GLY A 148 10.51 38.73 26.25
N MET A 149 10.64 39.37 25.09
CA MET A 149 9.83 40.60 24.81
C MET A 149 9.09 40.45 23.47
N LEU A 150 8.68 39.24 23.12
CA LEU A 150 8.02 39.01 21.79
C LEU A 150 6.78 39.89 21.71
N GLY A 151 5.93 39.86 22.74
CA GLY A 151 4.67 40.63 22.70
C GLY A 151 4.91 42.12 22.48
N MET A 152 6.07 42.64 22.91
CA MET A 152 6.34 44.09 22.81
C MET A 152 5.85 44.67 21.47
N ILE A 153 5.96 43.91 20.37
CA ILE A 153 5.59 44.44 19.02
C ILE A 153 4.25 45.18 19.09
N VAL A 154 3.32 44.75 19.94
CA VAL A 154 2.04 45.44 20.10
C VAL A 154 2.28 46.91 20.41
N TYR A 155 3.32 47.22 21.17
CA TYR A 155 3.75 48.60 21.36
C TYR A 155 3.92 49.31 20.03
N LEU A 156 4.62 48.66 19.08
CA LEU A 156 4.74 49.23 17.75
C LEU A 156 3.37 49.51 17.15
N GLY A 157 2.45 48.57 17.29
CA GLY A 157 1.08 48.82 16.84
C GLY A 157 0.48 50.06 17.49
N MET A 158 0.67 50.20 18.81
CA MET A 158 0.18 51.40 19.48
C MET A 158 0.67 52.64 18.76
N MET A 159 1.93 52.64 18.33
CA MET A 159 2.49 53.75 17.58
C MET A 159 1.56 54.13 16.43
N ALA A 160 1.26 53.17 15.56
CA ALA A 160 0.41 53.45 14.42
C ALA A 160 -0.93 54.01 14.87
N GLY A 161 -1.52 53.41 15.90
CA GLY A 161 -2.78 53.93 16.40
C GLY A 161 -2.66 55.38 16.81
N ALA A 162 -1.58 55.71 17.54
CA ALA A 162 -1.41 57.07 18.02
C ALA A 162 -1.25 58.05 16.88
N PHE A 163 -0.92 57.57 15.69
CA PHE A 163 -0.87 58.46 14.52
C PHE A 163 -2.09 58.28 13.63
N ILE A 164 -2.71 57.11 13.64
CA ILE A 164 -3.85 56.87 12.75
C ILE A 164 -5.15 57.33 13.39
N LEU A 165 -5.41 56.92 14.62
CA LEU A 165 -6.58 57.38 15.37
C LEU A 165 -6.28 58.62 16.19
N GLY A 166 -5.05 59.13 16.14
CA GLY A 166 -4.70 60.33 16.88
C GLY A 166 -4.80 61.58 16.04
N GLY A 167 -4.23 61.55 14.84
CA GLY A 167 -4.32 62.68 13.95
C GLY A 167 -5.63 62.78 13.20
N LEU A 168 -6.31 61.65 13.00
CA LEU A 168 -7.56 61.65 12.25
C LEU A 168 -8.64 62.45 12.96
N ALA A 169 -8.64 62.43 14.29
CA ALA A 169 -9.75 63.03 15.04
C ALA A 169 -9.85 64.52 14.79
N ASP A 170 -8.72 65.20 14.58
CA ASP A 170 -8.76 66.63 14.34
C ASP A 170 -9.45 66.97 13.01
N LYS A 171 -9.53 66.01 12.09
CA LYS A 171 -10.21 66.22 10.82
C LYS A 171 -11.61 65.63 10.78
N LEU A 172 -11.97 64.76 11.73
CA LEU A 172 -13.24 64.06 11.71
C LEU A 172 -14.08 64.29 12.95
N GLY A 173 -13.49 64.29 14.13
CA GLY A 173 -14.22 64.49 15.37
C GLY A 173 -13.54 63.79 16.52
N ARG A 174 -13.90 64.22 17.72
CA ARG A 174 -13.28 63.71 18.95
C ARG A 174 -14.12 62.65 19.63
N LYS A 175 -15.45 62.82 19.65
CA LYS A 175 -16.28 61.78 20.25
C LYS A 175 -16.38 60.56 19.36
N ARG A 176 -16.54 60.77 18.04
CA ARG A 176 -16.65 59.65 17.12
C ARG A 176 -15.36 58.82 17.09
N VAL A 177 -14.21 59.50 17.03
CA VAL A 177 -12.94 58.79 16.94
C VAL A 177 -12.66 58.00 18.22
N LEU A 178 -12.90 58.62 19.39
CA LEU A 178 -12.71 57.92 20.64
C LEU A 178 -13.68 56.75 20.76
N SER A 179 -14.92 56.94 20.33
CA SER A 179 -15.90 55.87 20.36
C SER A 179 -15.43 54.68 19.54
N MET A 180 -15.01 54.94 18.30
CA MET A 180 -14.55 53.86 17.43
C MET A 180 -13.31 53.18 18.01
N SER A 181 -12.37 53.97 18.51
CA SER A 181 -11.11 53.41 19.02
C SER A 181 -11.36 52.50 20.20
N LEU A 182 -12.07 53.00 21.21
CA LEU A 182 -12.31 52.17 22.39
C LEU A 182 -13.23 51.00 22.06
N ALA A 183 -14.16 51.18 21.13
CA ALA A 183 -15.02 50.06 20.73
C ALA A 183 -14.21 48.94 20.09
N VAL A 184 -13.29 49.29 19.19
CA VAL A 184 -12.48 48.25 18.55
C VAL A 184 -11.54 47.61 19.56
N ASN A 185 -11.01 48.40 20.50
CA ASN A 185 -10.16 47.82 21.54
C ASN A 185 -10.94 46.79 22.35
N ALA A 186 -12.13 47.17 22.83
CA ALA A 186 -12.92 46.26 23.65
C ALA A 186 -13.32 45.01 22.88
N SER A 187 -13.80 45.19 21.64
CA SER A 187 -14.25 44.06 20.86
C SER A 187 -13.11 43.08 20.58
N PHE A 188 -11.95 43.60 20.20
CA PHE A 188 -10.87 42.68 19.85
C PHE A 188 -10.20 42.09 21.09
N ALA A 189 -10.25 42.78 22.23
CA ALA A 189 -9.81 42.14 23.47
C ALA A 189 -10.73 40.99 23.85
N SER A 190 -12.05 41.20 23.73
CA SER A 190 -12.98 40.11 24.01
C SER A 190 -12.76 38.95 23.05
N LEU A 191 -12.47 39.25 21.78
CA LEU A 191 -12.15 38.20 20.83
C LEU A 191 -10.86 37.48 21.22
N SER A 192 -9.86 38.23 21.68
CA SER A 192 -8.61 37.62 22.15
C SER A 192 -8.85 36.70 23.32
N SER A 193 -9.87 36.98 24.14
CA SER A 193 -10.19 36.08 25.24
C SER A 193 -10.53 34.69 24.74
N PHE A 194 -11.34 34.59 23.70
CA PHE A 194 -11.73 33.29 23.14
C PHE A 194 -10.86 32.96 21.94
N VAL A 195 -9.61 32.61 22.25
CA VAL A 195 -8.60 32.31 21.24
C VAL A 195 -7.79 31.11 21.71
N GLN A 196 -7.54 30.18 20.80
CA GLN A 196 -6.66 29.03 21.05
C GLN A 196 -5.38 29.21 20.25
N GLY A 197 -4.25 29.15 20.91
CA GLY A 197 -2.96 29.33 20.28
C GLY A 197 -2.36 30.69 20.62
N TYR A 198 -1.04 30.74 20.68
CA TYR A 198 -0.37 31.98 21.03
C TYR A 198 -0.32 32.99 19.89
N GLY A 199 -0.20 32.52 18.65
CA GLY A 199 -0.07 33.45 17.53
C GLY A 199 -1.32 34.28 17.33
N ALA A 200 -2.49 33.63 17.35
CA ALA A 200 -3.74 34.36 17.19
C ALA A 200 -3.96 35.32 18.35
N PHE A 201 -3.62 34.89 19.57
CA PHE A 201 -3.76 35.77 20.72
C PHE A 201 -2.86 36.99 20.60
N LEU A 202 -1.62 36.81 20.14
CA LEU A 202 -0.72 37.93 19.97
C LEU A 202 -1.20 38.87 18.87
N PHE A 203 -1.73 38.33 17.79
CA PHE A 203 -2.30 39.19 16.74
C PHE A 203 -3.48 40.00 17.28
N CYS A 204 -4.35 39.35 18.05
CA CYS A 204 -5.49 40.05 18.64
C CYS A 204 -5.02 41.14 19.60
N ARG A 205 -3.98 40.85 20.39
CA ARG A 205 -3.43 41.87 21.27
C ARG A 205 -2.84 43.02 20.47
N LEU A 206 -2.20 42.71 19.33
CA LEU A 206 -1.63 43.77 18.50
C LEU A 206 -2.71 44.69 17.95
N ILE A 207 -3.83 44.12 17.47
CA ILE A 207 -4.88 44.99 16.94
C ILE A 207 -5.57 45.75 18.08
N SER A 208 -5.67 45.13 19.26
CA SER A 208 -6.20 45.86 20.41
C SER A 208 -5.29 47.05 20.76
N GLY A 209 -3.98 46.84 20.72
CA GLY A 209 -3.06 47.96 20.91
C GLY A 209 -3.21 49.03 19.84
N ILE A 210 -3.44 48.60 18.60
CA ILE A 210 -3.75 49.55 17.53
C ILE A 210 -4.94 50.41 17.92
N GLY A 211 -5.99 49.78 18.44
CA GLY A 211 -7.18 50.51 18.80
C GLY A 211 -6.97 51.47 19.97
N ILE A 212 -6.23 51.04 20.99
CA ILE A 212 -6.16 51.82 22.21
C ILE A 212 -5.05 52.88 22.16
N GLY A 213 -4.03 52.71 21.31
CA GLY A 213 -2.96 53.68 21.28
C GLY A 213 -3.38 55.06 20.86
N GLY A 214 -4.57 55.19 20.27
CA GLY A 214 -5.09 56.48 19.89
C GLY A 214 -6.13 57.01 20.85
N ALA A 215 -6.14 56.50 22.07
CA ALA A 215 -7.11 56.94 23.07
C ALA A 215 -6.62 58.12 23.89
N LEU A 216 -5.36 58.07 24.35
CA LEU A 216 -4.84 59.13 25.21
C LEU A 216 -4.86 60.51 24.56
N PRO A 217 -4.35 60.70 23.33
CA PRO A 217 -4.44 62.04 22.73
C PRO A 217 -5.88 62.50 22.61
N ILE A 218 -6.79 61.60 22.26
CA ILE A 218 -8.18 62.00 22.06
C ILE A 218 -8.83 62.37 23.38
N VAL A 219 -8.57 61.62 24.45
CA VAL A 219 -9.19 61.96 25.72
C VAL A 219 -8.65 63.29 26.24
N PHE A 220 -7.34 63.52 26.14
CA PHE A 220 -6.81 64.79 26.63
C PHE A 220 -7.32 65.96 25.80
N ALA A 221 -7.32 65.83 24.46
CA ALA A 221 -7.84 66.90 23.62
C ALA A 221 -9.32 67.13 23.88
N TYR A 222 -10.08 66.06 24.10
CA TYR A 222 -11.49 66.17 24.42
C TYR A 222 -11.71 66.96 25.70
N PHE A 223 -11.03 66.57 26.77
CA PHE A 223 -11.29 67.24 28.04
C PHE A 223 -10.69 68.64 28.08
N SER A 224 -9.76 68.95 27.18
CA SER A 224 -9.15 70.28 27.17
C SER A 224 -10.10 71.34 26.60
N GLU A 225 -11.12 70.93 25.84
CA GLU A 225 -12.07 71.87 25.25
C GLU A 225 -13.34 72.00 26.06
N PHE A 226 -13.31 71.64 27.34
CA PHE A 226 -14.50 71.70 28.18
C PHE A 226 -14.30 72.44 29.49
N LEU A 227 -13.10 72.49 30.04
CA LEU A 227 -12.88 73.06 31.36
C LEU A 227 -12.50 74.53 31.24
N SER A 228 -12.68 75.25 32.35
CA SER A 228 -12.44 76.68 32.36
C SER A 228 -10.96 76.99 32.12
N ARG A 229 -10.70 78.13 31.49
CA ARG A 229 -9.33 78.48 31.11
C ARG A 229 -8.44 78.67 32.32
N GLU A 230 -8.92 79.39 33.34
CA GLU A 230 -8.11 79.63 34.53
C GLU A 230 -7.86 78.34 35.30
N LYS A 231 -8.92 77.58 35.56
CA LYS A 231 -8.81 76.31 36.26
C LYS A 231 -8.61 75.15 35.29
N ARG A 232 -7.62 75.29 34.41
CA ARG A 232 -7.32 74.29 33.40
C ARG A 232 -6.19 73.35 33.81
N GLY A 233 -5.14 73.88 34.44
CA GLY A 233 -4.02 73.04 34.83
C GLY A 233 -4.39 72.01 35.88
N GLU A 234 -5.21 72.41 36.85
CA GLU A 234 -5.56 71.50 37.96
C GLU A 234 -6.30 70.28 37.44
N HIS A 235 -7.48 70.47 36.84
CA HIS A 235 -8.37 69.37 36.51
C HIS A 235 -7.69 68.39 35.55
N LEU A 236 -7.04 68.92 34.51
CA LEU A 236 -6.28 68.08 33.60
C LEU A 236 -5.28 67.22 34.37
N SER A 237 -4.53 67.85 35.27
CA SER A 237 -3.59 67.11 36.11
C SER A 237 -4.30 65.98 36.85
N TRP A 238 -5.49 66.24 37.39
CA TRP A 238 -6.22 65.21 38.10
C TRP A 238 -6.46 64.00 37.20
N LEU A 239 -6.80 64.25 35.93
CA LEU A 239 -7.03 63.15 35.00
C LEU A 239 -5.85 62.19 34.98
N GLY A 240 -4.64 62.73 35.07
CA GLY A 240 -3.46 61.89 35.00
C GLY A 240 -3.48 60.76 36.01
N ILE A 241 -4.01 61.02 37.21
CA ILE A 241 -3.97 60.01 38.26
C ILE A 241 -4.70 58.76 37.81
N PHE A 242 -5.80 58.93 37.06
CA PHE A 242 -6.54 57.77 36.59
C PHE A 242 -5.62 56.84 35.81
N TRP A 243 -4.83 57.39 34.90
CA TRP A 243 -3.84 56.62 34.17
C TRP A 243 -3.04 55.74 35.13
N MET A 244 -2.41 56.36 36.12
CA MET A 244 -1.60 55.59 37.05
C MET A 244 -2.46 54.57 37.79
N THR A 245 -3.65 54.99 38.24
CA THR A 245 -4.56 54.07 38.91
C THR A 245 -4.78 52.83 38.06
N GLY A 246 -4.92 53.02 36.74
CA GLY A 246 -5.08 51.88 35.85
C GLY A 246 -4.05 50.81 36.10
N GLY A 247 -2.77 51.18 35.99
CA GLY A 247 -1.73 50.20 36.21
C GLY A 247 -1.88 49.53 37.56
N LEU A 248 -2.12 50.33 38.60
CA LEU A 248 -2.32 49.77 39.93
C LEU A 248 -3.40 48.71 39.91
N TYR A 249 -4.57 49.06 39.37
CA TYR A 249 -5.66 48.09 39.33
C TYR A 249 -5.25 46.89 38.50
N ALA A 250 -4.66 47.14 37.32
CA ALA A 250 -4.25 46.04 36.47
C ALA A 250 -3.22 45.17 37.16
N SER A 251 -2.38 45.76 38.01
CA SER A 251 -1.45 44.95 38.77
C SER A 251 -2.17 44.20 39.89
N ALA A 252 -3.04 44.91 40.62
CA ALA A 252 -3.58 44.34 41.86
C ALA A 252 -4.38 43.09 41.58
N MET A 253 -5.15 43.10 40.49
CA MET A 253 -5.92 41.93 40.11
C MET A 253 -5.05 40.84 39.49
N ALA A 254 -3.97 41.22 38.79
CA ALA A 254 -3.20 40.25 38.03
C ALA A 254 -2.64 39.16 38.94
N TRP A 255 -1.95 39.56 40.02
CA TRP A 255 -1.39 38.56 40.92
C TRP A 255 -2.47 37.72 41.58
N SER A 256 -3.71 38.22 41.61
CA SER A 256 -4.80 37.43 42.18
C SER A 256 -5.28 36.37 41.21
N ILE A 257 -5.17 36.60 39.90
CA ILE A 257 -5.74 35.74 38.89
C ILE A 257 -4.69 34.86 38.22
N ILE A 258 -3.59 35.46 37.77
CA ILE A 258 -2.59 34.71 37.02
C ILE A 258 -1.20 34.88 37.62
N PRO A 259 -0.94 34.37 38.84
CA PRO A 259 0.42 34.34 39.38
C PRO A 259 1.15 33.05 39.00
N HIS A 260 1.13 32.70 37.71
CA HIS A 260 1.78 31.49 37.23
C HIS A 260 2.26 31.75 35.81
N TYR A 261 3.57 31.93 35.64
CA TYR A 261 4.11 32.21 34.33
C TYR A 261 4.02 30.98 33.43
N GLY A 262 4.22 31.21 32.13
CA GLY A 262 4.13 30.16 31.15
C GLY A 262 2.74 29.90 30.60
N TRP A 263 1.75 30.70 30.99
CA TRP A 263 0.40 30.49 30.48
C TRP A 263 0.26 30.86 29.01
N GLY A 264 1.23 31.57 28.44
CA GLY A 264 1.15 31.97 27.05
C GLY A 264 1.56 30.87 26.09
N PHE A 265 2.79 30.38 26.24
CA PHE A 265 3.31 29.34 25.36
C PHE A 265 2.88 27.95 25.82
N SER A 266 1.57 27.74 25.96
CA SER A 266 1.07 26.42 26.32
C SER A 266 -0.38 26.32 25.84
N MET A 267 -0.59 25.53 24.78
CA MET A 267 -1.91 25.24 24.27
C MET A 267 -2.30 23.76 24.36
N GLY A 268 -1.38 22.89 24.76
CA GLY A 268 -1.69 21.49 24.94
C GLY A 268 -2.40 21.15 26.23
N THR A 269 -2.64 22.14 27.08
CA THR A 269 -3.32 21.92 28.34
C THR A 269 -4.84 21.82 28.11
N ASN A 270 -5.54 21.41 29.16
CA ASN A 270 -6.98 21.23 29.09
C ASN A 270 -7.68 22.59 28.96
N TYR A 271 -9.01 22.55 28.85
CA TYR A 271 -9.79 23.77 28.82
C TYR A 271 -9.76 24.52 30.14
N HIS A 272 -9.28 23.88 31.22
CA HIS A 272 -9.02 24.56 32.47
C HIS A 272 -7.71 25.33 32.33
N PHE A 273 -7.18 25.82 33.46
CA PHE A 273 -6.00 26.66 33.47
C PHE A 273 -6.25 27.97 32.71
N HIS A 274 -7.52 28.25 32.45
CA HIS A 274 -7.96 29.42 31.70
C HIS A 274 -7.98 30.69 32.55
N SER A 275 -7.15 30.75 33.59
CA SER A 275 -7.05 31.97 34.38
C SER A 275 -6.62 33.16 33.52
N TRP A 276 -5.78 32.90 32.51
CA TRP A 276 -5.44 33.96 31.57
C TRP A 276 -6.63 34.40 30.75
N ARG A 277 -7.55 33.47 30.44
CA ARG A 277 -8.75 33.83 29.69
C ARG A 277 -9.63 34.80 30.47
N VAL A 278 -9.91 34.47 31.73
CA VAL A 278 -10.73 35.36 32.55
C VAL A 278 -9.98 36.66 32.82
N PHE A 279 -8.66 36.60 32.98
CA PHE A 279 -7.89 37.84 33.16
C PHE A 279 -8.02 38.76 31.95
N VAL A 280 -7.91 38.20 30.75
CA VAL A 280 -8.07 39.01 29.55
C VAL A 280 -9.49 39.54 29.45
N ILE A 281 -10.48 38.73 29.86
CA ILE A 281 -11.86 39.19 29.84
C ILE A 281 -12.05 40.39 30.76
N VAL A 282 -11.48 40.30 31.97
CA VAL A 282 -11.75 41.33 32.98
C VAL A 282 -10.88 42.58 32.76
N CYS A 283 -9.73 42.45 32.09
CA CYS A 283 -8.94 43.64 31.79
C CYS A 283 -9.63 44.56 30.78
N ALA A 284 -10.70 44.10 30.13
CA ALA A 284 -11.48 44.94 29.23
C ALA A 284 -12.70 45.53 29.91
N LEU A 285 -12.69 45.61 31.23
CA LEU A 285 -13.81 46.17 31.97
C LEU A 285 -13.86 47.70 31.91
N PRO A 286 -12.75 48.41 32.22
CA PRO A 286 -12.83 49.88 32.15
C PRO A 286 -13.22 50.41 30.78
N CYS A 287 -12.70 49.81 29.71
CA CYS A 287 -13.08 50.27 28.38
C CYS A 287 -14.55 49.95 28.09
N THR A 288 -15.05 48.82 28.58
CA THR A 288 -16.46 48.50 28.41
C THR A 288 -17.36 49.50 29.12
N VAL A 289 -17.02 49.84 30.35
CA VAL A 289 -17.82 50.82 31.09
C VAL A 289 -17.72 52.19 30.43
N SER A 290 -16.55 52.52 29.87
CA SER A 290 -16.42 53.78 29.16
C SER A 290 -17.28 53.80 27.90
N MET A 291 -17.35 52.67 27.20
CA MET A 291 -18.23 52.58 26.03
C MET A 291 -19.69 52.72 26.41
N VAL A 292 -20.08 52.13 27.54
CA VAL A 292 -21.44 52.33 28.04
C VAL A 292 -21.68 53.80 28.34
N ALA A 293 -20.71 54.46 28.97
CA ALA A 293 -20.89 55.83 29.44
C ALA A 293 -20.88 56.85 28.31
N LEU A 294 -20.11 56.62 27.25
CA LEU A 294 -19.91 57.66 26.25
C LEU A 294 -21.16 57.95 25.41
N LYS A 295 -22.19 57.12 25.50
CA LYS A 295 -23.42 57.42 24.77
C LYS A 295 -24.07 58.70 25.26
N PHE A 296 -23.91 59.03 26.55
CA PHE A 296 -24.57 60.20 27.11
C PHE A 296 -23.76 61.48 26.91
N MET A 297 -22.44 61.38 26.90
CA MET A 297 -21.62 62.59 26.80
C MET A 297 -21.74 63.21 25.41
N PRO A 298 -21.69 64.54 25.31
CA PRO A 298 -21.83 65.18 24.01
C PRO A 298 -20.51 65.44 23.32
N GLU A 299 -20.55 65.93 22.09
CA GLU A 299 -19.34 66.15 21.31
C GLU A 299 -18.56 67.36 21.88
N SER A 300 -17.45 67.68 21.23
CA SER A 300 -16.64 68.81 21.67
C SER A 300 -17.24 70.12 21.15
N PRO A 301 -17.57 71.07 22.03
CA PRO A 301 -18.18 72.31 21.53
C PRO A 301 -17.24 73.15 20.68
N ARG A 302 -15.98 73.29 21.08
CA ARG A 302 -15.05 74.12 20.32
C ARG A 302 -14.80 73.54 18.93
N PHE A 303 -14.58 72.22 18.85
CA PHE A 303 -14.40 71.58 17.55
C PHE A 303 -15.65 71.71 16.69
N LEU A 304 -16.82 71.49 17.29
CA LEU A 304 -18.06 71.61 16.54
C LEU A 304 -18.23 73.00 15.97
N LEU A 305 -17.94 74.02 16.79
CA LEU A 305 -17.98 75.40 16.29
C LEU A 305 -16.97 75.59 15.16
N GLU A 306 -15.79 75.00 15.29
CA GLU A 306 -14.77 75.11 14.26
C GLU A 306 -15.28 74.56 12.93
N MET A 307 -15.93 73.41 12.95
CA MET A 307 -16.42 72.84 11.70
C MET A 307 -17.59 73.64 11.14
N GLY A 308 -18.54 74.02 11.98
CA GLY A 308 -19.71 74.75 11.54
C GLY A 308 -20.86 74.53 12.51
N LYS A 309 -22.07 74.58 11.97
CA LYS A 309 -23.32 74.33 12.70
C LYS A 309 -23.28 74.94 14.10
N HIS A 310 -23.11 76.26 14.13
CA HIS A 310 -22.96 76.97 15.40
C HIS A 310 -24.20 76.85 16.28
N ASP A 311 -25.36 76.54 15.70
CA ASP A 311 -26.56 76.31 16.50
C ASP A 311 -26.40 75.09 17.40
N GLU A 312 -25.77 74.02 16.88
CA GLU A 312 -25.51 72.85 17.71
C GLU A 312 -24.53 73.17 18.83
N ALA A 313 -23.52 73.99 18.54
CA ALA A 313 -22.60 74.45 19.58
C ALA A 313 -23.35 75.25 20.64
N TRP A 314 -24.26 76.12 20.21
CA TRP A 314 -25.04 76.88 21.19
C TRP A 314 -25.92 75.95 22.02
N MET A 315 -26.47 74.91 21.40
CA MET A 315 -27.29 73.95 22.14
C MET A 315 -26.48 73.23 23.21
N ILE A 316 -25.29 72.76 22.86
CA ILE A 316 -24.48 72.05 23.85
C ILE A 316 -24.00 73.00 24.94
N LEU A 317 -23.68 74.24 24.57
CA LEU A 317 -23.30 75.22 25.60
C LEU A 317 -24.45 75.49 26.55
N LYS A 318 -25.68 75.60 26.01
CA LYS A 318 -26.84 75.82 26.87
C LYS A 318 -27.10 74.62 27.78
N GLN A 319 -26.91 73.40 27.25
CA GLN A 319 -27.09 72.21 28.09
C GLN A 319 -26.07 72.17 29.22
N VAL A 320 -24.81 72.49 28.91
CA VAL A 320 -23.78 72.52 29.95
C VAL A 320 -24.12 73.58 31.00
N HIS A 321 -24.53 74.77 30.55
CA HIS A 321 -24.88 75.83 31.48
C HIS A 321 -26.05 75.45 32.36
N ASP A 322 -27.07 74.80 31.79
CA ASP A 322 -28.22 74.39 32.58
C ASP A 322 -27.83 73.34 33.60
N THR A 323 -27.00 72.36 33.22
CA THR A 323 -26.55 71.36 34.18
C THR A 323 -25.77 71.99 35.32
N ASN A 324 -24.86 72.91 35.00
CA ASN A 324 -24.07 73.56 36.05
C ASN A 324 -24.95 74.42 36.95
N MET A 325 -25.94 75.11 36.37
CA MET A 325 -26.85 75.92 37.17
C MET A 325 -27.67 75.04 38.11
N ARG A 326 -28.22 73.94 37.60
CA ARG A 326 -29.02 73.07 38.45
C ARG A 326 -28.19 72.41 39.54
N ALA A 327 -26.92 72.12 39.25
CA ALA A 327 -26.04 71.56 40.29
C ALA A 327 -25.73 72.60 41.36
N LYS A 328 -25.34 73.81 40.94
CA LYS A 328 -24.98 74.85 41.89
C LYS A 328 -26.20 75.55 42.48
N GLY A 329 -27.38 75.37 41.91
CA GLY A 329 -28.58 75.97 42.44
C GLY A 329 -28.70 77.45 42.15
N ILE A 370 -9.19 61.89 2.40
CA ILE A 370 -9.01 62.81 3.52
C ILE A 370 -7.66 62.59 4.18
N PHE A 371 -7.05 61.44 3.89
CA PHE A 371 -5.73 61.17 4.46
C PHE A 371 -4.69 62.12 3.91
N LYS A 372 -4.88 62.62 2.69
CA LYS A 372 -4.02 63.69 2.20
C LYS A 372 -4.10 64.91 3.12
N GLN A 373 -5.32 65.30 3.49
CA GLN A 373 -5.50 66.44 4.37
C GLN A 373 -4.88 66.16 5.74
N VAL A 374 -5.03 64.95 6.27
CA VAL A 374 -4.50 64.66 7.60
C VAL A 374 -2.97 64.63 7.58
N TRP A 375 -2.38 64.14 6.48
CA TRP A 375 -0.92 64.15 6.39
C TRP A 375 -0.38 65.57 6.26
N ASP A 376 -1.05 66.41 5.46
CA ASP A 376 -0.65 67.81 5.37
C ASP A 376 -0.85 68.51 6.71
N ASN A 377 -1.88 68.12 7.46
CA ASN A 377 -2.08 68.65 8.80
C ASN A 377 -0.94 68.28 9.74
N ALA A 378 -0.51 67.01 9.68
CA ALA A 378 0.62 66.58 10.49
C ALA A 378 1.88 67.33 10.11
N LEU A 379 2.11 67.54 8.81
CA LEU A 379 3.26 68.32 8.37
C LEU A 379 3.16 69.76 8.82
N TYR A 380 1.94 70.30 8.89
CA TYR A 380 1.73 71.65 9.38
C TYR A 380 2.03 71.76 10.87
N CYS A 381 2.12 70.63 11.57
CA CYS A 381 2.50 70.63 12.98
C CYS A 381 4.00 70.58 13.19
N VAL A 382 4.79 70.31 12.16
CA VAL A 382 6.23 70.10 12.33
C VAL A 382 7.03 71.08 11.49
N MET A 383 6.89 71.00 10.17
CA MET A 383 7.74 71.78 9.26
C MET A 383 7.02 73.06 8.83
N GLY A 384 6.58 73.84 9.81
CA GLY A 384 5.89 75.07 9.55
C GLY A 384 6.09 76.09 10.64
N PRO A 385 5.05 76.89 10.92
CA PRO A 385 5.14 77.84 12.04
C PRO A 385 5.41 77.15 13.36
N TYR A 386 4.82 75.97 13.57
CA TYR A 386 5.09 75.15 14.74
C TYR A 386 6.25 74.23 14.40
N ARG A 387 7.47 74.76 14.54
CA ARG A 387 8.68 74.01 14.21
C ARG A 387 9.56 73.75 15.41
N MET A 388 9.96 74.80 16.13
CA MET A 388 10.85 74.61 17.27
C MET A 388 10.10 74.02 18.47
N ASN A 389 8.87 74.48 18.69
CA ASN A 389 8.10 74.01 19.84
C ASN A 389 7.84 72.50 19.74
N THR A 390 7.45 72.03 18.56
CA THR A 390 7.19 70.60 18.41
C THR A 390 8.46 69.78 18.54
N LEU A 391 9.59 70.30 18.05
CA LEU A 391 10.85 69.57 18.19
C LEU A 391 11.22 69.43 19.65
N ILE A 392 11.12 70.52 20.42
CA ILE A 392 11.45 70.45 21.84
C ILE A 392 10.50 69.51 22.56
N LEU A 393 9.21 69.58 22.23
CA LEU A 393 8.23 68.71 22.88
C LEU A 393 8.50 67.24 22.57
N ALA A 394 8.85 66.94 21.32
CA ALA A 394 9.17 65.57 20.95
C ALA A 394 10.40 65.07 21.70
N VAL A 395 11.42 65.94 21.83
CA VAL A 395 12.62 65.55 22.57
C VAL A 395 12.27 65.23 24.02
N VAL A 396 11.48 66.10 24.65
CA VAL A 396 11.13 65.87 26.06
C VAL A 396 10.31 64.60 26.21
N TRP A 397 9.33 64.38 25.33
CA TRP A 397 8.50 63.19 25.43
C TRP A 397 9.34 61.93 25.24
N PHE A 398 10.24 61.92 24.27
CA PHE A 398 11.10 60.77 24.07
C PHE A 398 11.97 60.51 25.29
N ALA A 399 12.57 61.56 25.86
CA ALA A 399 13.45 61.38 27.00
C ALA A 399 12.70 60.79 28.19
N MET A 400 11.54 61.35 28.52
CA MET A 400 10.78 60.83 29.66
C MET A 400 10.27 59.41 29.41
N ALA A 401 9.71 59.16 28.23
CA ALA A 401 9.18 57.84 27.95
C ALA A 401 10.29 56.81 27.78
N PHE A 402 11.52 57.26 27.60
CA PHE A 402 12.67 56.36 27.59
C PHE A 402 13.05 55.99 29.02
N SER A 403 13.38 56.99 29.83
CA SER A 403 13.87 56.72 31.17
C SER A 403 12.82 56.03 32.03
N TYR A 404 11.59 56.54 32.03
CA TYR A 404 10.55 56.01 32.90
C TYR A 404 10.18 54.58 32.53
N TYR A 405 9.89 54.35 31.25
CA TYR A 405 9.51 53.02 30.80
C TYR A 405 10.68 52.06 30.74
N GLY A 406 11.91 52.54 30.91
CA GLY A 406 13.02 51.63 31.13
C GLY A 406 13.15 51.23 32.58
N LEU A 407 13.12 52.22 33.48
CA LEU A 407 13.32 51.94 34.90
C LEU A 407 12.17 51.13 35.48
N THR A 408 10.93 51.42 35.05
CA THR A 408 9.78 50.74 35.62
C THR A 408 9.86 49.23 35.40
N VAL A 409 10.50 48.79 34.32
CA VAL A 409 10.69 47.37 34.08
C VAL A 409 12.06 46.90 34.57
N TRP A 410 13.04 47.80 34.68
CA TRP A 410 14.35 47.41 35.21
C TRP A 410 14.25 47.01 36.66
N PHE A 411 13.46 47.73 37.45
CA PHE A 411 13.45 47.49 38.89
C PHE A 411 12.98 46.09 39.27
N PRO A 412 11.84 45.58 38.79
CA PRO A 412 11.50 44.17 39.10
C PRO A 412 12.54 43.18 38.62
N ASP A 413 13.12 43.42 37.44
CA ASP A 413 14.17 42.53 36.95
C ASP A 413 15.38 42.56 37.87
N MET A 414 15.75 43.75 38.36
CA MET A 414 16.88 43.84 39.27
C MET A 414 16.59 43.15 40.59
N ILE A 415 15.36 43.25 41.08
CA ILE A 415 15.04 42.58 42.34
C ILE A 415 15.06 41.06 42.16
N ARG A 416 14.59 40.58 41.01
CA ARG A 416 14.66 39.16 40.74
C ARG A 416 16.11 38.69 40.62
N TYR A 417 16.96 39.50 39.98
CA TYR A 417 18.37 39.15 39.89
C TYR A 417 19.04 39.12 41.25
N PHE A 418 18.67 40.06 42.13
CA PHE A 418 19.23 40.05 43.48
C PHE A 418 18.84 38.77 44.22
N GLN A 419 17.58 38.38 44.11
CA GLN A 419 17.14 37.14 44.76
C GLN A 419 17.87 35.94 44.15
N ASP A 420 18.03 35.93 42.83
CA ASP A 420 18.73 34.83 42.16
C ASP A 420 20.17 34.74 42.62
N GLU A 421 20.85 35.88 42.77
CA GLU A 421 22.21 35.88 43.26
C GLU A 421 22.30 35.36 44.68
N GLU A 422 21.37 35.78 45.55
CA GLU A 422 21.36 35.27 46.91
C GLU A 422 21.18 33.75 46.91
N TYR A 423 20.27 33.27 46.07
CA TYR A 423 19.95 31.82 46.06
C TYR A 423 21.16 31.01 45.64
N LYS A 424 21.77 31.38 44.52
CA LYS A 424 22.91 30.60 43.97
C LYS A 424 23.93 30.33 45.09
N SER A 425 24.02 31.24 46.07
CA SER A 425 25.04 31.10 47.14
C SER A 425 24.66 29.96 48.09
N LYS A 426 24.89 28.71 47.67
CA LYS A 426 24.57 27.52 48.51
C LYS A 426 24.85 26.25 47.71
N MET A 427 25.66 25.31 48.23
CA MET A 427 25.82 24.04 47.48
C MET A 427 26.54 22.94 48.25
N LYS A 428 26.13 21.67 48.11
CA LYS A 428 26.83 20.55 48.69
C LYS A 428 27.71 19.88 47.64
N VAL A 429 29.02 19.88 47.89
CA VAL A 429 30.00 19.27 47.00
C VAL A 429 30.26 17.85 47.51
N PHE A 430 30.21 16.88 46.60
CA PHE A 430 30.40 15.48 46.93
C PHE A 430 31.57 14.93 46.13
N PHE A 431 32.48 14.26 46.83
CA PHE A 431 33.71 13.75 46.22
C PHE A 431 33.94 12.33 46.68
N GLY A 432 34.21 11.43 45.72
CA GLY A 432 34.58 10.07 46.05
C GLY A 432 33.51 9.29 46.78
N GLU A 433 32.32 9.14 46.19
CA GLU A 433 31.25 8.38 46.81
C GLU A 433 31.22 6.95 46.28
N HIS A 434 30.67 6.06 47.10
CA HIS A 434 30.49 4.66 46.75
C HIS A 434 29.14 4.25 47.33
N VAL A 435 28.09 4.40 46.52
CA VAL A 435 26.72 4.17 46.96
C VAL A 435 26.30 2.81 46.43
N TYR A 436 26.12 1.85 47.33
CA TYR A 436 25.90 0.46 46.98
C TYR A 436 24.49 0.04 47.38
N GLY A 437 23.73 -0.46 46.41
CA GLY A 437 22.43 -1.07 46.69
C GLY A 437 21.46 -0.17 47.41
N ALA A 438 21.41 1.12 47.04
CA ALA A 438 20.57 2.08 47.71
C ALA A 438 19.37 2.42 46.84
N THR A 439 18.18 2.37 47.43
CA THR A 439 16.95 2.78 46.76
C THR A 439 16.63 4.20 47.21
N ILE A 440 16.51 5.11 46.24
CA ILE A 440 16.27 6.52 46.54
C ILE A 440 14.80 6.82 46.28
N ASN A 441 14.14 7.50 47.22
CA ASN A 441 12.69 7.76 47.07
C ASN A 441 12.42 9.25 47.25
N PHE A 442 13.22 9.91 48.10
CA PHE A 442 12.99 11.30 48.44
C PHE A 442 13.54 12.20 47.32
N THR A 443 13.63 13.50 47.60
CA THR A 443 14.14 14.48 46.66
C THR A 443 15.46 15.05 47.18
N MET A 444 16.49 15.00 46.35
CA MET A 444 17.78 15.62 46.66
C MET A 444 17.98 16.81 45.74
N GLU A 445 18.40 17.95 46.30
CA GLU A 445 18.47 19.19 45.56
C GLU A 445 19.76 19.93 45.91
N ASN A 446 20.24 20.72 44.94
CA ASN A 446 21.38 21.61 45.12
C ASN A 446 22.62 20.83 45.59
N GLN A 447 23.08 19.93 44.73
CA GLN A 447 24.25 19.12 45.01
C GLN A 447 25.07 18.96 43.72
N ILE A 448 26.37 18.75 43.89
CA ILE A 448 27.21 18.32 42.78
C ILE A 448 27.97 17.07 43.22
N HIS A 449 28.08 16.11 42.32
CA HIS A 449 28.82 14.87 42.57
C HIS A 449 29.99 14.81 41.61
N GLN A 450 31.17 14.45 42.12
CA GLN A 450 32.38 14.31 41.31
C GLN A 450 33.07 13.01 41.66
N HIS A 451 33.47 12.27 40.62
CA HIS A 451 34.12 10.97 40.78
C HIS A 451 33.25 10.00 41.56
N GLY A 452 31.94 10.15 41.47
CA GLY A 452 31.05 9.23 42.15
C GLY A 452 31.06 7.86 41.48
N LYS A 453 30.77 6.84 42.27
CA LYS A 453 30.66 5.46 41.79
C LYS A 453 29.32 4.93 42.27
N LEU A 454 28.27 5.20 41.51
CA LEU A 454 26.92 4.78 41.87
C LEU A 454 26.70 3.38 41.31
N VAL A 455 26.81 2.37 42.17
CA VAL A 455 26.75 0.98 41.76
C VAL A 455 25.47 0.37 42.30
N ASN A 456 24.66 -0.20 41.40
CA ASN A 456 23.43 -0.90 41.75
C ASN A 456 22.48 -0.01 42.55
N ASP A 457 22.32 1.22 42.09
CA ASP A 457 21.40 2.15 42.73
C ASP A 457 20.01 2.06 42.09
N LYS A 458 19.09 2.88 42.58
CA LYS A 458 17.72 2.84 42.08
C LYS A 458 17.05 4.15 42.43
N PHE A 459 16.67 4.93 41.42
CA PHE A 459 15.98 6.20 41.60
C PHE A 459 14.54 6.02 41.13
N THR A 460 13.59 6.02 42.07
CA THR A 460 12.18 5.76 41.75
C THR A 460 11.32 6.87 42.32
N ARG A 461 10.56 7.52 41.44
CA ARG A 461 9.54 8.50 41.82
C ARG A 461 10.13 9.61 42.70
N MET A 462 11.05 10.36 42.11
CA MET A 462 11.76 11.40 42.84
C MET A 462 11.99 12.61 41.96
N TYR A 463 12.50 13.67 42.59
CA TYR A 463 12.70 14.97 41.97
C TYR A 463 14.17 15.35 42.02
N PHE A 464 14.74 15.64 40.86
CA PHE A 464 16.10 16.13 40.72
C PHE A 464 16.03 17.64 40.56
N LYS A 465 16.66 18.38 41.46
CA LYS A 465 16.59 19.84 41.45
C LYS A 465 17.99 20.42 41.60
N HIS A 466 18.50 21.03 40.52
CA HIS A 466 19.76 21.76 40.56
C HIS A 466 20.91 20.88 41.06
N VAL A 467 20.96 19.64 40.59
CA VAL A 467 21.98 18.69 40.97
C VAL A 467 22.78 18.30 39.73
N LEU A 468 24.10 18.26 39.88
CA LEU A 468 25.02 18.05 38.78
C LEU A 468 25.85 16.80 39.01
N PHE A 469 26.09 16.06 37.93
CA PHE A 469 26.91 14.85 37.97
C PHE A 469 28.11 15.04 37.06
N GLU A 470 29.31 14.82 37.59
CA GLU A 470 30.53 14.91 36.79
C GLU A 470 31.41 13.72 37.12
N ASP A 471 31.95 13.09 36.08
CA ASP A 471 32.91 12.00 36.22
C ASP A 471 32.35 10.85 37.07
N THR A 472 31.04 10.70 37.08
CA THR A 472 30.41 9.65 37.88
C THR A 472 30.23 8.39 37.03
N PHE A 473 30.47 7.24 37.66
CA PHE A 473 30.43 5.95 36.98
C PHE A 473 29.22 5.18 37.49
N PHE A 474 28.14 5.20 36.70
CA PHE A 474 26.96 4.45 37.08
C PHE A 474 27.18 2.96 36.81
N ASP A 475 26.31 2.13 37.39
CA ASP A 475 26.40 0.69 37.19
C ASP A 475 25.03 0.09 37.49
N GLU A 476 24.38 -0.43 36.46
CA GLU A 476 23.10 -1.15 36.55
C GLU A 476 22.07 -0.39 37.41
N CYS A 477 22.17 0.92 37.44
CA CYS A 477 21.18 1.73 38.14
C CYS A 477 19.86 1.73 37.39
N TYR A 478 18.78 2.00 38.12
CA TYR A 478 17.43 1.98 37.55
C TYR A 478 16.76 3.31 37.85
N PHE A 479 16.27 3.96 36.79
CA PHE A 479 15.61 5.26 36.89
C PHE A 479 14.14 5.07 36.53
N GLU A 480 13.24 5.38 37.46
CA GLU A 480 11.82 5.19 37.25
C GLU A 480 11.05 6.38 37.78
N ASP A 481 10.26 7.01 36.92
CA ASP A 481 9.40 8.14 37.29
C ASP A 481 10.18 9.25 37.97
N VAL A 482 11.39 9.51 37.48
CA VAL A 482 12.24 10.57 38.00
C VAL A 482 12.00 11.83 37.16
N THR A 483 11.79 12.95 37.85
CA THR A 483 11.50 14.22 37.20
C THR A 483 12.63 15.18 37.51
N SER A 484 13.26 15.73 36.48
CA SER A 484 14.50 16.48 36.62
C SER A 484 14.31 17.92 36.18
N THR A 485 15.01 18.84 36.87
CA THR A 485 14.98 20.26 36.58
C THR A 485 16.39 20.82 36.75
N ASP A 486 16.95 21.37 35.69
CA ASP A 486 18.26 22.00 35.67
C ASP A 486 19.39 21.05 36.05
N THR A 487 19.14 19.74 36.08
CA THR A 487 20.20 18.78 36.31
C THR A 487 20.90 18.46 34.99
N TYR A 488 22.18 18.12 35.08
CA TYR A 488 22.98 17.93 33.87
C TYR A 488 24.07 16.92 34.15
N PHE A 489 24.14 15.87 33.35
CA PHE A 489 25.19 14.86 33.46
C PHE A 489 26.37 15.25 32.59
N LYS A 490 27.58 15.10 33.13
CA LYS A 490 28.79 15.47 32.42
C LYS A 490 29.86 14.41 32.61
N ASN A 491 30.52 14.05 31.50
CA ASN A 491 31.64 13.08 31.48
C ASN A 491 31.31 11.79 32.25
N CYS A 492 30.04 11.42 32.36
CA CYS A 492 29.69 10.25 33.15
C CYS A 492 29.73 8.98 32.31
N THR A 493 30.21 7.90 32.91
CA THR A 493 30.16 6.58 32.32
C THR A 493 28.91 5.89 32.87
N ILE A 494 27.94 5.65 32.00
CA ILE A 494 26.65 5.11 32.39
C ILE A 494 26.56 3.72 31.80
N GLU A 495 26.47 2.70 32.65
CA GLU A 495 26.60 1.32 32.21
C GLU A 495 25.44 0.48 32.72
N SER A 496 24.79 -0.26 31.82
CA SER A 496 23.80 -1.28 32.14
C SER A 496 22.58 -0.71 32.86
N THR A 497 22.25 0.55 32.60
CA THR A 497 21.14 1.22 33.27
C THR A 497 19.85 1.07 32.47
N ILE A 498 18.74 1.41 33.11
CA ILE A 498 17.44 1.49 32.46
C ILE A 498 16.81 2.83 32.82
N PHE A 499 16.39 3.57 31.79
CA PHE A 499 15.71 4.85 31.96
C PHE A 499 14.27 4.67 31.48
N TYR A 500 13.40 4.23 32.39
CA TYR A 500 12.01 3.96 32.08
C TYR A 500 11.13 5.01 32.73
N ASN A 501 10.23 5.60 31.93
CA ASN A 501 9.27 6.61 32.39
C ASN A 501 10.03 7.76 33.06
N THR A 502 10.75 8.50 32.23
CA THR A 502 11.58 9.60 32.69
C THR A 502 11.53 10.74 31.68
N ASP A 503 11.96 11.93 32.13
CA ASP A 503 12.11 13.08 31.26
C ASP A 503 13.57 13.47 31.06
N LEU A 504 14.51 12.63 31.48
CA LEU A 504 15.93 12.88 31.28
C LEU A 504 16.25 12.62 29.81
N TYR A 505 16.00 13.65 29.00
CA TYR A 505 16.17 13.55 27.56
C TYR A 505 17.66 13.54 27.21
N GLU A 506 17.93 13.52 25.90
CA GLU A 506 19.31 13.47 25.44
C GLU A 506 20.06 14.76 25.79
N HIS A 507 19.38 15.90 25.69
CA HIS A 507 20.06 17.18 25.91
C HIS A 507 20.58 17.35 27.31
N LYS A 508 20.08 16.55 28.26
CA LYS A 508 20.57 16.60 29.64
C LYS A 508 21.88 15.85 29.83
N PHE A 509 22.37 15.17 28.80
CA PHE A 509 23.63 14.43 28.85
C PHE A 509 24.66 15.13 28.00
N ILE A 510 25.82 15.43 28.58
CA ILE A 510 26.89 16.16 27.92
C ILE A 510 28.16 15.34 27.97
N ASN A 511 28.63 14.91 26.80
CA ASN A 511 29.88 14.16 26.67
C ASN A 511 29.89 12.92 27.56
N CYS A 512 28.81 12.14 27.47
CA CYS A 512 28.64 10.95 28.28
C CYS A 512 28.73 9.70 27.42
N ARG A 513 29.35 8.65 27.98
CA ARG A 513 29.52 7.38 27.30
C ARG A 513 28.58 6.36 27.91
N PHE A 514 27.64 5.86 27.11
CA PHE A 514 26.76 4.79 27.55
C PHE A 514 27.41 3.45 27.27
N ILE A 515 27.09 2.46 28.10
CA ILE A 515 27.60 1.10 27.94
C ILE A 515 26.45 0.14 28.19
N ASN A 516 26.07 -0.63 27.17
CA ASN A 516 25.09 -1.69 27.31
C ASN A 516 23.78 -1.19 27.92
N SER A 517 23.53 0.12 27.79
CA SER A 517 22.42 0.77 28.47
C SER A 517 21.15 0.69 27.61
N THR A 518 20.08 1.32 28.10
CA THR A 518 18.83 1.33 27.37
C THR A 518 18.04 2.59 27.72
N PHE A 519 17.06 2.90 26.88
CA PHE A 519 16.21 4.07 27.04
C PHE A 519 14.78 3.67 26.66
N LEU A 520 13.96 3.41 27.67
CA LEU A 520 12.59 2.97 27.44
C LEU A 520 11.68 4.16 27.20
N GLU A 521 10.37 3.94 27.26
CA GLU A 521 9.39 4.99 27.05
C GLU A 521 9.60 6.12 28.04
N GLN A 522 9.54 7.35 27.52
CA GLN A 522 9.86 8.55 28.30
C GLN A 522 8.69 9.52 28.29
N LYS A 523 8.47 10.19 29.41
CA LYS A 523 7.42 11.19 29.49
C LYS A 523 7.71 12.36 28.56
N ASN A 534 6.15 31.37 42.04
CA ASN A 534 5.24 32.44 41.57
C ASN A 534 6.00 33.77 41.50
N ASP A 535 5.85 34.50 40.40
CA ASP A 535 6.52 35.82 40.26
C ASP A 535 5.59 36.89 40.85
N PHE A 536 4.81 36.54 41.86
CA PHE A 536 3.87 37.48 42.51
C PHE A 536 4.62 38.79 42.84
N LEU A 537 5.80 38.67 43.45
CA LEU A 537 6.62 39.86 43.77
C LEU A 537 6.59 40.84 42.59
N ILE A 538 6.97 40.37 41.40
CA ILE A 538 6.99 41.26 40.21
C ILE A 538 5.71 42.11 40.24
N TYR A 539 4.55 41.45 40.20
CA TYR A 539 3.25 42.18 40.21
C TYR A 539 3.22 43.10 41.45
N LEU A 540 3.52 42.54 42.62
CA LEU A 540 3.58 43.36 43.86
C LEU A 540 4.45 44.59 43.62
N VAL A 541 5.71 44.38 43.24
CA VAL A 541 6.66 45.51 42.99
C VAL A 541 5.95 46.53 42.10
N SER A 542 5.48 46.08 40.93
CA SER A 542 4.78 46.98 39.99
C SER A 542 3.74 47.79 40.75
N PHE A 543 2.77 47.11 41.36
CA PHE A 543 1.72 47.79 42.16
C PHE A 543 2.35 48.90 42.99
N LEU A 544 3.31 48.54 43.85
CA LEU A 544 3.94 49.54 44.76
C LEU A 544 4.40 50.77 43.97
N GLY A 545 5.20 50.57 42.91
CA GLY A 545 5.65 51.70 42.08
C GLY A 545 4.48 52.57 41.65
N SER A 546 3.53 52.00 40.90
CA SER A 546 2.34 52.76 40.46
C SER A 546 1.76 53.52 41.65
N LEU A 547 1.61 52.83 42.79
CA LEU A 547 1.03 53.46 44.01
C LEU A 547 1.91 54.63 44.47
N SER A 548 3.24 54.52 44.34
CA SER A 548 4.15 55.55 44.87
C SER A 548 3.90 56.93 44.26
N VAL A 549 3.38 56.99 43.03
CA VAL A 549 3.23 58.33 42.36
C VAL A 549 1.98 59.06 42.88
N LEU A 550 1.04 58.34 43.51
CA LEU A 550 -0.23 58.99 43.92
C LEU A 550 0.03 60.25 44.77
N PRO A 551 0.83 60.19 45.85
CA PRO A 551 1.12 61.38 46.66
C PRO A 551 1.84 62.44 45.82
N GLY A 552 2.74 61.99 44.92
CA GLY A 552 3.51 62.94 44.08
C GLY A 552 2.62 63.64 43.06
N ASN A 553 1.42 63.11 42.83
CA ASN A 553 0.50 63.70 41.81
C ASN A 553 -0.28 64.86 42.43
N ILE A 554 -0.90 64.63 43.59
CA ILE A 554 -1.73 65.69 44.24
C ILE A 554 -0.86 66.92 44.45
N ILE A 555 0.40 66.73 44.86
CA ILE A 555 1.32 67.88 45.11
C ILE A 555 1.66 68.55 43.77
N SER A 556 1.31 67.94 42.64
CA SER A 556 1.50 68.60 41.33
C SER A 556 0.14 69.18 40.91
N ALA A 557 -0.94 68.49 41.26
CA ALA A 557 -2.30 68.93 40.85
C ALA A 557 -2.56 70.36 41.31
N LEU A 558 -2.48 70.63 42.62
CA LEU A 558 -2.82 71.97 43.14
C LEU A 558 -1.54 72.80 43.32
N LEU A 559 -0.73 72.92 42.27
CA LEU A 559 0.55 73.68 42.35
C LEU A 559 0.95 74.19 40.96
N MET A 560 0.45 73.54 39.90
CA MET A 560 0.86 73.91 38.52
C MET A 560 0.31 75.30 38.16
N ASP A 561 -0.62 75.81 38.96
CA ASP A 561 -1.17 77.17 38.71
C ASP A 561 -0.38 78.21 39.49
N ARG A 562 0.68 77.78 40.19
CA ARG A 562 1.50 78.70 41.02
C ARG A 562 2.92 78.76 40.45
N ILE A 563 3.61 77.62 40.42
CA ILE A 563 5.03 77.60 39.95
C ILE A 563 5.05 77.85 38.43
N GLY A 564 4.21 77.11 37.69
CA GLY A 564 4.15 77.28 36.22
C GLY A 564 3.95 75.96 35.49
N ARG A 565 4.22 75.93 34.19
CA ARG A 565 4.11 74.67 33.40
C ARG A 565 5.49 74.32 32.85
N LEU A 566 6.49 75.15 33.12
CA LEU A 566 7.85 74.93 32.55
C LEU A 566 8.80 74.63 33.71
N LYS A 567 8.70 75.39 34.79
CA LYS A 567 9.54 75.13 35.98
C LYS A 567 9.24 73.72 36.50
N MET A 568 7.94 73.40 36.65
CA MET A 568 7.55 72.07 37.20
C MET A 568 8.30 70.97 36.45
N ILE A 569 8.07 70.82 35.14
CA ILE A 569 8.69 69.68 34.39
C ILE A 569 10.20 69.73 34.58
N GLY A 570 10.84 70.86 34.25
CA GLY A 570 12.29 70.99 34.43
C GLY A 570 12.74 70.44 35.77
N GLY A 571 12.28 71.05 36.86
CA GLY A 571 12.65 70.59 38.21
C GLY A 571 12.41 69.10 38.39
N SER A 572 11.17 68.65 38.22
CA SER A 572 10.83 67.20 38.39
C SER A 572 11.88 66.34 37.68
N MET A 573 12.07 66.56 36.38
CA MET A 573 13.04 65.74 35.60
C MET A 573 14.40 65.76 36.31
N LEU A 574 14.93 66.96 36.57
CA LEU A 574 16.26 67.09 37.22
C LEU A 574 16.23 66.36 38.57
N ILE A 575 15.19 66.57 39.38
CA ILE A 575 15.11 65.94 40.72
C ILE A 575 15.16 64.41 40.55
N SER A 576 14.38 63.87 39.62
CA SER A 576 14.36 62.41 39.37
C SER A 576 15.77 61.94 38.98
N ALA A 577 16.47 62.71 38.13
CA ALA A 577 17.83 62.35 37.70
C ALA A 577 18.76 62.25 38.92
N VAL A 578 18.62 63.19 39.86
CA VAL A 578 19.44 63.14 41.11
C VAL A 578 19.14 61.82 41.84
N CYS A 579 17.86 61.53 42.07
CA CYS A 579 17.47 60.26 42.74
C CYS A 579 18.11 59.08 42.00
N CYS A 580 18.09 59.11 40.67
CA CYS A 580 18.69 58.01 39.86
C CYS A 580 20.18 57.88 40.19
N PHE A 581 20.85 59.00 40.46
CA PHE A 581 22.31 58.97 40.72
C PHE A 581 22.58 58.38 42.10
N PHE A 582 21.56 58.31 42.97
CA PHE A 582 21.72 57.71 44.31
C PHE A 582 21.52 56.19 44.22
N LEU A 583 20.88 55.72 43.15
CA LEU A 583 20.63 54.27 42.99
C LEU A 583 21.93 53.49 43.20
N PHE A 584 22.95 53.78 42.40
CA PHE A 584 24.27 53.09 42.53
C PHE A 584 24.52 52.66 43.97
N PHE A 585 24.43 53.62 44.90
CA PHE A 585 24.69 53.32 46.34
C PHE A 585 23.82 52.16 46.83
N GLY A 586 22.53 52.14 46.47
CA GLY A 586 21.62 51.11 46.98
C GLY A 586 21.87 49.73 46.40
N ASN A 587 21.83 48.69 47.24
CA ASN A 587 22.02 47.28 46.78
C ASN A 587 21.29 46.37 47.77
N SER A 588 19.96 46.29 47.66
CA SER A 588 19.15 45.44 48.57
C SER A 588 17.70 45.40 48.10
N GLU A 589 16.91 44.47 48.63
CA GLU A 589 15.46 44.44 48.28
C GLU A 589 14.85 45.75 48.74
N SER A 590 14.93 46.04 50.05
CA SER A 590 14.39 47.30 50.59
C SER A 590 14.96 48.49 49.81
N ALA A 591 16.28 48.53 49.65
CA ALA A 591 16.92 49.65 48.92
C ALA A 591 16.24 49.81 47.56
N MET A 592 16.27 48.76 46.73
CA MET A 592 15.69 48.84 45.37
C MET A 592 14.29 49.45 45.43
N ILE A 593 13.37 48.79 46.13
CA ILE A 593 11.95 49.27 46.13
C ILE A 593 11.90 50.71 46.64
N GLY A 594 12.67 51.05 47.68
CA GLY A 594 12.72 52.45 48.15
C GLY A 594 13.08 53.37 47.00
N TRP A 595 14.23 53.13 46.37
CA TRP A 595 14.63 53.94 45.19
C TRP A 595 13.52 53.94 44.15
N GLN A 596 13.05 52.76 43.75
CA GLN A 596 11.94 52.66 42.78
C GLN A 596 10.85 53.65 43.19
N CYS A 597 10.22 53.40 44.34
CA CYS A 597 9.15 54.29 44.83
C CYS A 597 9.59 55.75 44.67
N LEU A 598 10.69 56.14 45.33
CA LEU A 598 11.17 57.54 45.27
C LEU A 598 11.10 58.04 43.83
N PHE A 599 11.88 57.43 42.94
CA PHE A 599 11.86 57.82 41.51
C PHE A 599 10.41 58.04 41.06
N CYS A 600 9.60 56.97 41.07
CA CYS A 600 8.19 57.05 40.62
C CYS A 600 7.51 58.30 41.21
N GLY A 601 7.52 58.43 42.55
CA GLY A 601 6.84 59.57 43.19
C GLY A 601 7.26 60.90 42.58
N THR A 602 8.54 61.05 42.25
CA THR A 602 9.05 62.33 41.70
C THR A 602 9.01 62.31 40.17
N SER A 603 8.41 61.26 39.59
CA SER A 603 8.41 61.13 38.11
C SER A 603 6.98 61.21 37.57
N ILE A 604 6.08 61.89 38.30
CA ILE A 604 4.65 61.98 37.88
C ILE A 604 4.31 63.44 37.61
N ALA A 605 4.85 64.36 38.41
CA ALA A 605 4.63 65.80 38.17
C ALA A 605 5.07 66.13 36.74
N ALA A 606 6.28 65.68 36.37
CA ALA A 606 6.78 65.90 35.00
C ALA A 606 5.70 65.47 34.00
N TRP A 607 5.31 64.20 34.03
CA TRP A 607 4.30 63.69 33.07
C TRP A 607 3.09 64.63 33.03
N ASN A 608 2.56 65.01 34.19
CA ASN A 608 1.38 65.90 34.23
C ASN A 608 1.71 67.23 33.56
N ALA A 609 2.78 67.89 34.01
CA ALA A 609 3.21 69.16 33.35
C ALA A 609 3.30 68.91 31.85
N LEU A 610 4.06 67.88 31.43
CA LEU A 610 4.19 67.55 29.99
C LEU A 610 2.80 67.54 29.34
N ASP A 611 1.88 66.74 29.87
CA ASP A 611 0.52 66.63 29.27
C ASP A 611 -0.07 68.03 29.08
N VAL A 612 -0.06 68.85 30.13
CA VAL A 612 -0.72 70.19 30.03
C VAL A 612 0.00 71.04 28.98
N ILE A 613 1.34 71.14 29.07
CA ILE A 613 2.08 72.04 28.13
C ILE A 613 1.82 71.57 26.69
N THR A 614 1.69 70.26 26.46
CA THR A 614 1.53 69.76 25.06
C THR A 614 0.09 69.92 24.59
N VAL A 615 -0.86 70.18 25.50
CA VAL A 615 -2.29 70.27 25.10
C VAL A 615 -2.70 71.75 25.08
N GLU A 616 -1.86 72.63 25.64
CA GLU A 616 -2.18 74.07 25.71
C GLU A 616 -1.62 74.77 24.48
N LEU A 617 -0.46 74.33 24.00
CA LEU A 617 0.23 75.02 22.87
C LEU A 617 -0.59 74.99 21.58
N TYR A 618 -0.73 73.83 20.95
CA TYR A 618 -1.40 73.76 19.61
C TYR A 618 -2.85 74.20 19.73
N PRO A 619 -3.42 74.79 18.65
CA PRO A 619 -4.82 75.18 18.64
C PRO A 619 -5.71 73.95 18.47
N THR A 620 -7.02 74.14 18.48
CA THR A 620 -7.98 73.02 18.35
C THR A 620 -7.88 72.39 16.96
N ASN A 621 -7.14 73.01 16.04
CA ASN A 621 -7.10 72.50 14.64
C ASN A 621 -5.80 71.71 14.40
N GLN A 622 -4.91 71.65 15.39
CA GLN A 622 -3.69 70.81 15.23
C GLN A 622 -3.47 70.02 16.51
N ARG A 623 -4.19 70.37 17.58
CA ARG A 623 -3.99 69.71 18.90
C ARG A 623 -3.98 68.19 18.72
N ALA A 624 -5.15 67.59 18.47
CA ALA A 624 -5.25 66.11 18.36
C ALA A 624 -4.04 65.58 17.58
N THR A 625 -3.97 65.89 16.28
CA THR A 625 -2.83 65.43 15.44
C THR A 625 -1.54 65.50 16.24
N ALA A 626 -1.17 66.70 16.72
CA ALA A 626 0.10 66.88 17.46
C ALA A 626 0.18 65.89 18.62
N PHE A 627 -0.77 65.96 19.55
CA PHE A 627 -0.78 65.03 20.70
C PHE A 627 -0.51 63.60 20.19
N GLY A 628 -1.31 63.17 19.21
CA GLY A 628 -1.15 61.81 18.66
C GLY A 628 0.31 61.48 18.35
N ILE A 629 0.98 62.31 17.55
CA ILE A 629 2.38 61.98 17.13
C ILE A 629 3.29 61.91 18.37
N LEU A 630 3.09 62.80 19.34
CA LEU A 630 3.96 62.82 20.55
C LEU A 630 3.69 61.54 21.33
N ASN A 631 2.45 61.06 21.33
CA ASN A 631 2.12 59.78 22.02
C ASN A 631 2.80 58.64 21.27
N GLY A 632 2.76 58.65 19.94
CA GLY A 632 3.47 57.63 19.16
C GLY A 632 4.94 57.63 19.53
N LEU A 633 5.54 58.83 19.63
CA LEU A 633 6.98 58.95 19.97
C LEU A 633 7.19 58.47 21.41
N CYS A 634 6.23 58.74 22.30
CA CYS A 634 6.33 58.23 23.69
C CYS A 634 6.36 56.69 23.62
N LYS A 635 5.42 56.09 22.88
CA LYS A 635 5.39 54.61 22.73
C LYS A 635 6.74 54.14 22.18
N PHE A 636 7.36 54.95 21.30
CA PHE A 636 8.69 54.59 20.75
C PHE A 636 9.70 54.52 21.89
N GLY A 637 9.84 55.61 22.64
CA GLY A 637 10.77 55.62 23.79
C GLY A 637 10.51 54.44 24.72
N ALA A 638 9.24 54.15 24.99
CA ALA A 638 8.88 52.99 25.83
C ALA A 638 9.62 51.76 25.30
N ILE A 639 9.28 51.33 24.08
CA ILE A 639 9.98 50.16 23.46
C ILE A 639 11.47 50.25 23.75
N LEU A 640 12.10 51.39 23.43
CA LEU A 640 13.58 51.52 23.59
C LEU A 640 14.01 51.20 25.02
N GLY A 641 13.54 51.98 26.00
CA GLY A 641 13.94 51.76 27.40
C GLY A 641 13.60 50.34 27.85
N ASN A 642 12.37 49.92 27.60
CA ASN A 642 11.91 48.56 28.02
C ASN A 642 12.73 47.48 27.28
N THR A 643 13.53 47.87 26.29
CA THR A 643 14.41 46.87 25.63
C THR A 643 15.82 46.97 26.23
N ILE A 644 16.43 48.15 26.19
CA ILE A 644 17.84 48.30 26.67
C ILE A 644 17.89 47.94 28.16
N PHE A 645 17.21 48.70 29.02
CA PHE A 645 17.29 48.46 30.47
C PHE A 645 17.06 46.97 30.75
N ALA A 646 15.99 46.41 30.18
CA ALA A 646 15.68 44.97 30.37
C ALA A 646 16.91 44.13 30.05
N SER A 647 17.46 44.29 28.85
CA SER A 647 18.62 43.47 28.41
C SER A 647 19.85 43.71 29.29
N PHE A 648 19.93 44.88 29.94
CA PHE A 648 21.16 45.20 30.71
C PHE A 648 20.99 44.78 32.17
N VAL A 649 20.79 43.48 32.42
CA VAL A 649 20.60 42.97 33.80
C VAL A 649 21.65 41.88 34.06
N GLY A 650 22.38 41.99 35.17
CA GLY A 650 23.40 40.97 35.53
C GLY A 650 24.71 41.19 34.79
N ILE A 651 24.78 42.19 33.92
CA ILE A 651 26.05 42.50 33.20
C ILE A 651 26.67 43.75 33.85
N THR A 652 25.85 44.76 34.13
CA THR A 652 26.33 46.01 34.79
C THR A 652 25.15 46.75 35.39
N LYS A 653 25.41 47.70 36.28
CA LYS A 653 24.34 48.49 36.94
C LYS A 653 24.56 49.98 36.63
N VAL A 654 25.81 50.43 36.71
CA VAL A 654 26.12 51.87 36.47
C VAL A 654 25.66 52.24 35.07
N VAL A 655 26.08 51.47 34.06
CA VAL A 655 25.74 51.82 32.64
C VAL A 655 24.26 52.21 32.54
N PRO A 656 23.25 51.33 32.76
CA PRO A 656 21.85 51.73 32.59
C PRO A 656 21.56 52.98 33.42
N ILE A 657 21.97 52.97 34.69
CA ILE A 657 21.68 54.12 35.60
C ILE A 657 22.26 55.40 35.00
N LEU A 658 23.56 55.42 34.74
CA LEU A 658 24.17 56.60 34.08
C LEU A 658 23.30 56.99 32.88
N LEU A 659 23.11 56.05 31.96
CA LEU A 659 22.27 56.32 30.75
C LEU A 659 20.98 57.01 31.19
N ALA A 660 20.21 56.38 32.08
CA ALA A 660 18.94 56.98 32.56
C ALA A 660 19.19 58.42 33.03
N ALA A 661 20.04 58.59 34.04
CA ALA A 661 20.34 59.94 34.56
C ALA A 661 20.56 60.91 33.40
N ALA A 662 21.50 60.59 32.51
CA ALA A 662 21.79 61.46 31.34
C ALA A 662 20.49 61.89 30.67
N SER A 663 19.70 60.93 30.18
CA SER A 663 18.43 61.25 29.47
C SER A 663 17.63 62.27 30.26
N LEU A 664 17.35 61.97 31.53
CA LEU A 664 16.53 62.90 32.38
C LEU A 664 17.18 64.28 32.38
N VAL A 665 18.45 64.36 32.77
CA VAL A 665 19.17 65.66 32.73
C VAL A 665 18.90 66.33 31.38
N GLY A 666 19.31 65.67 30.28
CA GLY A 666 19.11 66.24 28.94
C GLY A 666 17.73 66.82 28.77
N GLY A 667 16.70 65.99 28.95
CA GLY A 667 15.30 66.47 28.83
C GLY A 667 15.02 67.62 29.78
N GLY A 668 15.39 67.48 31.05
CA GLY A 668 15.12 68.53 32.05
C GLY A 668 15.87 69.82 31.77
N LEU A 669 16.86 69.77 30.88
CA LEU A 669 17.63 70.99 30.51
C LEU A 669 17.04 71.60 29.24
N ILE A 670 16.48 70.76 28.37
CA ILE A 670 15.88 71.25 27.09
C ILE A 670 14.46 71.72 27.37
N ALA A 671 13.75 71.05 28.30
CA ALA A 671 12.38 71.45 28.67
C ALA A 671 12.32 72.97 28.90
N LEU A 672 13.36 73.55 29.51
CA LEU A 672 13.34 75.00 29.85
C LEU A 672 13.18 75.85 28.59
N ARG A 673 13.82 75.46 27.48
CA ARG A 673 13.72 76.23 26.21
C ARG A 673 12.36 75.94 25.55
N LEU A 674 11.29 76.47 26.12
CA LEU A 674 9.92 76.23 25.57
C LEU A 674 9.09 77.51 25.75
N PRO A 675 8.18 77.84 24.80
CA PRO A 675 7.30 79.00 24.97
C PRO A 675 6.54 78.95 26.30
N GLU A 676 6.46 80.09 26.99
CA GLU A 676 5.72 80.16 28.28
C GLU A 676 4.22 80.06 27.99
N THR A 677 3.48 79.38 28.87
CA THR A 677 2.01 79.27 28.72
C THR A 677 1.34 79.50 30.08
N ARG A 678 1.01 80.76 30.39
CA ARG A 678 0.30 81.06 31.67
C ARG A 678 -0.61 82.27 31.46
N PRO B 19 -28.10 -3.67 -6.47
CA PRO B 19 -28.39 -4.75 -7.43
C PRO B 19 -28.42 -4.25 -8.86
N PHE B 20 -28.02 -5.12 -9.77
CA PHE B 20 -28.11 -4.84 -11.20
C PHE B 20 -29.53 -5.05 -11.73
N VAL B 21 -30.25 -6.02 -11.16
CA VAL B 21 -31.62 -6.32 -11.55
C VAL B 21 -32.58 -6.08 -10.38
N ASN B 22 -33.20 -4.90 -10.36
CA ASN B 22 -34.21 -4.62 -9.37
C ASN B 22 -35.61 -4.96 -9.90
N LYS B 23 -36.58 -5.00 -8.98
CA LYS B 23 -37.97 -5.22 -9.33
C LYS B 23 -38.11 -6.49 -10.16
N GLN B 24 -37.89 -7.65 -9.54
CA GLN B 24 -38.10 -8.92 -10.23
C GLN B 24 -39.46 -8.92 -10.91
N PHE B 25 -39.48 -9.38 -12.16
CA PHE B 25 -40.61 -9.12 -13.05
C PHE B 25 -41.53 -10.32 -13.21
N ASN B 26 -41.36 -11.37 -12.42
CA ASN B 26 -42.22 -12.54 -12.48
C ASN B 26 -42.45 -12.97 -13.92
N TYR B 27 -43.66 -13.37 -14.25
CA TYR B 27 -43.98 -13.50 -15.66
C TYR B 27 -45.30 -12.81 -16.04
N LYS B 28 -46.29 -12.82 -15.14
CA LYS B 28 -47.63 -12.35 -15.45
C LYS B 28 -47.86 -10.89 -15.09
N ASP B 29 -46.81 -10.06 -15.09
CA ASP B 29 -47.00 -8.64 -14.92
C ASP B 29 -47.60 -8.02 -16.18
N PRO B 30 -48.25 -6.84 -16.05
CA PRO B 30 -48.91 -6.24 -17.21
C PRO B 30 -47.95 -5.72 -18.26
N VAL B 31 -48.51 -5.07 -19.28
CA VAL B 31 -47.81 -4.71 -20.51
C VAL B 31 -47.52 -3.23 -20.54
N ASN B 32 -47.26 -2.64 -19.37
CA ASN B 32 -47.10 -1.19 -19.19
C ASN B 32 -46.39 -0.49 -20.35
N GLY B 33 -45.22 -0.99 -20.76
CA GLY B 33 -44.58 -0.51 -21.97
C GLY B 33 -43.14 -0.07 -21.84
N VAL B 34 -42.57 0.08 -20.64
CA VAL B 34 -41.19 0.50 -20.51
C VAL B 34 -40.28 -0.61 -19.99
N ASP B 35 -40.81 -1.56 -19.23
CA ASP B 35 -40.07 -2.72 -18.76
C ASP B 35 -40.68 -4.04 -19.18
N ILE B 36 -42.00 -4.12 -19.33
CA ILE B 36 -42.68 -5.26 -19.91
C ILE B 36 -43.58 -4.76 -21.05
N ALA B 37 -43.41 -5.33 -22.24
CA ALA B 37 -44.20 -4.93 -23.39
C ALA B 37 -44.08 -5.98 -24.48
N TYR B 38 -45.02 -5.92 -25.43
CA TYR B 38 -44.91 -6.75 -26.64
C TYR B 38 -43.99 -6.08 -27.66
N ILE B 39 -43.30 -6.93 -28.43
CA ILE B 39 -42.11 -6.53 -29.18
C ILE B 39 -42.08 -7.12 -30.58
N LYS B 40 -41.64 -6.28 -31.53
CA LYS B 40 -41.30 -6.67 -32.89
C LYS B 40 -39.78 -6.68 -33.01
N ILE B 41 -39.24 -7.86 -33.33
CA ILE B 41 -37.82 -8.07 -33.58
C ILE B 41 -37.55 -7.88 -35.07
N PRO B 42 -36.41 -7.33 -35.48
CA PRO B 42 -36.05 -7.34 -36.90
C PRO B 42 -35.98 -8.77 -37.43
N ASN B 43 -36.45 -8.95 -38.65
CA ASN B 43 -36.42 -10.26 -39.29
C ASN B 43 -36.60 -10.09 -40.79
N ALA B 44 -36.27 -11.14 -41.53
CA ALA B 44 -36.43 -11.11 -42.97
C ALA B 44 -37.90 -10.99 -43.38
N GLY B 45 -38.78 -11.72 -42.70
CA GLY B 45 -40.18 -11.74 -43.04
C GLY B 45 -41.08 -11.12 -41.99
N GLN B 46 -42.16 -11.81 -41.65
CA GLN B 46 -43.12 -11.33 -40.67
C GLN B 46 -43.05 -12.19 -39.41
N MET B 47 -43.14 -11.53 -38.25
CA MET B 47 -43.11 -12.20 -36.95
C MET B 47 -44.17 -11.58 -36.04
N GLN B 48 -44.84 -12.45 -35.29
CA GLN B 48 -45.94 -12.03 -34.42
C GLN B 48 -45.38 -11.34 -33.18
N PRO B 49 -46.23 -10.60 -32.46
CA PRO B 49 -45.77 -9.94 -31.23
C PRO B 49 -45.19 -10.95 -30.24
N VAL B 50 -44.09 -10.58 -29.61
CA VAL B 50 -43.33 -11.47 -28.75
C VAL B 50 -43.08 -10.80 -27.41
N LYS B 51 -43.33 -11.55 -26.33
CA LYS B 51 -43.15 -11.10 -24.96
C LYS B 51 -41.66 -11.00 -24.64
N ALA B 52 -41.33 -10.04 -23.77
CA ALA B 52 -39.99 -9.93 -23.20
C ALA B 52 -40.03 -8.91 -22.06
N PHE B 53 -38.97 -8.92 -21.26
CA PHE B 53 -38.92 -8.11 -20.03
C PHE B 53 -37.65 -7.29 -20.01
N LYS B 54 -37.74 -5.96 -20.15
CA LYS B 54 -36.56 -5.13 -19.96
C LYS B 54 -35.99 -5.36 -18.57
N ILE B 55 -34.68 -5.61 -18.52
CA ILE B 55 -34.01 -6.00 -17.29
C ILE B 55 -33.04 -4.94 -16.79
N HIS B 56 -32.61 -4.02 -17.64
CA HIS B 56 -31.66 -2.97 -17.29
C HIS B 56 -31.70 -1.95 -18.42
N ASN B 57 -30.77 -1.01 -18.41
CA ASN B 57 -30.64 -0.08 -19.52
C ASN B 57 -29.97 -0.78 -20.69
N LYS B 58 -30.67 -0.83 -21.83
CA LYS B 58 -30.13 -1.35 -23.09
C LYS B 58 -29.88 -2.87 -23.06
N ILE B 59 -30.66 -3.62 -22.29
CA ILE B 59 -30.59 -5.07 -22.27
C ILE B 59 -32.01 -5.62 -22.21
N TRP B 60 -32.29 -6.64 -23.02
CA TRP B 60 -33.62 -7.25 -23.03
C TRP B 60 -33.52 -8.76 -23.02
N VAL B 61 -34.54 -9.40 -22.44
CA VAL B 61 -34.60 -10.85 -22.33
C VAL B 61 -35.95 -11.33 -22.83
N ILE B 62 -35.93 -12.26 -23.78
CA ILE B 62 -37.13 -12.72 -24.48
C ILE B 62 -37.42 -14.16 -24.11
N PRO B 63 -38.45 -14.43 -23.31
CA PRO B 63 -38.75 -15.82 -22.93
C PRO B 63 -39.43 -16.62 -24.03
N GLU B 64 -38.75 -16.82 -25.16
CA GLU B 64 -39.30 -17.64 -26.23
C GLU B 64 -38.15 -18.34 -26.95
N ARG B 65 -38.45 -19.40 -27.62
CA ARG B 65 -37.47 -20.12 -28.42
C ARG B 65 -37.12 -19.33 -29.68
N ASP B 66 -35.88 -19.47 -30.13
CA ASP B 66 -35.39 -18.73 -31.28
C ASP B 66 -35.86 -19.41 -32.55
N THR B 67 -37.09 -19.09 -32.97
CA THR B 67 -37.63 -19.56 -34.24
C THR B 67 -37.94 -18.41 -35.18
N PHE B 68 -37.57 -17.17 -34.81
CA PHE B 68 -37.91 -15.99 -35.58
C PHE B 68 -36.73 -15.37 -36.30
N THR B 69 -35.53 -15.42 -35.71
CA THR B 69 -34.38 -14.78 -36.34
C THR B 69 -33.97 -15.49 -37.62
N ASN B 70 -33.85 -16.81 -37.58
CA ASN B 70 -33.42 -17.57 -38.75
C ASN B 70 -34.59 -18.26 -39.43
N PRO B 71 -34.82 -18.00 -40.71
CA PRO B 71 -35.99 -18.61 -41.38
C PRO B 71 -35.82 -20.10 -41.65
N GLU B 72 -34.58 -20.57 -41.89
CA GLU B 72 -34.38 -21.97 -42.21
C GLU B 72 -34.76 -22.88 -41.04
N GLU B 73 -34.67 -22.37 -39.81
CA GLU B 73 -35.00 -23.15 -38.61
C GLU B 73 -36.46 -22.92 -38.26
N GLY B 74 -37.34 -23.60 -38.98
CA GLY B 74 -38.76 -23.50 -38.75
C GLY B 74 -39.30 -24.62 -37.87
N ASP B 75 -38.48 -25.64 -37.64
CA ASP B 75 -38.87 -26.80 -36.85
C ASP B 75 -37.87 -27.00 -35.72
N LEU B 76 -38.30 -27.76 -34.71
CA LEU B 76 -37.48 -28.06 -33.54
C LEU B 76 -37.09 -29.53 -33.49
N ASN B 77 -37.45 -30.31 -34.50
CA ASN B 77 -37.10 -31.72 -34.58
C ASN B 77 -35.60 -31.85 -34.80
N PRO B 78 -34.96 -32.82 -34.15
CA PRO B 78 -33.55 -33.12 -34.45
C PRO B 78 -33.38 -33.42 -35.92
N PRO B 79 -32.39 -32.81 -36.58
CA PRO B 79 -32.16 -33.07 -37.99
C PRO B 79 -31.65 -34.47 -38.21
N PRO B 80 -31.91 -35.05 -39.38
CA PRO B 80 -31.36 -36.39 -39.67
C PRO B 80 -29.84 -36.43 -39.62
N GLU B 81 -29.17 -35.35 -40.04
CA GLU B 81 -27.72 -35.27 -40.05
C GLU B 81 -27.29 -34.53 -38.78
N ALA B 82 -26.85 -35.30 -37.78
CA ALA B 82 -26.39 -34.71 -36.53
C ALA B 82 -25.15 -33.86 -36.75
N LYS B 83 -25.08 -32.75 -36.04
CA LYS B 83 -23.98 -31.81 -36.20
C LYS B 83 -22.70 -32.39 -35.62
N GLN B 84 -21.57 -31.95 -36.17
CA GLN B 84 -20.26 -32.39 -35.69
C GLN B 84 -19.96 -31.76 -34.34
N VAL B 85 -20.65 -32.22 -33.30
CA VAL B 85 -20.48 -31.67 -31.96
C VAL B 85 -20.23 -32.80 -30.97
N PRO B 86 -19.38 -32.59 -29.96
CA PRO B 86 -19.11 -33.66 -29.00
C PRO B 86 -20.34 -34.12 -28.24
N VAL B 87 -21.25 -33.22 -27.93
CA VAL B 87 -22.43 -33.55 -27.14
C VAL B 87 -23.54 -32.56 -27.48
N SER B 88 -24.77 -33.06 -27.55
CA SER B 88 -25.89 -32.22 -27.93
C SER B 88 -27.19 -32.92 -27.51
N TYR B 89 -28.17 -32.11 -27.12
CA TYR B 89 -29.48 -32.59 -26.71
C TYR B 89 -30.56 -31.82 -27.45
N TYR B 90 -31.67 -32.48 -27.71
CA TYR B 90 -32.77 -31.90 -28.48
C TYR B 90 -34.07 -32.11 -27.74
N ASP B 91 -34.93 -31.10 -27.75
CA ASP B 91 -36.24 -31.19 -27.12
C ASP B 91 -37.15 -30.13 -27.72
N SER B 92 -38.39 -30.51 -28.01
CA SER B 92 -39.33 -29.63 -28.67
C SER B 92 -40.43 -29.12 -27.75
N THR B 93 -40.63 -29.72 -26.58
CA THR B 93 -41.63 -29.25 -25.64
C THR B 93 -41.06 -28.36 -24.55
N TYR B 94 -39.74 -28.15 -24.53
CA TYR B 94 -39.13 -27.24 -23.57
C TYR B 94 -39.60 -25.82 -23.85
N LEU B 95 -39.71 -25.04 -22.76
CA LEU B 95 -40.04 -23.61 -22.82
C LEU B 95 -41.49 -23.38 -23.21
N SER B 96 -42.22 -24.46 -23.55
CA SER B 96 -43.58 -24.32 -24.03
C SER B 96 -44.51 -23.74 -22.97
N THR B 97 -44.43 -24.24 -21.74
CA THR B 97 -45.38 -23.82 -20.72
C THR B 97 -44.89 -22.57 -20.00
N ASP B 98 -45.79 -21.96 -19.23
CA ASP B 98 -45.48 -20.71 -18.57
C ASP B 98 -44.58 -20.90 -17.34
N ASN B 99 -44.72 -22.03 -16.65
CA ASN B 99 -43.80 -22.29 -15.53
C ASN B 99 -42.36 -22.34 -16.02
N GLU B 100 -42.13 -22.99 -17.16
CA GLU B 100 -40.78 -23.02 -17.73
C GLU B 100 -40.31 -21.62 -18.09
N LYS B 101 -41.20 -20.78 -18.61
CA LYS B 101 -40.81 -19.41 -18.92
C LYS B 101 -40.39 -18.65 -17.66
N ASP B 102 -41.18 -18.79 -16.59
CA ASP B 102 -40.84 -18.11 -15.35
C ASP B 102 -39.50 -18.61 -14.80
N ASN B 103 -39.29 -19.92 -14.81
CA ASN B 103 -38.03 -20.47 -14.30
C ASN B 103 -36.85 -20.03 -15.15
N TYR B 104 -37.02 -20.03 -16.47
CA TYR B 104 -36.00 -19.56 -17.40
C TYR B 104 -35.60 -18.13 -17.08
N LEU B 105 -36.60 -17.26 -16.89
CA LEU B 105 -36.31 -15.86 -16.67
C LEU B 105 -35.70 -15.63 -15.29
N LYS B 106 -36.18 -16.34 -14.28
CA LYS B 106 -35.55 -16.25 -12.96
C LYS B 106 -34.09 -16.66 -13.04
N GLY B 107 -33.80 -17.75 -13.75
CA GLY B 107 -32.43 -18.22 -13.87
C GLY B 107 -31.54 -17.22 -14.60
N VAL B 108 -32.03 -16.65 -15.69
CA VAL B 108 -31.19 -15.72 -16.44
C VAL B 108 -30.98 -14.44 -15.62
N THR B 109 -31.99 -14.01 -14.86
CA THR B 109 -31.80 -12.86 -13.98
C THR B 109 -30.76 -13.15 -12.91
N LYS B 110 -30.81 -14.36 -12.33
CA LYS B 110 -29.83 -14.73 -11.31
C LYS B 110 -28.42 -14.78 -11.90
N LEU B 111 -28.29 -15.29 -13.11
CA LEU B 111 -26.97 -15.33 -13.74
C LEU B 111 -26.47 -13.92 -14.05
N PHE B 112 -27.34 -13.03 -14.52
CA PHE B 112 -26.92 -11.65 -14.72
C PHE B 112 -26.46 -11.00 -13.41
N GLU B 113 -27.21 -11.18 -12.32
CA GLU B 113 -26.79 -10.55 -11.08
C GLU B 113 -25.48 -11.16 -10.58
N ARG B 114 -25.29 -12.46 -10.79
CA ARG B 114 -24.07 -13.12 -10.34
C ARG B 114 -22.86 -12.64 -11.13
N ILE B 115 -23.01 -12.50 -12.45
CA ILE B 115 -21.90 -11.98 -13.25
C ILE B 115 -21.66 -10.51 -12.93
N TYR B 116 -22.70 -9.78 -12.52
CA TYR B 116 -22.51 -8.40 -12.10
C TYR B 116 -21.84 -8.30 -10.74
N SER B 117 -21.97 -9.34 -9.91
CA SER B 117 -21.46 -9.26 -8.55
C SER B 117 -19.95 -9.10 -8.52
N THR B 118 -19.23 -9.92 -9.28
CA THR B 118 -17.78 -9.82 -9.32
C THR B 118 -17.36 -8.55 -10.04
N ASP B 119 -16.31 -7.90 -9.53
CA ASP B 119 -15.90 -6.61 -10.06
C ASP B 119 -15.50 -6.70 -11.53
N LEU B 120 -14.78 -7.76 -11.90
CA LEU B 120 -14.43 -7.94 -13.30
C LEU B 120 -15.68 -8.09 -14.17
N GLY B 121 -16.63 -8.90 -13.70
CA GLY B 121 -17.91 -8.98 -14.39
C GLY B 121 -18.66 -7.66 -14.39
N ARG B 122 -18.53 -6.89 -13.31
CA ARG B 122 -19.16 -5.58 -13.28
C ARG B 122 -18.62 -4.68 -14.39
N MET B 123 -17.29 -4.66 -14.55
CA MET B 123 -16.71 -3.88 -15.63
C MET B 123 -17.15 -4.39 -16.99
N LEU B 124 -17.25 -5.72 -17.15
CA LEU B 124 -17.72 -6.25 -18.43
C LEU B 124 -19.15 -5.80 -18.72
N LEU B 125 -20.02 -5.85 -17.71
CA LEU B 125 -21.40 -5.41 -17.92
C LEU B 125 -21.47 -3.92 -18.27
N THR B 126 -20.64 -3.10 -17.60
CA THR B 126 -20.61 -1.69 -17.96
C THR B 126 -20.14 -1.49 -19.40
N SER B 127 -19.13 -2.25 -19.82
CA SER B 127 -18.64 -2.16 -21.19
C SER B 127 -19.72 -2.56 -22.18
N ILE B 128 -20.49 -3.59 -21.85
CA ILE B 128 -21.62 -3.98 -22.70
C ILE B 128 -22.63 -2.85 -22.78
N VAL B 129 -22.93 -2.22 -21.64
CA VAL B 129 -23.93 -1.16 -21.63
C VAL B 129 -23.50 0.01 -22.49
N ARG B 130 -22.24 0.41 -22.38
CA ARG B 130 -21.79 1.61 -23.08
C ARG B 130 -21.67 1.42 -24.59
N GLY B 131 -21.54 0.18 -25.07
CA GLY B 131 -21.27 -0.05 -26.47
C GLY B 131 -22.44 0.07 -27.42
N ILE B 132 -23.00 1.28 -27.53
CA ILE B 132 -24.10 1.50 -28.47
C ILE B 132 -23.55 1.52 -29.90
N PRO B 133 -24.21 0.90 -30.86
CA PRO B 133 -23.67 0.90 -32.24
C PRO B 133 -23.66 2.27 -32.86
N PHE B 134 -22.73 2.45 -33.80
CA PHE B 134 -22.57 3.74 -34.48
C PHE B 134 -23.69 3.95 -35.49
N TRP B 135 -24.12 5.21 -35.61
CA TRP B 135 -25.16 5.59 -36.58
C TRP B 135 -24.48 6.02 -37.88
N GLY B 136 -23.93 5.04 -38.59
CA GLY B 136 -23.23 5.34 -39.83
C GLY B 136 -23.98 4.90 -41.07
N GLY B 137 -25.29 4.76 -40.95
CA GLY B 137 -26.09 4.22 -42.03
C GLY B 137 -26.45 5.19 -43.14
N SER B 138 -26.06 6.45 -43.04
CA SER B 138 -26.37 7.43 -44.06
C SER B 138 -25.50 7.19 -45.29
N THR B 139 -26.13 7.13 -46.46
CA THR B 139 -25.36 7.09 -47.70
C THR B 139 -24.56 8.38 -47.87
N ILE B 140 -25.17 9.52 -47.53
CA ILE B 140 -24.43 10.78 -47.50
C ILE B 140 -23.41 10.74 -46.37
N ASP B 141 -22.18 11.14 -46.68
CA ASP B 141 -21.08 11.00 -45.74
C ASP B 141 -21.24 11.89 -44.51
N THR B 142 -21.82 13.08 -44.66
CA THR B 142 -21.86 14.09 -43.60
C THR B 142 -23.10 13.98 -42.72
N GLU B 143 -23.79 12.85 -42.73
CA GLU B 143 -25.01 12.68 -41.96
C GLU B 143 -24.91 11.44 -41.10
N LEU B 144 -25.60 11.48 -39.95
CA LEU B 144 -25.69 10.35 -39.04
C LEU B 144 -27.11 9.81 -39.04
N LYS B 145 -27.25 8.53 -39.36
CA LYS B 145 -28.54 7.87 -39.36
C LYS B 145 -28.41 6.55 -38.63
N VAL B 146 -29.41 6.22 -37.80
CA VAL B 146 -29.40 4.95 -37.09
C VAL B 146 -29.53 3.81 -38.10
N ILE B 147 -28.91 2.67 -37.76
CA ILE B 147 -29.07 1.47 -38.57
C ILE B 147 -30.48 0.93 -38.36
N ASP B 148 -31.14 0.59 -39.47
CA ASP B 148 -32.51 0.09 -39.38
C ASP B 148 -32.59 -1.26 -38.67
N THR B 149 -31.54 -2.06 -38.71
CA THR B 149 -31.58 -3.44 -38.24
C THR B 149 -31.09 -3.63 -36.81
N ASN B 150 -30.76 -2.56 -36.09
CA ASN B 150 -30.26 -2.69 -34.73
C ASN B 150 -31.21 -2.03 -33.71
N CYS B 151 -32.51 -2.10 -33.95
CA CYS B 151 -33.50 -1.55 -33.03
C CYS B 151 -34.70 -2.49 -32.98
N ILE B 152 -35.52 -2.32 -31.95
CA ILE B 152 -36.67 -3.16 -31.71
C ILE B 152 -37.91 -2.28 -31.63
N ASN B 153 -39.02 -2.73 -32.21
CA ASN B 153 -40.25 -1.95 -32.20
C ASN B 153 -41.12 -2.40 -31.04
N VAL B 154 -41.24 -1.55 -30.02
CA VAL B 154 -42.07 -1.85 -28.86
C VAL B 154 -43.49 -1.38 -29.16
N ILE B 155 -44.44 -2.31 -29.19
CA ILE B 155 -45.82 -1.95 -29.50
C ILE B 155 -46.57 -1.72 -28.18
N GLN B 156 -47.24 -0.59 -28.09
CA GLN B 156 -47.94 -0.19 -26.88
C GLN B 156 -49.37 -0.69 -26.89
N PRO B 157 -49.98 -0.83 -25.71
CA PRO B 157 -51.39 -1.26 -25.67
C PRO B 157 -52.34 -0.33 -26.38
N ASP B 158 -52.00 0.97 -26.49
CA ASP B 158 -52.90 1.91 -27.16
C ASP B 158 -53.08 1.55 -28.62
N GLY B 159 -52.02 1.08 -29.27
CA GLY B 159 -52.11 0.68 -30.66
C GLY B 159 -50.89 1.06 -31.48
N SER B 160 -50.16 2.08 -31.06
CA SER B 160 -48.99 2.54 -31.78
C SER B 160 -47.72 1.94 -31.18
N TYR B 161 -46.64 2.02 -31.95
CA TYR B 161 -45.36 1.47 -31.55
C TYR B 161 -44.29 2.55 -31.54
N ARG B 162 -43.26 2.32 -30.75
CA ARG B 162 -42.10 3.20 -30.66
C ARG B 162 -40.84 2.37 -30.88
N SER B 163 -39.94 2.86 -31.73
CA SER B 163 -38.69 2.18 -31.97
C SER B 163 -37.69 2.52 -30.87
N GLU B 164 -36.92 1.52 -30.45
CA GLU B 164 -35.96 1.72 -29.37
C GLU B 164 -34.68 0.95 -29.68
N GLU B 165 -33.55 1.58 -29.40
CA GLU B 165 -32.26 0.93 -29.58
C GLU B 165 -31.87 0.18 -28.31
N LEU B 166 -30.96 -0.77 -28.47
CA LEU B 166 -30.50 -1.61 -27.36
C LEU B 166 -29.23 -2.31 -27.81
N ASN B 167 -28.71 -3.17 -26.94
CA ASN B 167 -27.46 -3.86 -27.21
C ASN B 167 -27.59 -5.38 -27.23
N LEU B 168 -28.24 -5.96 -26.24
CA LEU B 168 -28.26 -7.41 -26.08
C LEU B 168 -29.69 -7.92 -26.02
N VAL B 169 -29.91 -9.10 -26.60
CA VAL B 169 -31.18 -9.81 -26.52
C VAL B 169 -30.89 -11.24 -26.08
N ILE B 170 -31.63 -11.71 -25.08
CA ILE B 170 -31.49 -13.07 -24.58
C ILE B 170 -32.71 -13.86 -25.01
N ILE B 171 -32.49 -14.90 -25.81
CA ILE B 171 -33.55 -15.72 -26.36
C ILE B 171 -33.25 -17.17 -26.03
N GLY B 172 -34.30 -17.96 -25.78
CA GLY B 172 -34.14 -19.37 -25.55
C GLY B 172 -33.41 -20.05 -26.69
N PRO B 173 -32.99 -21.30 -26.47
CA PRO B 173 -32.08 -21.95 -27.42
C PRO B 173 -32.72 -22.20 -28.77
N SER B 174 -31.88 -22.59 -29.71
CA SER B 174 -32.28 -22.96 -31.06
C SER B 174 -32.80 -24.40 -31.05
N ALA B 175 -32.91 -25.00 -32.23
CA ALA B 175 -33.31 -26.41 -32.31
C ALA B 175 -32.39 -27.28 -31.49
N ASP B 176 -31.08 -27.09 -31.62
CA ASP B 176 -30.11 -27.79 -30.78
C ASP B 176 -30.08 -27.05 -29.44
N ILE B 177 -30.63 -27.68 -28.40
CA ILE B 177 -30.91 -26.98 -27.15
C ILE B 177 -29.62 -26.45 -26.52
N ILE B 178 -28.57 -27.26 -26.52
CA ILE B 178 -27.38 -26.94 -25.76
C ILE B 178 -26.46 -26.07 -26.60
N GLN B 179 -26.91 -25.67 -27.78
CA GLN B 179 -26.12 -24.83 -28.68
C GLN B 179 -26.28 -23.38 -28.25
N PHE B 180 -25.32 -22.88 -27.46
CA PHE B 180 -25.30 -21.49 -27.03
C PHE B 180 -24.36 -20.73 -27.95
N GLU B 181 -24.85 -19.61 -28.50
CA GLU B 181 -24.04 -18.92 -29.49
C GLU B 181 -24.46 -17.45 -29.57
N CYS B 182 -23.77 -16.71 -30.41
CA CYS B 182 -24.03 -15.29 -30.63
C CYS B 182 -24.28 -15.04 -32.11
N LYS B 183 -25.31 -14.27 -32.41
CA LYS B 183 -25.66 -13.92 -33.78
C LYS B 183 -25.82 -12.41 -33.89
N SER B 184 -25.68 -11.91 -35.11
CA SER B 184 -25.81 -10.47 -35.36
C SER B 184 -26.54 -10.27 -36.67
N PHE B 185 -27.18 -9.10 -36.79
CA PHE B 185 -27.91 -8.75 -38.01
C PHE B 185 -26.99 -7.94 -38.91
N GLY B 186 -26.66 -8.52 -40.07
CA GLY B 186 -25.71 -7.91 -40.97
C GLY B 186 -26.33 -6.85 -41.85
N HIS B 187 -25.52 -6.35 -42.78
CA HIS B 187 -25.94 -5.33 -43.74
C HIS B 187 -25.46 -5.74 -45.12
N GLU B 188 -26.06 -5.09 -46.14
CA GLU B 188 -25.77 -5.46 -47.52
C GLU B 188 -24.30 -5.21 -47.87
N VAL B 189 -23.76 -4.08 -47.42
CA VAL B 189 -22.40 -3.71 -47.78
C VAL B 189 -21.49 -3.51 -46.57
N LEU B 190 -22.04 -3.25 -45.39
CA LEU B 190 -21.24 -2.98 -44.20
C LEU B 190 -21.11 -4.25 -43.37
N ASN B 191 -19.88 -4.66 -43.10
CA ASN B 191 -19.59 -5.75 -42.18
C ASN B 191 -19.44 -5.14 -40.80
N LEU B 192 -20.55 -5.06 -40.07
CA LEU B 192 -20.59 -4.31 -38.82
C LEU B 192 -19.66 -4.93 -37.77
N THR B 193 -19.64 -6.25 -37.69
CA THR B 193 -18.96 -6.92 -36.57
C THR B 193 -17.45 -6.78 -36.61
N ARG B 194 -16.86 -6.30 -37.71
CA ARG B 194 -15.41 -6.30 -37.80
C ARG B 194 -14.85 -5.00 -38.36
N ASN B 195 -15.63 -3.92 -38.38
CA ASN B 195 -15.17 -2.66 -38.95
C ASN B 195 -15.34 -1.49 -37.98
N GLY B 196 -15.44 -1.76 -36.69
CA GLY B 196 -15.50 -0.72 -35.68
C GLY B 196 -16.86 -0.14 -35.43
N TYR B 197 -17.89 -0.57 -36.16
CA TYR B 197 -19.23 -0.05 -35.92
C TYR B 197 -19.94 -0.83 -34.82
N GLY B 198 -20.07 -2.14 -34.99
CA GLY B 198 -20.78 -2.96 -34.04
C GLY B 198 -22.28 -2.85 -34.19
N SER B 199 -22.98 -3.79 -33.57
CA SER B 199 -24.44 -3.85 -33.66
C SER B 199 -24.97 -4.68 -32.50
N THR B 200 -26.30 -4.70 -32.39
CA THR B 200 -26.93 -5.51 -31.36
C THR B 200 -26.59 -6.98 -31.55
N GLN B 201 -26.37 -7.67 -30.45
CA GLN B 201 -26.05 -9.10 -30.47
C GLN B 201 -27.19 -9.88 -29.86
N TYR B 202 -27.48 -11.03 -30.46
CA TYR B 202 -28.51 -11.93 -29.97
C TYR B 202 -27.84 -13.17 -29.44
N ILE B 203 -28.04 -13.47 -28.17
CA ILE B 203 -27.37 -14.57 -27.50
C ILE B 203 -28.36 -15.71 -27.35
N ARG B 204 -28.16 -16.77 -28.14
CA ARG B 204 -28.92 -18.00 -27.96
C ARG B 204 -28.37 -18.72 -26.74
N PHE B 205 -29.14 -18.69 -25.65
CA PHE B 205 -28.70 -19.15 -24.35
C PHE B 205 -29.87 -19.74 -23.59
N SER B 206 -29.55 -20.61 -22.64
CA SER B 206 -30.51 -21.17 -21.70
C SER B 206 -29.78 -21.42 -20.39
N PRO B 207 -30.41 -21.14 -19.25
CA PRO B 207 -29.77 -21.39 -17.96
C PRO B 207 -30.09 -22.74 -17.33
N ASP B 208 -31.04 -23.48 -17.88
CA ASP B 208 -31.54 -24.70 -17.24
C ASP B 208 -30.70 -25.93 -17.54
N PHE B 209 -29.77 -25.86 -18.50
CA PHE B 209 -28.94 -27.00 -18.87
C PHE B 209 -27.47 -26.65 -18.72
N THR B 210 -26.67 -27.65 -18.37
CA THR B 210 -25.23 -27.44 -18.25
C THR B 210 -24.48 -28.61 -18.87
N PHE B 211 -23.26 -28.31 -19.31
CA PHE B 211 -22.36 -29.34 -19.79
C PHE B 211 -21.77 -30.13 -18.63
N GLY B 212 -21.28 -31.32 -18.94
CA GLY B 212 -20.57 -32.13 -17.98
C GLY B 212 -19.27 -32.66 -18.56
N PHE B 213 -18.15 -32.25 -17.98
CA PHE B 213 -16.83 -32.59 -18.46
C PHE B 213 -16.10 -33.41 -17.40
N GLU B 214 -14.83 -33.72 -17.68
CA GLU B 214 -14.02 -34.54 -16.79
C GLU B 214 -12.70 -33.83 -16.54
N GLU B 215 -12.30 -33.75 -15.26
CA GLU B 215 -11.06 -33.09 -14.86
C GLU B 215 -10.24 -34.05 -14.02
N SER B 216 -8.97 -34.20 -14.37
CA SER B 216 -8.07 -35.10 -13.66
C SER B 216 -6.81 -34.42 -13.16
N LEU B 217 -6.85 -33.09 -13.00
CA LEU B 217 -5.69 -32.35 -12.49
C LEU B 217 -6.01 -31.63 -11.17
N GLU B 218 -6.98 -32.14 -10.41
CA GLU B 218 -7.34 -31.55 -9.13
C GLU B 218 -6.75 -32.31 -7.95
N VAL B 219 -6.25 -33.53 -8.18
CA VAL B 219 -5.73 -34.37 -7.09
C VAL B 219 -4.58 -33.70 -6.35
N ASP B 220 -3.93 -32.71 -6.97
CA ASP B 220 -2.86 -31.99 -6.29
C ASP B 220 -3.37 -31.27 -5.04
N THR B 221 -4.56 -30.66 -5.14
CA THR B 221 -5.15 -29.93 -4.02
C THR B 221 -5.98 -30.84 -3.12
N ASN B 222 -6.71 -31.80 -3.70
CA ASN B 222 -7.61 -32.68 -2.95
C ASN B 222 -7.27 -34.13 -3.27
N PRO B 223 -6.29 -34.70 -2.56
CA PRO B 223 -5.95 -36.12 -2.80
C PRO B 223 -7.10 -37.07 -2.47
N LEU B 224 -8.07 -36.66 -1.67
CA LEU B 224 -9.21 -37.48 -1.32
C LEU B 224 -10.33 -37.42 -2.35
N LEU B 225 -10.11 -36.72 -3.46
CA LEU B 225 -11.11 -36.64 -4.52
C LEU B 225 -11.42 -38.02 -5.08
N GLY B 226 -12.69 -38.25 -5.41
CA GLY B 226 -13.11 -39.52 -5.95
C GLY B 226 -13.05 -39.55 -7.47
N ALA B 227 -14.21 -39.68 -8.11
CA ALA B 227 -14.27 -39.64 -9.55
C ALA B 227 -14.51 -38.20 -10.03
N GLY B 228 -14.45 -38.00 -11.33
CA GLY B 228 -14.61 -36.67 -11.89
C GLY B 228 -16.05 -36.34 -12.26
N LYS B 229 -16.31 -36.14 -13.55
CA LYS B 229 -17.63 -35.81 -14.05
C LYS B 229 -18.17 -34.55 -13.37
N PHE B 230 -17.49 -33.44 -13.62
CA PHE B 230 -17.86 -32.16 -13.03
C PHE B 230 -18.74 -31.38 -14.00
N ALA B 231 -19.68 -30.62 -13.43
CA ALA B 231 -20.59 -29.80 -14.20
C ALA B 231 -20.08 -28.37 -14.24
N THR B 232 -19.98 -27.81 -15.45
CA THR B 232 -19.53 -26.44 -15.59
C THR B 232 -20.59 -25.47 -15.06
N ASP B 233 -20.15 -24.50 -14.29
CA ASP B 233 -21.04 -23.48 -13.75
C ASP B 233 -21.70 -22.73 -14.91
N PRO B 234 -23.03 -22.66 -14.96
CA PRO B 234 -23.67 -21.90 -16.05
C PRO B 234 -23.29 -20.44 -16.07
N ALA B 235 -22.86 -19.88 -14.94
CA ALA B 235 -22.37 -18.51 -14.94
C ALA B 235 -21.19 -18.34 -15.89
N VAL B 236 -20.29 -19.33 -15.92
CA VAL B 236 -19.13 -19.25 -16.81
C VAL B 236 -19.56 -19.28 -18.27
N THR B 237 -20.54 -20.13 -18.60
CA THR B 237 -21.03 -20.19 -19.98
C THR B 237 -21.68 -18.88 -20.39
N LEU B 238 -22.51 -18.30 -19.52
CA LEU B 238 -23.08 -17.00 -19.82
C LEU B 238 -22.00 -15.94 -19.96
N ALA B 239 -20.92 -16.06 -19.17
CA ALA B 239 -19.81 -15.13 -19.28
C ALA B 239 -19.13 -15.26 -20.64
N HIS B 240 -18.96 -16.49 -21.13
CA HIS B 240 -18.38 -16.69 -22.45
C HIS B 240 -19.25 -16.05 -23.53
N GLN B 241 -20.57 -16.25 -23.42
CA GLN B 241 -21.47 -15.61 -24.38
C GLN B 241 -21.37 -14.10 -24.31
N LEU B 242 -21.28 -13.55 -23.09
CA LEU B 242 -21.16 -12.12 -22.93
C LEU B 242 -19.85 -11.58 -23.50
N ILE B 243 -18.77 -12.35 -23.39
CA ILE B 243 -17.50 -11.90 -23.97
C ILE B 243 -17.59 -11.91 -25.50
N HIS B 244 -18.23 -12.93 -26.07
CA HIS B 244 -18.48 -12.92 -27.50
C HIS B 244 -19.24 -11.66 -27.91
N ALA B 245 -20.32 -11.36 -27.17
CA ALA B 245 -21.07 -10.15 -27.46
C ALA B 245 -20.18 -8.92 -27.37
N GLY B 246 -19.42 -8.79 -26.28
CA GLY B 246 -18.59 -7.61 -26.09
C GLY B 246 -17.58 -7.42 -27.20
N HIS B 247 -17.02 -8.51 -27.70
CA HIS B 247 -16.18 -8.40 -28.88
C HIS B 247 -16.96 -7.88 -30.07
N ARG B 248 -18.21 -8.33 -30.22
CA ARG B 248 -18.96 -7.94 -31.42
C ARG B 248 -19.51 -6.52 -31.36
N LEU B 249 -19.83 -5.98 -30.18
CA LEU B 249 -20.33 -4.61 -30.13
C LEU B 249 -19.28 -3.59 -30.54
N TYR B 250 -18.03 -3.79 -30.14
CA TYR B 250 -16.97 -2.85 -30.52
C TYR B 250 -16.44 -3.13 -31.92
N GLY B 251 -17.07 -4.02 -32.68
CA GLY B 251 -16.67 -4.27 -34.05
C GLY B 251 -15.27 -4.81 -34.19
N ILE B 252 -14.82 -5.62 -33.24
CA ILE B 252 -13.47 -6.15 -33.24
C ILE B 252 -13.46 -7.68 -33.37
N ALA B 253 -14.53 -8.25 -33.90
CA ALA B 253 -14.57 -9.69 -34.10
C ALA B 253 -13.61 -10.09 -35.20
N ILE B 254 -12.95 -11.22 -35.02
CA ILE B 254 -12.02 -11.74 -36.02
C ILE B 254 -12.82 -12.40 -37.14
N ASN B 255 -12.25 -12.39 -38.33
CA ASN B 255 -12.93 -12.98 -39.49
C ASN B 255 -13.22 -14.45 -39.22
N PRO B 256 -14.47 -14.89 -39.36
CA PRO B 256 -14.79 -16.30 -39.13
C PRO B 256 -14.06 -17.26 -40.06
N ASN B 257 -13.73 -16.83 -41.28
CA ASN B 257 -13.01 -17.71 -42.19
C ASN B 257 -11.57 -17.95 -41.75
N ARG B 258 -11.04 -17.15 -40.84
CA ARG B 258 -9.73 -17.41 -40.24
C ARG B 258 -9.91 -18.53 -39.22
N VAL B 259 -9.57 -19.76 -39.63
CA VAL B 259 -9.80 -20.95 -38.82
C VAL B 259 -8.47 -21.60 -38.53
N PHE B 260 -8.31 -22.07 -37.29
CA PHE B 260 -7.09 -22.76 -36.87
C PHE B 260 -7.11 -24.16 -37.46
N LYS B 261 -6.67 -24.26 -38.71
CA LYS B 261 -6.75 -25.50 -39.46
C LYS B 261 -5.84 -26.56 -38.87
N VAL B 262 -6.25 -27.83 -39.03
CA VAL B 262 -5.51 -28.96 -38.52
C VAL B 262 -5.34 -29.99 -39.63
N ASN B 263 -4.33 -30.83 -39.49
CA ASN B 263 -4.08 -31.91 -40.44
C ASN B 263 -4.92 -33.12 -40.07
N THR B 264 -5.53 -33.73 -41.09
CA THR B 264 -6.51 -34.79 -40.88
C THR B 264 -6.20 -36.05 -41.69
N ASN B 265 -5.01 -36.16 -42.27
CA ASN B 265 -4.72 -37.28 -43.15
C ASN B 265 -4.46 -38.58 -42.39
N ALA B 266 -3.77 -38.49 -41.25
CA ALA B 266 -3.32 -39.69 -40.56
C ALA B 266 -4.46 -40.36 -39.80
N TYR B 267 -4.21 -41.61 -39.38
CA TYR B 267 -5.19 -42.35 -38.61
C TYR B 267 -5.33 -41.82 -37.19
N TYR B 268 -4.23 -41.40 -36.58
CA TYR B 268 -4.22 -40.90 -35.21
C TYR B 268 -4.65 -39.45 -35.11
N GLU B 269 -4.78 -38.75 -36.24
CA GLU B 269 -5.17 -37.35 -36.23
C GLU B 269 -6.68 -37.24 -36.18
N MET B 270 -7.15 -36.33 -35.32
CA MET B 270 -8.57 -36.10 -35.18
C MET B 270 -9.17 -35.64 -36.50
N SER B 271 -10.35 -36.17 -36.81
CA SER B 271 -10.89 -36.07 -38.17
C SER B 271 -11.13 -34.63 -38.59
N GLY B 272 -11.62 -33.79 -37.68
CA GLY B 272 -11.81 -32.39 -38.00
C GLY B 272 -12.69 -31.64 -37.04
N LEU B 273 -12.33 -30.38 -36.76
CA LEU B 273 -13.15 -29.52 -35.91
C LEU B 273 -12.75 -28.08 -36.18
N GLU B 274 -13.74 -27.20 -36.29
CA GLU B 274 -13.51 -25.79 -36.54
C GLU B 274 -13.29 -25.09 -35.20
N VAL B 275 -12.25 -24.27 -35.14
CA VAL B 275 -11.96 -23.41 -33.98
C VAL B 275 -11.49 -22.08 -34.55
N SER B 276 -12.38 -21.10 -34.57
CA SER B 276 -12.02 -19.78 -35.06
C SER B 276 -11.16 -19.05 -34.04
N PHE B 277 -10.37 -18.09 -34.54
CA PHE B 277 -9.47 -17.34 -33.67
C PHE B 277 -10.21 -16.52 -32.63
N GLU B 278 -11.47 -16.15 -32.89
CA GLU B 278 -12.25 -15.45 -31.88
C GLU B 278 -12.48 -16.33 -30.66
N GLU B 279 -12.69 -17.63 -30.87
CA GLU B 279 -12.81 -18.54 -29.74
C GLU B 279 -11.51 -18.62 -28.95
N LEU B 280 -10.38 -18.65 -29.65
CA LEU B 280 -9.10 -18.68 -28.96
C LEU B 280 -8.90 -17.42 -28.13
N ARG B 281 -9.29 -16.26 -28.68
CA ARG B 281 -9.17 -15.01 -27.93
C ARG B 281 -10.08 -15.01 -26.70
N THR B 282 -11.33 -15.46 -26.87
CA THR B 282 -12.27 -15.37 -25.76
C THR B 282 -11.99 -16.40 -24.67
N PHE B 283 -11.41 -17.55 -25.03
CA PHE B 283 -11.02 -18.52 -24.00
C PHE B 283 -9.90 -17.95 -23.13
N GLY B 284 -8.92 -17.32 -23.74
CA GLY B 284 -7.85 -16.67 -23.00
C GLY B 284 -6.97 -17.67 -22.25
N GLY B 285 -6.09 -17.11 -21.44
CA GLY B 285 -5.23 -17.92 -20.60
C GLY B 285 -4.33 -18.81 -21.42
N HIS B 286 -4.43 -20.12 -21.17
CA HIS B 286 -3.60 -21.09 -21.87
C HIS B 286 -3.90 -21.10 -23.36
N ASP B 287 -5.18 -21.05 -23.74
CA ASP B 287 -5.54 -21.11 -25.14
C ASP B 287 -5.07 -19.88 -25.90
N ALA B 288 -5.06 -18.72 -25.24
CA ALA B 288 -4.65 -17.49 -25.90
C ALA B 288 -3.21 -17.55 -26.40
N LYS B 289 -2.42 -18.48 -25.90
CA LYS B 289 -1.04 -18.63 -26.33
C LYS B 289 -0.90 -19.44 -27.60
N PHE B 290 -1.99 -19.98 -28.15
CA PHE B 290 -1.93 -20.72 -29.40
C PHE B 290 -1.67 -19.82 -30.60
N ILE B 291 -1.82 -18.51 -30.47
CA ILE B 291 -1.61 -17.57 -31.56
C ILE B 291 -0.29 -16.85 -31.37
N ASP B 292 0.47 -16.70 -32.45
CA ASP B 292 1.74 -16.00 -32.39
C ASP B 292 1.52 -14.49 -32.27
N SER B 293 2.59 -13.80 -31.91
CA SER B 293 2.52 -12.35 -31.74
C SER B 293 2.26 -11.63 -33.06
N LEU B 294 2.67 -12.22 -34.18
CA LEU B 294 2.57 -11.54 -35.46
C LEU B 294 1.11 -11.32 -35.85
N GLN B 295 0.28 -12.37 -35.76
CA GLN B 295 -1.12 -12.22 -36.12
C GLN B 295 -1.83 -11.26 -35.17
N GLU B 296 -1.47 -11.30 -33.89
CA GLU B 296 -2.04 -10.34 -32.94
C GLU B 296 -1.69 -8.91 -33.33
N ASN B 297 -0.44 -8.68 -33.74
CA ASN B 297 -0.04 -7.34 -34.17
C ASN B 297 -0.80 -6.92 -35.41
N GLU B 298 -1.01 -7.86 -36.36
CA GLU B 298 -1.79 -7.54 -37.55
C GLU B 298 -3.21 -7.12 -37.18
N PHE B 299 -3.85 -7.88 -36.28
CA PHE B 299 -5.20 -7.55 -35.86
C PHE B 299 -5.24 -6.18 -35.17
N ARG B 300 -4.26 -5.92 -34.30
CA ARG B 300 -4.22 -4.65 -33.60
C ARG B 300 -4.08 -3.49 -34.58
N LEU B 301 -3.17 -3.62 -35.54
CA LEU B 301 -2.99 -2.56 -36.54
C LEU B 301 -4.25 -2.34 -37.36
N TYR B 302 -4.89 -3.43 -37.78
CA TYR B 302 -6.11 -3.31 -38.58
C TYR B 302 -7.20 -2.59 -37.79
N TYR B 303 -7.38 -2.95 -36.52
CA TYR B 303 -8.42 -2.33 -35.72
C TYR B 303 -8.09 -0.87 -35.42
N TYR B 304 -6.81 -0.54 -35.23
CA TYR B 304 -6.42 0.85 -35.06
C TYR B 304 -6.75 1.66 -36.32
N ASN B 305 -6.46 1.09 -37.49
CA ASN B 305 -6.80 1.79 -38.73
C ASN B 305 -8.30 1.99 -38.86
N LYS B 306 -9.09 0.97 -38.47
CA LYS B 306 -10.55 1.12 -38.56
C LYS B 306 -11.06 2.19 -37.60
N PHE B 307 -10.49 2.27 -36.39
CA PHE B 307 -10.87 3.35 -35.48
C PHE B 307 -10.44 4.71 -36.01
N LYS B 308 -9.29 4.80 -36.66
CA LYS B 308 -8.91 6.05 -37.31
C LYS B 308 -9.94 6.43 -38.37
N ASP B 309 -10.41 5.45 -39.14
CA ASP B 309 -11.42 5.70 -40.16
C ASP B 309 -12.72 6.21 -39.54
N ILE B 310 -13.18 5.57 -38.46
CA ILE B 310 -14.43 5.99 -37.85
C ILE B 310 -14.29 7.38 -37.23
N ALA B 311 -13.12 7.67 -36.64
CA ALA B 311 -12.88 9.01 -36.12
C ALA B 311 -12.90 10.04 -37.24
N SER B 312 -12.29 9.72 -38.39
CA SER B 312 -12.32 10.64 -39.52
C SER B 312 -13.74 10.88 -40.01
N THR B 313 -14.55 9.81 -40.08
CA THR B 313 -15.94 9.97 -40.50
C THR B 313 -16.71 10.84 -39.53
N LEU B 314 -16.49 10.64 -38.22
CA LEU B 314 -17.17 11.45 -37.23
C LEU B 314 -16.75 12.91 -37.33
N ASN B 315 -15.47 13.16 -37.60
CA ASN B 315 -15.01 14.52 -37.84
C ASN B 315 -15.70 15.13 -39.05
N LYS B 316 -15.81 14.36 -40.13
CA LYS B 316 -16.40 14.90 -41.36
C LYS B 316 -17.87 15.25 -41.16
N ALA B 317 -18.61 14.41 -40.45
CA ALA B 317 -20.05 14.60 -40.32
C ALA B 317 -20.40 15.86 -39.53
N LYS B 318 -21.37 16.61 -40.05
CA LYS B 318 -21.87 17.80 -39.36
C LYS B 318 -23.39 17.86 -39.33
N SER B 319 -24.06 16.73 -39.53
CA SER B 319 -25.52 16.73 -39.60
C SER B 319 -26.05 15.39 -39.08
N ILE B 320 -27.34 15.39 -38.73
CA ILE B 320 -28.03 14.19 -38.29
C ILE B 320 -29.50 14.34 -38.63
N VAL B 321 -30.12 13.23 -39.05
CA VAL B 321 -31.53 13.20 -39.43
C VAL B 321 -32.17 11.98 -38.79
N GLY B 322 -33.32 12.19 -38.16
CA GLY B 322 -34.08 11.09 -37.60
C GLY B 322 -34.07 10.99 -36.09
N THR B 323 -33.59 12.02 -35.38
CA THR B 323 -33.48 11.96 -33.93
C THR B 323 -33.72 13.36 -33.39
N THR B 324 -34.06 13.44 -32.10
CA THR B 324 -34.39 14.69 -31.43
C THR B 324 -33.16 15.34 -30.79
N ALA B 325 -32.34 14.56 -30.10
CA ALA B 325 -31.25 15.11 -29.33
C ALA B 325 -30.19 15.72 -30.25
N SER B 326 -29.30 16.49 -29.63
CA SER B 326 -28.27 17.22 -30.36
C SER B 326 -27.23 16.26 -30.95
N LEU B 327 -26.64 16.69 -32.08
CA LEU B 327 -25.50 15.96 -32.63
C LEU B 327 -24.35 15.94 -31.64
N GLN B 328 -24.19 17.01 -30.86
CA GLN B 328 -23.10 17.07 -29.89
C GLN B 328 -23.25 16.00 -28.82
N TYR B 329 -24.49 15.74 -28.38
CA TYR B 329 -24.70 14.72 -27.36
C TYR B 329 -24.32 13.33 -27.86
N MET B 330 -24.71 13.00 -29.09
CA MET B 330 -24.36 11.69 -29.63
C MET B 330 -22.87 11.60 -29.90
N LYS B 331 -22.24 12.70 -30.31
CA LYS B 331 -20.79 12.69 -30.47
C LYS B 331 -20.10 12.48 -29.13
N ASN B 332 -20.63 13.07 -28.06
CA ASN B 332 -20.08 12.84 -26.73
C ASN B 332 -20.22 11.38 -26.32
N VAL B 333 -21.39 10.80 -26.58
CA VAL B 333 -21.62 9.39 -26.25
C VAL B 333 -20.61 8.51 -27.00
N PHE B 334 -20.41 8.78 -28.29
CA PHE B 334 -19.52 7.94 -29.08
C PHE B 334 -18.06 8.16 -28.69
N LYS B 335 -17.67 9.39 -28.37
CA LYS B 335 -16.30 9.64 -27.96
C LYS B 335 -16.01 9.00 -26.61
N GLU B 336 -17.03 8.86 -25.76
CA GLU B 336 -16.84 8.10 -24.52
C GLU B 336 -16.77 6.61 -24.79
N LYS B 337 -17.59 6.12 -25.72
CA LYS B 337 -17.57 4.69 -26.05
C LYS B 337 -16.24 4.27 -26.63
N TYR B 338 -15.68 5.07 -27.54
CA TYR B 338 -14.44 4.74 -28.21
C TYR B 338 -13.22 5.38 -27.57
N LEU B 339 -13.41 6.11 -26.48
CA LEU B 339 -12.31 6.75 -25.74
C LEU B 339 -11.47 7.65 -26.65
N LEU B 340 -12.15 8.38 -27.53
CA LEU B 340 -11.44 9.30 -28.42
C LEU B 340 -11.14 10.61 -27.70
N SER B 341 -10.23 11.38 -28.28
CA SER B 341 -9.79 12.65 -27.73
C SER B 341 -9.98 13.75 -28.77
N GLU B 342 -10.55 14.87 -28.36
CA GLU B 342 -10.77 16.03 -29.21
C GLU B 342 -9.99 17.21 -28.65
N ASP B 343 -9.21 17.86 -29.50
CA ASP B 343 -8.30 18.93 -29.07
C ASP B 343 -8.95 20.30 -29.18
N THR B 344 -10.14 20.46 -28.60
CA THR B 344 -10.88 21.72 -28.48
C THR B 344 -11.15 22.38 -29.84
N SER B 345 -10.91 21.66 -30.94
CA SER B 345 -11.09 22.21 -32.29
C SER B 345 -12.04 21.37 -33.13
N GLY B 346 -12.84 20.52 -32.49
CA GLY B 346 -13.73 19.64 -33.23
C GLY B 346 -12.99 18.67 -34.13
N LYS B 347 -11.75 18.37 -33.80
CA LYS B 347 -10.90 17.50 -34.61
C LYS B 347 -10.59 16.27 -33.77
N PHE B 348 -11.46 15.26 -33.87
CA PHE B 348 -11.29 14.06 -33.07
C PHE B 348 -10.02 13.33 -33.44
N SER B 349 -9.41 12.68 -32.44
CA SER B 349 -8.21 11.89 -32.65
C SER B 349 -8.14 10.82 -31.57
N VAL B 350 -7.57 9.68 -31.93
CA VAL B 350 -7.33 8.60 -30.98
C VAL B 350 -5.85 8.57 -30.65
N ASP B 351 -5.55 8.30 -29.38
CA ASP B 351 -4.18 8.20 -28.90
C ASP B 351 -3.81 6.73 -28.76
N LYS B 352 -2.57 6.40 -29.11
CA LYS B 352 -2.13 5.01 -29.09
C LYS B 352 -2.22 4.42 -27.69
N LEU B 353 -2.01 5.25 -26.66
CA LEU B 353 -2.04 4.75 -25.29
C LEU B 353 -3.44 4.30 -24.90
N LYS B 354 -4.44 5.17 -25.11
CA LYS B 354 -5.80 4.82 -24.72
C LYS B 354 -6.36 3.71 -25.62
N PHE B 355 -6.02 3.74 -26.90
CA PHE B 355 -6.41 2.64 -27.79
C PHE B 355 -5.84 1.32 -27.30
N ASP B 356 -4.56 1.31 -26.92
CA ASP B 356 -3.94 0.10 -26.41
C ASP B 356 -4.62 -0.36 -25.13
N LYS B 357 -4.92 0.58 -24.23
CA LYS B 357 -5.58 0.21 -22.99
C LYS B 357 -6.94 -0.41 -23.25
N LEU B 358 -7.73 0.20 -24.12
CA LEU B 358 -9.06 -0.33 -24.43
C LEU B 358 -8.97 -1.68 -25.10
N TYR B 359 -8.03 -1.84 -26.04
CA TYR B 359 -7.87 -3.12 -26.74
C TYR B 359 -7.46 -4.21 -25.77
N LYS B 360 -6.55 -3.91 -24.85
CA LYS B 360 -6.15 -4.89 -23.84
C LYS B 360 -7.31 -5.23 -22.93
N MET B 361 -8.11 -4.23 -22.55
CA MET B 361 -9.26 -4.48 -21.68
C MET B 361 -10.27 -5.39 -22.36
N LEU B 362 -10.53 -5.17 -23.65
CA LEU B 362 -11.52 -5.98 -24.35
C LEU B 362 -10.98 -7.36 -24.69
N THR B 363 -9.68 -7.47 -24.95
CA THR B 363 -9.10 -8.72 -25.43
C THR B 363 -8.51 -9.56 -24.29
N GLU B 364 -7.53 -9.01 -23.57
CA GLU B 364 -6.77 -9.80 -22.61
C GLU B 364 -7.43 -9.85 -21.23
N ILE B 365 -8.10 -8.76 -20.83
CA ILE B 365 -8.73 -8.75 -19.51
C ILE B 365 -10.00 -9.58 -19.50
N TYR B 366 -10.85 -9.41 -20.51
CA TYR B 366 -12.14 -10.11 -20.56
C TYR B 366 -11.90 -11.50 -21.18
N THR B 367 -11.64 -12.47 -20.33
CA THR B 367 -11.40 -13.84 -20.75
C THR B 367 -12.20 -14.80 -19.86
N GLU B 368 -12.45 -15.99 -20.40
CA GLU B 368 -13.11 -17.02 -19.61
C GLU B 368 -12.26 -17.46 -18.43
N ASP B 369 -10.94 -17.53 -18.64
CA ASP B 369 -10.05 -18.01 -17.58
C ASP B 369 -10.07 -17.09 -16.37
N ASN B 370 -10.09 -15.77 -16.61
CA ASN B 370 -10.10 -14.83 -15.49
C ASN B 370 -11.39 -14.94 -14.69
N PHE B 371 -12.52 -15.10 -15.38
CA PHE B 371 -13.79 -15.31 -14.68
C PHE B 371 -13.77 -16.60 -13.88
N VAL B 372 -13.19 -17.67 -14.44
CA VAL B 372 -13.10 -18.92 -13.70
C VAL B 372 -12.25 -18.73 -12.45
N LYS B 373 -11.14 -18.01 -12.57
CA LYS B 373 -10.28 -17.76 -11.41
C LYS B 373 -11.02 -16.95 -10.35
N PHE B 374 -11.76 -15.91 -10.77
CA PHE B 374 -12.46 -15.07 -9.80
C PHE B 374 -13.60 -15.81 -9.12
N PHE B 375 -14.34 -16.63 -9.88
CA PHE B 375 -15.48 -17.35 -9.33
C PHE B 375 -15.07 -18.54 -8.47
N LYS B 376 -13.83 -19.03 -8.62
CA LYS B 376 -13.34 -20.21 -7.91
C LYS B 376 -14.25 -21.42 -8.17
N VAL B 377 -14.38 -21.75 -9.46
CA VAL B 377 -15.20 -22.87 -9.91
C VAL B 377 -14.40 -23.68 -10.91
N LEU B 378 -14.77 -24.95 -11.06
CA LEU B 378 -14.09 -25.81 -12.02
C LEU B 378 -14.39 -25.40 -13.46
N ASN B 379 -13.39 -25.59 -14.32
CA ASN B 379 -13.53 -25.44 -15.75
C ASN B 379 -12.36 -26.12 -16.43
N ALA B 380 -12.60 -26.62 -17.64
CA ALA B 380 -11.52 -27.20 -18.42
C ALA B 380 -10.48 -26.13 -18.74
N LYS B 381 -9.21 -26.46 -18.53
CA LYS B 381 -8.14 -25.50 -18.79
C LYS B 381 -7.93 -25.29 -20.28
N THR B 382 -8.31 -26.26 -21.11
CA THR B 382 -8.17 -26.16 -22.55
C THR B 382 -9.49 -26.56 -23.20
N PHE B 383 -9.71 -26.06 -24.41
CA PHE B 383 -10.91 -26.44 -25.14
C PHE B 383 -10.83 -27.88 -25.65
N LEU B 384 -9.67 -28.52 -25.57
CA LEU B 384 -9.56 -29.91 -25.98
C LEU B 384 -10.37 -30.84 -25.11
N ASN B 385 -10.53 -30.50 -23.82
CA ASN B 385 -11.30 -31.32 -22.89
C ASN B 385 -12.77 -31.17 -23.23
N PHE B 386 -13.20 -31.92 -24.24
CA PHE B 386 -14.56 -31.81 -24.76
C PHE B 386 -15.56 -32.28 -23.71
N ASP B 387 -16.69 -31.57 -23.66
CA ASP B 387 -17.74 -31.90 -22.71
C ASP B 387 -18.35 -33.25 -23.04
N LYS B 388 -18.74 -33.99 -22.00
CA LYS B 388 -19.12 -35.38 -22.17
C LYS B 388 -20.51 -35.74 -21.69
N ALA B 389 -21.29 -34.79 -21.17
CA ALA B 389 -22.65 -35.10 -20.74
C ALA B 389 -23.48 -33.84 -20.74
N VAL B 390 -24.80 -34.02 -20.68
CA VAL B 390 -25.76 -32.94 -20.53
C VAL B 390 -26.50 -33.15 -19.21
N PHE B 391 -26.54 -32.11 -18.38
CA PHE B 391 -27.15 -32.20 -17.06
C PHE B 391 -28.25 -31.16 -16.94
N LYS B 392 -29.46 -31.63 -16.66
CA LYS B 392 -30.56 -30.76 -16.28
C LYS B 392 -30.38 -30.32 -14.84
N ILE B 393 -30.54 -29.03 -14.59
CA ILE B 393 -30.33 -28.41 -13.30
C ILE B 393 -31.54 -27.55 -12.96
N ASN B 394 -31.56 -27.04 -11.74
CA ASN B 394 -32.58 -26.08 -11.29
C ASN B 394 -31.87 -24.97 -10.54
N ILE B 395 -32.07 -23.73 -10.99
CA ILE B 395 -31.38 -22.58 -10.43
C ILE B 395 -32.31 -21.69 -9.61
N VAL B 396 -33.61 -21.69 -9.90
CA VAL B 396 -34.51 -20.74 -9.24
C VAL B 396 -34.47 -20.85 -7.73
N PRO B 397 -34.61 -22.03 -7.11
CA PRO B 397 -34.53 -22.09 -5.64
C PRO B 397 -33.14 -21.72 -5.14
N LYS B 398 -33.10 -21.06 -3.99
CA LYS B 398 -31.84 -20.65 -3.41
C LYS B 398 -31.16 -21.78 -2.64
N VAL B 399 -31.88 -22.85 -2.33
CA VAL B 399 -31.30 -23.96 -1.59
C VAL B 399 -30.39 -24.81 -2.47
N ASN B 400 -30.43 -24.61 -3.79
CA ASN B 400 -29.59 -25.37 -4.71
C ASN B 400 -28.42 -24.57 -5.26
N TYR B 401 -28.61 -23.27 -5.50
CA TYR B 401 -27.59 -22.46 -6.15
C TYR B 401 -27.55 -21.12 -5.40
N THR B 402 -26.53 -20.95 -4.57
CA THR B 402 -26.48 -19.78 -3.70
C THR B 402 -26.25 -18.52 -4.51
N ILE B 403 -26.71 -17.40 -3.96
CA ILE B 403 -26.72 -16.14 -4.70
C ILE B 403 -25.30 -15.65 -4.95
N TYR B 404 -24.37 -16.00 -4.06
CA TYR B 404 -23.01 -15.45 -4.13
C TYR B 404 -22.02 -16.45 -4.71
N ASP B 405 -21.88 -17.61 -4.06
CA ASP B 405 -20.77 -18.53 -4.33
C ASP B 405 -21.14 -19.66 -5.28
N GLY B 406 -22.26 -19.55 -6.00
CA GLY B 406 -22.55 -20.55 -7.00
C GLY B 406 -23.05 -21.86 -6.41
N PHE B 407 -22.62 -22.96 -7.03
CA PHE B 407 -23.01 -24.27 -6.52
C PHE B 407 -22.29 -24.61 -5.23
N ASN B 408 -21.14 -23.99 -4.97
CA ASN B 408 -20.37 -24.25 -3.76
C ASN B 408 -20.91 -23.40 -2.61
N LEU B 409 -22.03 -23.86 -2.05
CA LEU B 409 -22.61 -23.22 -0.89
C LEU B 409 -21.64 -23.24 0.29
N ARG B 410 -21.46 -22.08 0.91
CA ARG B 410 -20.61 -21.98 2.08
C ARG B 410 -21.27 -22.68 3.28
N ASN B 411 -20.43 -23.00 4.27
CA ASN B 411 -20.83 -23.60 5.54
C ASN B 411 -21.36 -25.01 5.41
N THR B 412 -21.36 -25.59 4.21
CA THR B 412 -21.85 -26.94 3.99
C THR B 412 -20.71 -27.82 3.50
N ASN B 413 -20.99 -29.13 3.45
CA ASN B 413 -19.99 -30.08 2.96
C ASN B 413 -19.64 -29.83 1.51
N LEU B 414 -20.52 -29.20 0.75
CA LEU B 414 -20.27 -28.95 -0.67
C LEU B 414 -19.21 -27.89 -0.90
N ALA B 415 -19.01 -26.98 0.05
CA ALA B 415 -18.02 -25.92 -0.12
C ALA B 415 -16.61 -26.50 -0.21
N ALA B 416 -16.30 -27.47 0.65
CA ALA B 416 -14.96 -28.03 0.68
C ALA B 416 -14.69 -28.86 -0.56
N ASN B 417 -13.45 -28.78 -1.04
CA ASN B 417 -12.94 -29.60 -2.14
C ASN B 417 -13.69 -29.35 -3.45
N PHE B 418 -14.39 -28.22 -3.56
CA PHE B 418 -15.19 -27.89 -4.74
C PHE B 418 -16.19 -29.01 -5.04
N ASN B 419 -16.78 -29.57 -3.99
CA ASN B 419 -17.68 -30.70 -4.14
C ASN B 419 -19.00 -30.29 -4.80
N GLY B 420 -19.31 -29.00 -4.85
CA GLY B 420 -20.57 -28.57 -5.43
C GLY B 420 -20.71 -28.97 -6.88
N GLN B 421 -19.63 -28.85 -7.66
CA GLN B 421 -19.66 -29.17 -9.08
C GLN B 421 -19.51 -30.66 -9.35
N ASN B 422 -19.25 -31.47 -8.32
CA ASN B 422 -19.09 -32.90 -8.50
C ASN B 422 -20.47 -33.56 -8.52
N THR B 423 -20.78 -34.25 -9.62
CA THR B 423 -22.10 -34.85 -9.78
C THR B 423 -22.33 -35.98 -8.78
N GLU B 424 -21.32 -36.82 -8.58
CA GLU B 424 -21.52 -38.02 -7.75
C GLU B 424 -21.77 -37.70 -6.28
N ILE B 425 -21.45 -36.49 -5.83
CA ILE B 425 -21.83 -36.04 -4.50
C ILE B 425 -23.13 -35.24 -4.53
N ASN B 426 -23.17 -34.17 -5.33
CA ASN B 426 -24.34 -33.30 -5.42
C ASN B 426 -25.31 -33.84 -6.47
N ASN B 427 -25.68 -35.10 -6.31
CA ASN B 427 -26.47 -35.77 -7.34
C ASN B 427 -27.92 -35.32 -7.36
N MET B 428 -28.45 -34.84 -6.24
CA MET B 428 -29.83 -34.37 -6.22
C MET B 428 -30.03 -33.09 -7.00
N ASN B 429 -28.95 -32.40 -7.39
CA ASN B 429 -29.06 -31.17 -8.16
C ASN B 429 -28.96 -31.37 -9.65
N PHE B 430 -28.22 -32.38 -10.12
CA PHE B 430 -27.98 -32.61 -11.53
C PHE B 430 -28.64 -33.92 -11.95
N THR B 431 -29.34 -33.89 -13.08
CA THR B 431 -29.91 -35.10 -13.66
C THR B 431 -29.35 -35.30 -15.06
N LYS B 432 -28.83 -36.49 -15.33
CA LYS B 432 -28.19 -36.78 -16.61
C LYS B 432 -29.23 -36.94 -17.70
N LEU B 433 -28.91 -36.47 -18.90
CA LEU B 433 -29.76 -36.65 -20.06
C LEU B 433 -29.02 -37.40 -21.16
N LYS B 434 -29.79 -38.06 -22.02
CA LYS B 434 -29.25 -38.82 -23.13
C LYS B 434 -28.97 -37.89 -24.30
N ASN B 435 -27.70 -37.64 -24.57
CA ASN B 435 -27.35 -36.83 -25.74
C ASN B 435 -27.69 -37.58 -27.03
N PHE B 436 -28.17 -36.84 -28.02
CA PHE B 436 -28.63 -37.44 -29.27
C PHE B 436 -27.52 -37.62 -30.28
N THR B 437 -26.29 -37.23 -29.96
CA THR B 437 -25.14 -37.59 -30.78
C THR B 437 -24.72 -39.00 -30.39
N GLY B 438 -24.60 -39.88 -31.38
CA GLY B 438 -24.26 -41.26 -31.10
C GLY B 438 -22.87 -41.39 -30.50
N LEU B 439 -22.70 -42.39 -29.63
CA LEU B 439 -21.40 -42.63 -29.05
C LEU B 439 -20.36 -42.97 -30.11
N PHE B 440 -20.79 -43.52 -31.23
CA PHE B 440 -19.92 -43.87 -32.33
C PHE B 440 -20.53 -43.47 -33.66
N GLU B 441 -21.24 -42.34 -33.70
CA GLU B 441 -21.79 -41.86 -34.97
C GLU B 441 -20.69 -41.31 -35.88
N PHE B 442 -19.82 -40.46 -35.33
CA PHE B 442 -18.66 -39.96 -36.05
C PHE B 442 -17.46 -40.79 -35.61
N TYR B 443 -16.98 -41.65 -36.50
CA TYR B 443 -16.02 -42.67 -36.10
C TYR B 443 -15.03 -42.93 -37.22
N LYS B 444 -13.89 -43.49 -36.83
CA LYS B 444 -12.87 -43.94 -37.75
C LYS B 444 -12.62 -45.43 -37.54
N LEU B 445 -12.17 -46.10 -38.59
CA LEU B 445 -11.94 -47.54 -38.56
C LEU B 445 -10.44 -47.82 -38.58
N LEU B 446 -10.00 -48.70 -37.68
CA LEU B 446 -8.62 -49.14 -37.62
C LEU B 446 -8.57 -50.65 -37.76
N CYS B 447 -7.66 -51.15 -38.60
CA CYS B 447 -7.58 -52.58 -38.86
C CYS B 447 -6.12 -52.99 -38.91
N VAL B 448 -5.89 -54.28 -38.71
CA VAL B 448 -4.55 -54.85 -38.76
C VAL B 448 -4.57 -56.15 -39.55
N LEU B 470 -9.30 -58.36 -37.90
CA LEU B 470 -9.39 -57.68 -36.61
C LEU B 470 -9.50 -56.18 -36.80
N CYS B 471 -10.74 -55.68 -36.78
CA CYS B 471 -11.03 -54.28 -37.01
C CYS B 471 -11.77 -53.69 -35.81
N ILE B 472 -11.47 -52.42 -35.51
CA ILE B 472 -12.09 -51.69 -34.41
C ILE B 472 -12.52 -50.32 -34.90
N LYS B 473 -13.44 -49.72 -34.15
CA LYS B 473 -13.93 -48.38 -34.42
C LYS B 473 -13.55 -47.45 -33.27
N VAL B 474 -13.30 -46.19 -33.61
CA VAL B 474 -12.88 -45.19 -32.63
C VAL B 474 -13.75 -43.95 -32.78
N ASN B 475 -14.20 -43.40 -31.66
CA ASN B 475 -14.93 -42.14 -31.67
C ASN B 475 -13.99 -41.01 -32.09
N ASN B 476 -14.55 -40.01 -32.79
CA ASN B 476 -13.72 -38.95 -33.35
C ASN B 476 -13.05 -38.12 -32.27
N TRP B 477 -13.78 -37.81 -31.19
CA TRP B 477 -13.29 -36.87 -30.19
C TRP B 477 -12.28 -37.48 -29.21
N ASP B 478 -11.74 -38.65 -29.51
CA ASP B 478 -10.75 -39.29 -28.66
C ASP B 478 -9.43 -39.47 -29.41
N LEU B 479 -9.09 -38.55 -30.28
CA LEU B 479 -7.88 -38.63 -31.08
C LEU B 479 -6.99 -37.43 -30.80
N PHE B 480 -5.76 -37.52 -31.28
CA PHE B 480 -4.79 -36.45 -31.09
C PHE B 480 -5.19 -35.21 -31.87
N PHE B 481 -4.80 -34.06 -31.34
CA PHE B 481 -5.03 -32.77 -31.98
C PHE B 481 -3.72 -32.34 -32.63
N SER B 482 -3.70 -32.30 -33.96
CA SER B 482 -2.48 -32.01 -34.71
C SER B 482 -2.63 -30.70 -35.46
N PRO B 483 -2.19 -29.57 -34.89
CA PRO B 483 -2.25 -28.31 -35.64
C PRO B 483 -1.30 -28.32 -36.82
N SER B 484 -1.70 -27.61 -37.87
CA SER B 484 -0.88 -27.53 -39.07
C SER B 484 0.19 -26.44 -38.91
N GLU B 485 1.22 -26.53 -39.75
CA GLU B 485 2.31 -25.56 -39.70
C GLU B 485 1.90 -24.20 -40.23
N ASP B 486 0.88 -24.14 -41.07
CA ASP B 486 0.50 -22.87 -41.70
C ASP B 486 0.00 -21.86 -40.70
N ASN B 487 -0.50 -22.32 -39.55
CA ASN B 487 -1.09 -21.42 -38.56
C ASN B 487 -0.07 -20.57 -37.82
N PHE B 488 1.23 -20.83 -38.01
CA PHE B 488 2.28 -20.11 -37.29
C PHE B 488 3.25 -19.50 -38.29
N THR B 489 3.57 -18.23 -38.11
CA THR B 489 4.43 -17.49 -39.01
C THR B 489 5.45 -16.69 -38.22
N ASN B 490 6.52 -16.29 -38.90
CA ASN B 490 7.60 -15.54 -38.28
C ASN B 490 8.08 -14.45 -39.23
N ASP B 491 8.42 -13.28 -38.67
CA ASP B 491 9.10 -12.22 -39.39
C ASP B 491 10.57 -12.15 -39.03
N LEU B 492 11.16 -13.28 -38.60
CA LEU B 492 12.53 -13.27 -38.13
C LEU B 492 13.51 -12.88 -39.23
N ASN B 493 13.24 -13.31 -40.46
CA ASN B 493 14.18 -13.06 -41.56
C ASN B 493 14.25 -11.60 -41.94
N LYS B 494 13.18 -10.84 -41.71
CA LYS B 494 13.15 -9.44 -42.11
C LYS B 494 14.19 -8.64 -41.34
N GLY B 495 15.03 -7.91 -42.07
CA GLY B 495 16.04 -7.09 -41.44
C GLY B 495 15.45 -5.87 -40.78
N GLU B 496 16.23 -5.27 -39.88
CA GLU B 496 15.76 -4.14 -39.11
C GLU B 496 16.83 -3.05 -39.06
N GLU B 497 16.40 -1.81 -39.13
CA GLU B 497 17.26 -0.64 -38.98
C GLU B 497 16.86 0.14 -37.73
N ILE B 498 17.86 0.66 -37.03
CA ILE B 498 17.63 1.39 -35.78
C ILE B 498 17.96 2.86 -36.01
N THR B 499 17.04 3.74 -35.61
CA THR B 499 17.26 5.17 -35.61
C THR B 499 17.58 5.63 -34.20
N SER B 500 17.62 6.96 -34.00
CA SER B 500 18.01 7.51 -32.71
C SER B 500 17.06 7.07 -31.59
N ASP B 501 15.76 7.11 -31.84
CA ASP B 501 14.75 6.78 -30.84
C ASP B 501 13.87 5.67 -31.38
N THR B 502 14.13 4.45 -30.90
CA THR B 502 13.31 3.28 -31.22
C THR B 502 13.04 2.51 -29.93
N ASN B 503 11.90 1.84 -29.88
CA ASN B 503 11.52 1.06 -28.70
C ASN B 503 10.54 -0.05 -29.06
N LEU B 513 -3.39 -10.95 -11.01
CA LEU B 513 -4.61 -10.57 -10.30
C LEU B 513 -4.66 -9.06 -10.08
N ASP B 514 -3.53 -8.50 -9.67
CA ASP B 514 -3.48 -7.10 -9.27
C ASP B 514 -3.88 -6.16 -10.41
N LEU B 515 -3.39 -6.43 -11.63
CA LEU B 515 -3.67 -5.52 -12.73
C LEU B 515 -5.17 -5.36 -12.96
N ILE B 516 -5.96 -6.38 -12.61
CA ILE B 516 -7.41 -6.24 -12.68
C ILE B 516 -7.89 -5.15 -11.73
N GLN B 517 -7.38 -5.13 -10.49
CA GLN B 517 -7.80 -4.09 -9.57
C GLN B 517 -7.30 -2.71 -9.99
N GLN B 518 -6.09 -2.61 -10.53
CA GLN B 518 -5.67 -1.29 -11.03
C GLN B 518 -6.56 -0.83 -12.19
N TYR B 519 -6.93 -1.73 -13.10
CA TYR B 519 -7.84 -1.34 -14.17
C TYR B 519 -9.19 -0.94 -13.62
N TYR B 520 -9.68 -1.67 -12.60
CA TYR B 520 -10.95 -1.33 -11.99
C TYR B 520 -10.91 0.04 -11.32
N LEU B 521 -9.82 0.35 -10.61
CA LEU B 521 -9.67 1.66 -10.01
C LEU B 521 -9.62 2.75 -11.06
N THR B 522 -8.87 2.53 -12.15
CA THR B 522 -8.80 3.51 -13.22
C THR B 522 -10.10 3.59 -14.01
N PHE B 523 -10.93 2.55 -13.95
CA PHE B 523 -12.12 2.47 -14.79
C PHE B 523 -13.11 3.57 -14.43
N ASN B 524 -13.87 3.99 -15.43
CA ASN B 524 -14.84 5.07 -15.31
C ASN B 524 -16.22 4.50 -15.06
N PHE B 525 -17.06 5.28 -14.37
CA PHE B 525 -18.43 4.88 -14.11
C PHE B 525 -19.38 6.06 -14.22
N ASP B 526 -20.65 5.85 -13.87
CA ASP B 526 -21.71 6.85 -13.82
C ASP B 526 -22.04 7.46 -15.17
N ASN B 527 -21.43 6.97 -16.25
CA ASN B 527 -21.67 7.51 -17.60
C ASN B 527 -22.28 6.41 -18.45
N GLU B 528 -23.60 6.26 -18.37
CA GLU B 528 -24.35 5.34 -19.23
C GLU B 528 -25.26 6.16 -20.12
N PRO B 529 -25.09 6.10 -21.45
CA PRO B 529 -25.95 6.90 -22.35
C PRO B 529 -27.43 6.69 -22.08
N GLU B 530 -28.16 7.79 -21.94
CA GLU B 530 -29.57 7.72 -21.62
C GLU B 530 -30.39 7.25 -22.81
N ASN B 531 -31.57 6.73 -22.53
CA ASN B 531 -32.48 6.31 -23.58
C ASN B 531 -32.85 7.48 -24.47
N ILE B 532 -32.91 7.24 -25.78
CA ILE B 532 -33.02 8.29 -26.76
C ILE B 532 -34.31 8.13 -27.54
N SER B 533 -34.89 9.27 -27.95
CA SER B 533 -36.07 9.27 -28.80
C SER B 533 -35.66 9.27 -30.26
N ILE B 534 -36.28 8.37 -31.03
CA ILE B 534 -36.00 8.21 -32.45
C ILE B 534 -37.33 8.21 -33.20
N GLU B 535 -37.31 8.64 -34.46
CA GLU B 535 -38.48 8.46 -35.30
C GLU B 535 -38.69 6.97 -35.56
N ASN B 536 -39.92 6.51 -35.40
CA ASN B 536 -40.21 5.09 -35.52
C ASN B 536 -40.03 4.62 -36.95
N LEU B 537 -39.54 3.40 -37.11
CA LEU B 537 -39.36 2.80 -38.42
C LEU B 537 -40.66 2.11 -38.85
N SER B 538 -40.58 1.33 -39.92
CA SER B 538 -41.76 0.68 -40.47
C SER B 538 -42.32 -0.37 -39.51
N SER B 539 -43.48 -0.91 -39.88
CA SER B 539 -44.10 -1.95 -39.06
C SER B 539 -43.22 -3.20 -38.99
N ASP B 540 -42.62 -3.58 -40.12
CA ASP B 540 -41.73 -4.72 -40.18
C ASP B 540 -40.31 -4.25 -40.44
N ILE B 541 -39.38 -4.77 -39.66
CA ILE B 541 -37.96 -4.44 -39.78
C ILE B 541 -37.31 -5.55 -40.59
N ILE B 542 -37.08 -5.30 -41.88
CA ILE B 542 -36.42 -6.31 -42.71
C ILE B 542 -34.95 -6.40 -42.33
N GLY B 543 -34.38 -7.58 -42.54
CA GLY B 543 -32.97 -7.79 -42.24
C GLY B 543 -32.56 -9.25 -42.32
N GLN B 544 -31.33 -9.49 -42.74
CA GLN B 544 -30.77 -10.84 -42.83
C GLN B 544 -29.67 -10.99 -41.80
N LEU B 545 -29.59 -12.19 -41.20
CA LEU B 545 -28.53 -12.48 -40.26
C LEU B 545 -27.18 -12.44 -40.96
N GLU B 546 -26.14 -12.14 -40.19
CA GLU B 546 -24.79 -12.16 -40.75
C GLU B 546 -24.48 -13.53 -41.33
N LEU B 547 -23.99 -13.54 -42.56
CA LEU B 547 -23.76 -14.80 -43.26
C LEU B 547 -22.61 -15.56 -42.62
N MET B 548 -22.86 -16.82 -42.29
CA MET B 548 -21.78 -17.64 -41.77
C MET B 548 -21.11 -18.40 -42.91
N PRO B 549 -19.79 -18.52 -42.90
CA PRO B 549 -19.11 -19.29 -43.95
C PRO B 549 -19.52 -20.75 -43.91
N ASN B 550 -19.52 -21.38 -45.08
CA ASN B 550 -19.95 -22.75 -45.21
C ASN B 550 -18.86 -23.70 -44.72
N ILE B 551 -19.26 -24.73 -43.97
CA ILE B 551 -18.35 -25.77 -43.52
C ILE B 551 -18.82 -27.09 -44.13
N GLU B 552 -17.96 -27.71 -44.91
CA GLU B 552 -18.29 -29.00 -45.51
C GLU B 552 -18.24 -30.10 -44.46
N ARG B 553 -19.15 -31.06 -44.61
CA ARG B 553 -19.27 -32.16 -43.64
C ARG B 553 -18.06 -33.07 -43.76
N PHE B 554 -17.39 -33.30 -42.64
CA PHE B 554 -16.16 -34.08 -42.64
C PHE B 554 -16.48 -35.55 -42.85
N PRO B 555 -15.65 -36.26 -43.62
CA PRO B 555 -15.99 -37.65 -43.97
C PRO B 555 -16.01 -38.56 -42.75
N ASN B 556 -16.90 -39.56 -42.80
CA ASN B 556 -17.12 -40.49 -41.71
C ASN B 556 -16.89 -41.91 -42.20
N GLY B 557 -16.38 -42.75 -41.31
CA GLY B 557 -16.15 -44.14 -41.64
C GLY B 557 -14.91 -44.43 -42.46
N LYS B 558 -13.87 -43.60 -42.33
CA LYS B 558 -12.64 -43.84 -43.07
C LYS B 558 -11.94 -45.09 -42.56
N LYS B 559 -11.34 -45.84 -43.49
CA LYS B 559 -10.61 -47.06 -43.17
C LYS B 559 -9.12 -46.82 -43.35
N TYR B 560 -8.34 -47.25 -42.35
CA TYR B 560 -6.89 -47.14 -42.39
C TYR B 560 -6.28 -48.51 -42.10
N GLU B 561 -5.33 -48.93 -42.95
CA GLU B 561 -4.65 -50.20 -42.81
C GLU B 561 -3.23 -49.95 -42.30
N LEU B 562 -2.88 -50.61 -41.20
CA LEU B 562 -1.58 -50.42 -40.57
C LEU B 562 -0.90 -51.76 -40.33
N ASP B 563 0.43 -51.72 -40.24
CA ASP B 563 1.24 -52.91 -40.00
C ASP B 563 1.58 -53.10 -38.53
N LYS B 564 1.05 -52.24 -37.65
CA LYS B 564 1.36 -52.31 -36.23
C LYS B 564 0.09 -52.04 -35.43
N TYR B 565 0.14 -52.38 -34.15
CA TYR B 565 -0.96 -52.08 -33.24
C TYR B 565 -0.79 -50.65 -32.73
N THR B 566 -1.87 -49.88 -32.75
CA THR B 566 -1.87 -48.56 -32.17
C THR B 566 -2.51 -48.60 -30.79
N MET B 567 -2.30 -47.53 -30.02
CA MET B 567 -2.78 -47.50 -28.65
C MET B 567 -4.29 -47.60 -28.55
N PHE B 568 -5.01 -47.27 -29.64
CA PHE B 568 -6.46 -47.40 -29.60
C PHE B 568 -6.88 -48.86 -29.49
N HIS B 569 -6.16 -49.76 -30.15
CA HIS B 569 -6.44 -51.18 -30.00
C HIS B 569 -6.29 -51.61 -28.55
N TYR B 570 -5.21 -51.18 -27.91
CA TYR B 570 -4.99 -51.53 -26.51
C TYR B 570 -6.08 -50.94 -25.62
N LEU B 571 -6.47 -49.69 -25.88
CA LEU B 571 -7.48 -49.06 -25.06
C LEU B 571 -8.84 -49.73 -25.23
N ARG B 572 -9.13 -50.24 -26.43
CA ARG B 572 -10.36 -50.99 -26.63
C ARG B 572 -10.30 -52.39 -26.07
N ALA B 573 -9.10 -52.99 -25.99
CA ALA B 573 -8.96 -54.35 -25.52
C ALA B 573 -9.30 -54.51 -24.04
N GLN B 574 -9.45 -53.41 -23.30
CA GLN B 574 -9.74 -53.47 -21.87
C GLN B 574 -11.19 -53.15 -21.56
N GLU B 575 -12.06 -53.07 -22.56
CA GLU B 575 -13.48 -52.80 -22.32
C GLU B 575 -14.29 -54.08 -22.40
N PHE B 576 -15.51 -54.02 -21.89
CA PHE B 576 -16.36 -55.20 -21.78
C PHE B 576 -17.82 -54.76 -21.70
N GLU B 577 -18.71 -55.74 -21.78
CA GLU B 577 -20.15 -55.53 -21.84
C GLU B 577 -20.85 -55.86 -20.52
N HIS B 578 -20.10 -56.30 -19.52
CA HIS B 578 -20.63 -56.74 -18.22
C HIS B 578 -21.84 -57.66 -18.39
N GLY B 579 -21.64 -58.72 -19.17
CA GLY B 579 -22.65 -59.74 -19.34
C GLY B 579 -22.66 -60.72 -18.18
N LYS B 580 -23.51 -61.73 -18.33
CA LYS B 580 -23.67 -62.72 -17.25
C LYS B 580 -22.48 -63.65 -17.15
N SER B 581 -21.80 -63.91 -18.27
CA SER B 581 -20.72 -64.89 -18.29
C SER B 581 -19.49 -64.36 -17.55
N ARG B 582 -18.64 -65.28 -17.13
CA ARG B 582 -17.40 -64.91 -16.46
C ARG B 582 -16.44 -64.25 -17.43
N ILE B 583 -15.80 -63.18 -16.97
CA ILE B 583 -14.82 -62.44 -17.75
C ILE B 583 -13.44 -62.75 -17.19
N ALA B 584 -12.49 -63.05 -18.08
CA ALA B 584 -11.16 -63.46 -17.68
C ALA B 584 -10.13 -62.44 -18.15
N LEU B 585 -9.19 -62.13 -17.27
CA LEU B 585 -8.07 -61.28 -17.63
C LEU B 585 -7.08 -62.08 -18.47
N THR B 586 -6.32 -61.37 -19.31
CA THR B 586 -5.34 -62.02 -20.15
C THR B 586 -4.23 -61.03 -20.47
N ASN B 587 -3.08 -61.59 -20.89
CA ASN B 587 -1.90 -60.80 -21.22
C ASN B 587 -1.68 -60.70 -22.73
N SER B 588 -2.60 -61.18 -23.55
CA SER B 588 -2.48 -61.14 -25.01
C SER B 588 -3.65 -60.36 -25.58
N VAL B 589 -3.36 -59.25 -26.27
CA VAL B 589 -4.40 -58.46 -26.88
C VAL B 589 -5.07 -59.21 -28.03
N ASN B 590 -4.31 -60.08 -28.72
CA ASN B 590 -4.84 -60.78 -29.89
C ASN B 590 -6.04 -61.63 -29.53
N GLU B 591 -6.11 -62.14 -28.31
CA GLU B 591 -7.27 -62.92 -27.87
C GLU B 591 -8.31 -62.06 -27.18
N ALA B 592 -7.88 -61.04 -26.43
CA ALA B 592 -8.83 -60.19 -25.74
C ALA B 592 -9.72 -59.42 -26.71
N LEU B 593 -9.12 -58.91 -27.80
CA LEU B 593 -9.93 -58.22 -28.80
C LEU B 593 -10.89 -59.18 -29.49
N LEU B 594 -10.41 -60.37 -29.85
CA LEU B 594 -11.24 -61.31 -30.58
C LEU B 594 -12.36 -61.86 -29.71
N ASN B 595 -12.02 -62.32 -28.51
CA ASN B 595 -13.01 -62.91 -27.62
C ASN B 595 -13.66 -61.84 -26.77
N PRO B 596 -14.97 -61.63 -26.88
CA PRO B 596 -15.61 -60.59 -26.07
C PRO B 596 -15.53 -60.84 -24.58
N SER B 597 -15.36 -62.10 -24.16
CA SER B 597 -15.37 -62.45 -22.74
C SER B 597 -13.99 -62.37 -22.10
N ARG B 598 -12.96 -62.02 -22.87
CA ARG B 598 -11.60 -61.93 -22.35
C ARG B 598 -11.10 -60.51 -22.48
N VAL B 599 -10.49 -59.99 -21.42
CA VAL B 599 -10.10 -58.59 -21.31
C VAL B 599 -8.60 -58.51 -21.08
N TYR B 600 -7.93 -57.63 -21.82
CA TYR B 600 -6.49 -57.50 -21.71
C TYR B 600 -6.10 -56.76 -20.43
N THR B 601 -4.95 -57.15 -19.88
CA THR B 601 -4.35 -56.43 -18.76
C THR B 601 -2.85 -56.34 -18.98
N PHE B 602 -2.26 -55.25 -18.49
CA PHE B 602 -0.82 -55.03 -18.58
C PHE B 602 -0.11 -55.33 -17.27
N PHE B 603 -0.79 -55.95 -16.32
CA PHE B 603 -0.20 -56.28 -15.04
C PHE B 603 0.57 -57.60 -15.13
N SER B 604 1.20 -57.97 -14.02
CA SER B 604 2.09 -59.13 -14.02
C SER B 604 1.28 -60.43 -14.12
N SER B 605 2.00 -61.51 -14.46
CA SER B 605 1.36 -62.80 -14.70
C SER B 605 0.79 -63.40 -13.42
N ASP B 606 1.44 -63.17 -12.27
CA ASP B 606 0.89 -63.70 -11.02
C ASP B 606 -0.46 -63.10 -10.71
N TYR B 607 -0.66 -61.82 -11.05
CA TYR B 607 -1.94 -61.17 -10.79
C TYR B 607 -3.06 -61.83 -11.57
N VAL B 608 -2.86 -62.01 -12.88
CA VAL B 608 -3.88 -62.65 -13.70
C VAL B 608 -4.06 -64.10 -13.29
N LYS B 609 -2.99 -64.77 -12.86
CA LYS B 609 -3.12 -66.14 -12.37
C LYS B 609 -4.02 -66.18 -11.15
N LYS B 610 -3.86 -65.24 -10.23
CA LYS B 610 -4.73 -65.20 -9.06
C LYS B 610 -6.17 -64.93 -9.45
N VAL B 611 -6.41 -63.85 -10.21
CA VAL B 611 -7.78 -63.43 -10.50
C VAL B 611 -8.55 -64.45 -11.31
N ASN B 612 -7.90 -65.49 -11.82
CA ASN B 612 -8.56 -66.53 -12.59
C ASN B 612 -8.90 -67.76 -11.77
N LYS B 613 -8.74 -67.70 -10.45
CA LYS B 613 -8.89 -68.87 -9.59
C LYS B 613 -10.22 -68.83 -8.84
N ALA B 614 -10.91 -69.97 -8.82
CA ALA B 614 -12.11 -70.10 -8.02
C ALA B 614 -11.76 -70.35 -6.56
N THR B 615 -12.55 -69.78 -5.65
CA THR B 615 -12.32 -69.89 -4.22
C THR B 615 -13.64 -70.10 -3.48
N GLU B 616 -13.53 -70.37 -2.19
CA GLU B 616 -14.65 -70.78 -1.35
C GLU B 616 -14.99 -69.70 -0.32
N ALA B 617 -16.09 -69.92 0.40
CA ALA B 617 -16.69 -68.86 1.24
C ALA B 617 -15.71 -68.36 2.30
N ALA B 618 -14.99 -69.25 2.97
CA ALA B 618 -14.11 -68.81 4.05
C ALA B 618 -12.94 -67.99 3.53
N MET B 619 -12.61 -68.13 2.26
CA MET B 619 -11.36 -67.62 1.72
C MET B 619 -11.53 -66.23 1.09
N PHE B 620 -12.77 -65.77 0.92
CA PHE B 620 -13.01 -64.59 0.07
C PHE B 620 -12.51 -63.30 0.71
N LEU B 621 -12.60 -63.17 2.03
CA LEU B 621 -12.11 -61.93 2.64
C LEU B 621 -10.60 -61.80 2.47
N GLY B 622 -9.87 -62.89 2.72
CA GLY B 622 -8.46 -62.89 2.41
C GLY B 622 -8.19 -62.66 0.93
N TRP B 623 -9.05 -63.20 0.07
CA TRP B 623 -8.89 -63.01 -1.36
C TRP B 623 -8.99 -61.54 -1.73
N VAL B 624 -10.01 -60.85 -1.19
CA VAL B 624 -10.21 -59.46 -1.55
C VAL B 624 -9.13 -58.57 -0.96
N GLU B 625 -8.68 -58.85 0.27
CA GLU B 625 -7.61 -58.04 0.83
C GLU B 625 -6.31 -58.25 0.05
N GLN B 626 -6.04 -59.51 -0.35
CA GLN B 626 -4.86 -59.77 -1.16
C GLN B 626 -4.91 -59.04 -2.49
N LEU B 627 -6.07 -59.08 -3.15
CA LEU B 627 -6.14 -58.45 -4.47
C LEU B 627 -6.03 -56.93 -4.36
N VAL B 628 -6.64 -56.32 -3.35
CA VAL B 628 -6.52 -54.87 -3.23
C VAL B 628 -5.09 -54.47 -2.89
N TYR B 629 -4.44 -55.23 -2.00
CA TYR B 629 -3.04 -54.95 -1.68
C TYR B 629 -2.16 -55.12 -2.90
N ASP B 630 -2.37 -56.18 -3.66
CA ASP B 630 -1.52 -56.41 -4.83
C ASP B 630 -1.74 -55.34 -5.87
N PHE B 631 -3.00 -54.93 -6.06
CA PHE B 631 -3.32 -53.88 -7.03
C PHE B 631 -2.63 -52.58 -6.67
N THR B 632 -2.65 -52.22 -5.38
CA THR B 632 -1.87 -51.07 -4.95
C THR B 632 -0.39 -51.29 -5.21
N ASP B 633 0.07 -52.53 -5.11
CA ASP B 633 1.49 -52.82 -5.36
C ASP B 633 1.87 -52.50 -6.80
N GLU B 634 1.11 -53.01 -7.79
CA GLU B 634 1.47 -52.63 -9.16
C GLU B 634 1.26 -51.14 -9.40
N THR B 635 0.19 -50.55 -8.85
CA THR B 635 -0.06 -49.15 -9.16
C THR B 635 0.96 -48.21 -8.52
N SER B 636 1.68 -48.66 -7.50
CA SER B 636 2.64 -47.81 -6.79
C SER B 636 4.08 -48.00 -7.25
N GLU B 637 4.35 -48.89 -8.20
CA GLU B 637 5.73 -49.17 -8.57
C GLU B 637 6.33 -48.03 -9.37
N VAL B 638 7.56 -47.65 -9.01
CA VAL B 638 8.33 -46.62 -9.70
C VAL B 638 9.76 -47.11 -9.85
N SER B 639 10.40 -46.74 -10.96
CA SER B 639 11.79 -47.12 -11.18
C SER B 639 12.72 -46.25 -10.36
N THR B 640 13.83 -46.84 -9.92
CA THR B 640 14.82 -46.15 -9.13
C THR B 640 15.97 -45.59 -9.94
N THR B 641 16.14 -46.04 -11.19
CA THR B 641 17.20 -45.52 -12.05
C THR B 641 16.96 -44.05 -12.38
N ASP B 642 17.80 -43.17 -11.85
CA ASP B 642 17.61 -41.74 -11.99
C ASP B 642 18.78 -41.06 -12.68
N LYS B 643 19.67 -41.83 -13.32
CA LYS B 643 20.80 -41.22 -14.02
C LYS B 643 20.36 -40.40 -15.23
N ILE B 644 19.16 -40.67 -15.77
CA ILE B 644 18.63 -39.88 -16.85
C ILE B 644 18.33 -38.46 -16.36
N ALA B 645 18.42 -37.49 -17.26
CA ALA B 645 18.24 -36.09 -16.91
C ALA B 645 16.77 -35.84 -16.58
N ASP B 646 16.50 -35.41 -15.34
CA ASP B 646 15.20 -34.98 -14.81
C ASP B 646 14.00 -35.77 -15.32
N ILE B 647 14.13 -37.09 -15.39
CA ILE B 647 13.00 -38.00 -15.56
C ILE B 647 12.95 -38.87 -14.32
N THR B 648 13.28 -38.26 -13.17
CA THR B 648 13.65 -39.00 -11.96
C THR B 648 12.74 -40.20 -11.69
N ILE B 649 11.44 -40.06 -11.91
CA ILE B 649 10.50 -41.15 -11.67
C ILE B 649 10.07 -41.68 -13.03
N ILE B 650 10.78 -42.69 -13.52
CA ILE B 650 10.38 -43.41 -14.71
C ILE B 650 9.38 -44.48 -14.31
N ILE B 651 8.21 -44.46 -14.93
CA ILE B 651 7.15 -45.41 -14.61
C ILE B 651 7.07 -46.42 -15.75
N PRO B 652 7.37 -47.70 -15.50
CA PRO B 652 7.54 -48.65 -16.60
C PRO B 652 6.23 -49.09 -17.26
N TYR B 653 5.21 -49.40 -16.44
CA TYR B 653 4.04 -50.09 -16.98
C TYR B 653 3.22 -49.23 -17.92
N ILE B 654 3.64 -47.98 -18.19
CA ILE B 654 3.01 -47.21 -19.26
C ILE B 654 3.27 -47.86 -20.61
N GLY B 655 4.36 -48.60 -20.74
CA GLY B 655 4.72 -49.23 -21.99
C GLY B 655 3.68 -50.23 -22.48
N PRO B 656 3.58 -51.37 -21.78
CA PRO B 656 2.60 -52.38 -22.19
C PRO B 656 1.15 -51.93 -22.09
N ALA B 657 0.87 -50.87 -21.33
CA ALA B 657 -0.51 -50.42 -21.18
C ALA B 657 -1.03 -49.77 -22.45
N LEU B 658 -0.23 -48.89 -23.07
CA LEU B 658 -0.65 -48.15 -24.24
C LEU B 658 0.22 -48.40 -25.46
N ASN B 659 1.14 -49.36 -25.38
CA ASN B 659 2.00 -49.74 -26.51
C ASN B 659 2.72 -48.51 -27.07
N ILE B 660 3.53 -47.90 -26.21
CA ILE B 660 4.30 -46.72 -26.59
C ILE B 660 5.61 -47.18 -27.22
N GLY B 661 5.79 -46.86 -28.50
CA GLY B 661 7.02 -47.17 -29.20
C GLY B 661 7.10 -48.57 -29.78
N ASN B 662 6.05 -49.38 -29.63
CA ASN B 662 5.96 -50.73 -30.17
C ASN B 662 6.80 -51.75 -29.40
N MET B 663 6.95 -51.55 -28.08
CA MET B 663 7.46 -52.58 -27.20
C MET B 663 6.36 -53.06 -26.27
N LEU B 664 6.50 -54.30 -25.79
CA LEU B 664 5.56 -54.88 -24.84
C LEU B 664 6.21 -55.25 -23.52
N TYR B 665 7.42 -54.75 -23.25
CA TYR B 665 8.17 -55.10 -22.05
C TYR B 665 8.50 -53.83 -21.27
N LYS B 666 8.35 -53.91 -19.94
CA LYS B 666 8.65 -52.77 -19.10
C LYS B 666 10.12 -52.39 -19.18
N ASP B 667 11.01 -53.38 -19.08
CA ASP B 667 12.45 -53.11 -19.16
C ASP B 667 12.83 -52.57 -20.53
N ASP B 668 12.25 -53.12 -21.59
CA ASP B 668 12.53 -52.62 -22.93
C ASP B 668 12.06 -51.18 -23.08
N PHE B 669 10.89 -50.85 -22.52
CA PHE B 669 10.41 -49.48 -22.55
C PHE B 669 11.37 -48.56 -21.80
N VAL B 670 11.83 -48.99 -20.63
CA VAL B 670 12.74 -48.15 -19.85
C VAL B 670 14.02 -47.90 -20.64
N GLY B 671 14.58 -48.94 -21.25
CA GLY B 671 15.78 -48.77 -22.05
C GLY B 671 15.55 -47.83 -23.22
N ALA B 672 14.42 -48.00 -23.92
CA ALA B 672 14.14 -47.15 -25.08
C ALA B 672 13.98 -45.70 -24.67
N LEU B 673 13.26 -45.44 -23.58
CA LEU B 673 13.09 -44.07 -23.11
C LEU B 673 14.43 -43.47 -22.68
N ILE B 674 15.24 -44.25 -21.95
CA ILE B 674 16.55 -43.76 -21.53
C ILE B 674 17.40 -43.40 -22.74
N PHE B 675 17.34 -44.23 -23.78
CA PHE B 675 18.16 -43.96 -24.96
C PHE B 675 17.65 -42.76 -25.76
N SER B 676 16.33 -42.62 -25.90
CA SER B 676 15.76 -41.69 -26.86
C SER B 676 15.14 -40.45 -26.24
N GLY B 677 15.28 -40.25 -24.93
CA GLY B 677 14.69 -39.05 -24.38
C GLY B 677 13.17 -39.15 -24.32
N ALA B 678 12.50 -38.01 -24.50
CA ALA B 678 11.06 -37.93 -24.47
C ALA B 678 10.43 -38.00 -25.85
N VAL B 679 11.22 -38.24 -26.89
CA VAL B 679 10.70 -38.27 -28.25
C VAL B 679 9.72 -39.43 -28.44
N ILE B 680 10.05 -40.59 -27.87
CA ILE B 680 9.27 -41.80 -28.13
C ILE B 680 7.83 -41.66 -27.66
N LEU B 681 7.58 -40.81 -26.66
CA LEU B 681 6.21 -40.63 -26.18
C LEU B 681 5.34 -39.97 -27.24
N LEU B 682 5.87 -38.98 -27.94
CA LEU B 682 5.09 -38.26 -28.93
C LEU B 682 4.70 -39.19 -30.08
N GLU B 683 3.42 -39.11 -30.48
CA GLU B 683 2.97 -39.90 -31.62
C GLU B 683 3.66 -39.45 -32.91
N PHE B 684 3.76 -38.15 -33.12
CA PHE B 684 4.44 -37.59 -34.28
C PHE B 684 5.37 -36.48 -33.83
N ILE B 685 6.58 -36.47 -34.38
CA ILE B 685 7.56 -35.44 -33.99
C ILE B 685 7.10 -34.09 -34.52
N PRO B 686 7.02 -33.06 -33.68
CA PRO B 686 6.68 -31.71 -34.16
C PRO B 686 7.89 -31.04 -34.79
N GLU B 687 7.78 -30.72 -36.07
CA GLU B 687 8.89 -30.09 -36.77
C GLU B 687 9.07 -28.65 -36.29
N ILE B 688 10.32 -28.30 -35.97
CA ILE B 688 10.67 -26.95 -35.55
C ILE B 688 11.84 -26.48 -36.41
N ALA B 689 11.70 -25.28 -36.97
CA ALA B 689 12.75 -24.71 -37.82
C ALA B 689 12.82 -23.20 -37.58
N ILE B 690 13.99 -22.70 -37.25
CA ILE B 690 14.23 -21.28 -37.04
C ILE B 690 15.14 -20.80 -38.18
N PRO B 691 14.61 -20.06 -39.14
CA PRO B 691 15.46 -19.52 -40.22
C PRO B 691 16.42 -18.48 -39.68
N VAL B 692 17.33 -18.04 -40.56
CA VAL B 692 18.36 -17.10 -40.15
C VAL B 692 17.73 -15.78 -39.77
N LEU B 693 18.07 -15.29 -38.57
CA LEU B 693 17.54 -14.02 -38.11
C LEU B 693 18.16 -12.87 -38.87
N GLY B 694 17.35 -11.83 -39.12
CA GLY B 694 17.81 -10.72 -39.92
C GLY B 694 18.90 -9.92 -39.23
N THR B 695 19.70 -9.23 -40.03
CA THR B 695 20.77 -8.39 -39.52
C THR B 695 20.21 -7.08 -38.98
N PHE B 696 21.11 -6.27 -38.41
CA PHE B 696 20.74 -5.00 -37.82
C PHE B 696 21.57 -3.90 -38.48
N ALA B 697 20.90 -2.86 -38.96
CA ALA B 697 21.54 -1.73 -39.62
C ALA B 697 21.40 -0.49 -38.77
N LEU B 698 22.53 0.19 -38.53
CA LEU B 698 22.56 1.40 -37.72
C LEU B 698 22.81 2.61 -38.60
N VAL B 699 22.03 3.67 -38.40
CA VAL B 699 22.25 4.93 -39.08
C VAL B 699 23.33 5.71 -38.35
N SER B 700 24.03 6.57 -39.08
CA SER B 700 25.16 7.32 -38.52
C SER B 700 24.94 8.81 -38.71
N TYR B 701 24.96 9.56 -37.62
CA TYR B 701 24.87 11.02 -37.63
C TYR B 701 26.29 11.55 -37.54
N ILE B 702 26.83 12.00 -38.68
CA ILE B 702 28.25 12.37 -38.75
C ILE B 702 28.55 13.41 -37.68
N ALA B 703 29.60 13.14 -36.89
CA ALA B 703 29.99 13.98 -35.77
C ALA B 703 28.84 14.12 -34.77
N ASN B 704 28.47 13.00 -34.17
CA ASN B 704 27.50 12.97 -33.09
C ASN B 704 28.13 12.36 -31.85
N LYS B 705 27.64 12.75 -30.68
CA LYS B 705 28.20 12.30 -29.42
C LYS B 705 27.20 11.57 -28.53
N VAL B 706 25.98 12.06 -28.40
CA VAL B 706 25.01 11.46 -27.50
C VAL B 706 23.93 10.68 -28.23
N LEU B 707 23.68 10.99 -29.50
CA LEU B 707 22.71 10.21 -30.25
C LEU B 707 23.25 8.83 -30.58
N THR B 708 24.57 8.74 -30.80
CA THR B 708 25.18 7.45 -31.11
C THR B 708 25.15 6.51 -29.91
N VAL B 709 25.40 7.04 -28.71
CA VAL B 709 25.25 6.21 -27.50
C VAL B 709 23.83 5.70 -27.42
N GLN B 710 22.86 6.54 -27.78
CA GLN B 710 21.47 6.10 -27.85
C GLN B 710 21.31 4.98 -28.87
N THR B 711 22.04 5.06 -29.98
CA THR B 711 21.94 3.99 -30.99
C THR B 711 22.43 2.66 -30.44
N ILE B 712 23.58 2.67 -29.75
CA ILE B 712 24.06 1.41 -29.16
C ILE B 712 23.11 0.92 -28.06
N ASP B 713 22.59 1.84 -27.24
CA ASP B 713 21.63 1.44 -26.21
C ASP B 713 20.40 0.78 -26.83
N ASN B 714 19.87 1.39 -27.90
CA ASN B 714 18.73 0.82 -28.59
C ASN B 714 19.08 -0.51 -29.23
N ALA B 715 20.31 -0.65 -29.73
CA ALA B 715 20.75 -1.94 -30.28
C ALA B 715 20.71 -3.02 -29.21
N LEU B 716 21.20 -2.71 -28.01
CA LEU B 716 21.15 -3.67 -26.92
C LEU B 716 19.71 -4.00 -26.54
N SER B 717 18.84 -2.98 -26.48
CA SER B 717 17.45 -3.20 -26.13
C SER B 717 16.76 -4.10 -27.14
N LYS B 718 17.00 -3.84 -28.44
CA LYS B 718 16.38 -4.67 -29.47
C LYS B 718 16.97 -6.06 -29.50
N ARG B 719 18.24 -6.22 -29.13
CA ARG B 719 18.80 -7.54 -28.92
C ARG B 719 18.02 -8.31 -27.86
N ASN B 720 17.78 -7.66 -26.71
CA ASN B 720 17.02 -8.31 -25.65
C ASN B 720 15.60 -8.65 -26.10
N GLU B 721 14.96 -7.72 -26.82
CA GLU B 721 13.60 -7.96 -27.28
C GLU B 721 13.56 -9.10 -28.30
N LYS B 722 14.57 -9.21 -29.16
CA LYS B 722 14.63 -10.31 -30.11
C LYS B 722 14.78 -11.64 -29.41
N TRP B 723 15.65 -11.70 -28.40
CA TRP B 723 15.78 -12.91 -27.59
C TRP B 723 14.44 -13.29 -26.96
N ASP B 724 13.75 -12.31 -26.37
CA ASP B 724 12.46 -12.60 -25.75
C ASP B 724 11.46 -13.11 -26.77
N GLU B 725 11.41 -12.48 -27.95
CA GLU B 725 10.43 -12.85 -28.96
C GLU B 725 10.68 -14.27 -29.47
N VAL B 726 11.95 -14.63 -29.68
CA VAL B 726 12.23 -15.97 -30.18
C VAL B 726 11.93 -17.02 -29.11
N TYR B 727 12.21 -16.72 -27.83
CA TYR B 727 11.79 -17.64 -26.78
C TYR B 727 10.27 -17.80 -26.77
N LYS B 728 9.54 -16.69 -26.93
CA LYS B 728 8.07 -16.77 -26.93
C LYS B 728 7.57 -17.64 -28.08
N TYR B 729 8.16 -17.47 -29.27
CA TYR B 729 7.75 -18.29 -30.40
C TYR B 729 8.05 -19.76 -30.16
N ILE B 730 9.22 -20.08 -29.60
CA ILE B 730 9.54 -21.47 -29.32
C ILE B 730 8.54 -22.06 -28.32
N VAL B 731 8.21 -21.28 -27.28
CA VAL B 731 7.28 -21.77 -26.26
C VAL B 731 5.90 -22.00 -26.86
N THR B 732 5.42 -21.08 -27.70
CA THR B 732 4.08 -21.26 -28.26
C THR B 732 4.05 -22.44 -29.21
N ASN B 733 5.13 -22.65 -29.99
CA ASN B 733 5.21 -23.83 -30.84
C ASN B 733 5.15 -25.11 -30.00
N TRP B 734 5.94 -25.16 -28.92
CA TRP B 734 5.95 -26.32 -28.04
C TRP B 734 4.56 -26.57 -27.47
N LEU B 735 3.92 -25.52 -26.95
CA LEU B 735 2.61 -25.68 -26.34
C LEU B 735 1.57 -26.11 -27.37
N ALA B 736 1.72 -25.68 -28.62
CA ALA B 736 0.76 -26.05 -29.64
C ALA B 736 0.92 -27.51 -30.06
N LYS B 737 2.17 -27.97 -30.22
CA LYS B 737 2.40 -29.26 -30.85
C LYS B 737 3.01 -30.33 -29.95
N VAL B 738 3.14 -30.08 -28.63
CA VAL B 738 3.70 -31.05 -27.71
C VAL B 738 2.75 -31.35 -26.56
N ASN B 739 2.17 -30.31 -25.96
CA ASN B 739 1.40 -30.50 -24.73
C ASN B 739 0.13 -31.31 -24.97
N THR B 740 -0.51 -31.14 -26.13
CA THR B 740 -1.79 -31.80 -26.38
C THR B 740 -1.64 -33.31 -26.36
N GLN B 741 -0.59 -33.84 -26.97
CA GLN B 741 -0.36 -35.28 -26.97
C GLN B 741 -0.17 -35.79 -25.55
N ILE B 742 0.59 -35.05 -24.73
CA ILE B 742 0.82 -35.47 -23.35
C ILE B 742 -0.49 -35.47 -22.57
N ASP B 743 -1.32 -34.45 -22.77
CA ASP B 743 -2.62 -34.42 -22.11
C ASP B 743 -3.48 -35.61 -22.52
N LEU B 744 -3.47 -35.94 -23.81
CA LEU B 744 -4.24 -37.09 -24.27
C LEU B 744 -3.73 -38.39 -23.66
N ILE B 745 -2.41 -38.54 -23.56
CA ILE B 745 -1.84 -39.74 -22.94
C ILE B 745 -2.25 -39.83 -21.49
N ARG B 746 -2.25 -38.70 -20.78
CA ARG B 746 -2.68 -38.71 -19.38
C ARG B 746 -4.15 -39.13 -19.26
N LYS B 747 -5.00 -38.60 -20.14
CA LYS B 747 -6.41 -38.97 -20.10
C LYS B 747 -6.58 -40.46 -20.39
N LYS B 748 -5.80 -40.98 -21.34
CA LYS B 748 -5.88 -42.40 -21.67
C LYS B 748 -5.43 -43.26 -20.49
N MET B 749 -4.37 -42.85 -19.79
CA MET B 749 -3.98 -43.57 -18.58
C MET B 749 -5.08 -43.56 -17.54
N LYS B 750 -5.71 -42.40 -17.33
CA LYS B 750 -6.77 -42.33 -16.34
C LYS B 750 -7.91 -43.28 -16.68
N GLU B 751 -8.37 -43.24 -17.93
CA GLU B 751 -9.47 -44.13 -18.32
C GLU B 751 -9.04 -45.59 -18.32
N ALA B 752 -7.77 -45.87 -18.60
CA ALA B 752 -7.28 -47.24 -18.56
C ALA B 752 -7.31 -47.79 -17.14
N LEU B 753 -6.83 -46.99 -16.18
CA LEU B 753 -6.89 -47.43 -14.79
C LEU B 753 -8.33 -47.61 -14.33
N GLU B 754 -9.22 -46.70 -14.73
CA GLU B 754 -10.62 -46.85 -14.37
C GLU B 754 -11.22 -48.12 -14.97
N ASN B 755 -10.87 -48.43 -16.21
CA ASN B 755 -11.38 -49.65 -16.84
C ASN B 755 -10.85 -50.89 -16.14
N GLN B 756 -9.57 -50.87 -15.73
CA GLN B 756 -9.02 -52.00 -15.00
C GLN B 756 -9.77 -52.21 -13.69
N ALA B 757 -10.03 -51.12 -12.96
CA ALA B 757 -10.79 -51.23 -11.72
C ALA B 757 -12.20 -51.75 -12.00
N GLU B 758 -12.81 -51.29 -13.10
CA GLU B 758 -14.12 -51.77 -13.49
C GLU B 758 -14.13 -53.27 -13.70
N ALA B 759 -13.16 -53.78 -14.45
CA ALA B 759 -13.09 -55.22 -14.70
C ALA B 759 -12.86 -55.99 -13.41
N THR B 760 -11.98 -55.48 -12.55
CA THR B 760 -11.70 -56.18 -11.29
C THR B 760 -12.96 -56.29 -10.44
N LYS B 761 -13.64 -55.17 -10.19
CA LYS B 761 -14.82 -55.27 -9.34
C LYS B 761 -15.95 -56.01 -10.05
N ALA B 762 -15.97 -56.00 -11.38
CA ALA B 762 -16.98 -56.77 -12.10
C ALA B 762 -16.79 -58.26 -11.87
N ILE B 763 -15.56 -58.76 -12.03
CA ILE B 763 -15.33 -60.18 -11.79
C ILE B 763 -15.55 -60.52 -10.32
N ILE B 764 -15.24 -59.58 -9.41
CA ILE B 764 -15.45 -59.85 -7.99
C ILE B 764 -16.95 -59.97 -7.69
N ASN B 765 -17.78 -59.09 -8.26
CA ASN B 765 -19.21 -59.22 -8.07
C ASN B 765 -19.76 -60.47 -8.72
N TYR B 766 -19.18 -60.88 -9.85
CA TYR B 766 -19.58 -62.15 -10.46
C TYR B 766 -19.32 -63.31 -9.51
N GLN B 767 -18.15 -63.32 -8.88
CA GLN B 767 -17.85 -64.37 -7.91
C GLN B 767 -18.79 -64.26 -6.70
N TYR B 768 -19.09 -63.03 -6.29
CA TYR B 768 -19.99 -62.80 -5.16
C TYR B 768 -21.38 -63.39 -5.41
N ASN B 769 -21.88 -63.24 -6.64
CA ASN B 769 -23.23 -63.69 -6.95
C ASN B 769 -23.37 -65.21 -6.91
N GLN B 770 -22.25 -65.94 -6.93
CA GLN B 770 -22.32 -67.40 -7.01
C GLN B 770 -22.86 -68.06 -5.75
N TYR B 771 -22.98 -67.31 -4.66
CA TYR B 771 -23.21 -67.92 -3.37
C TYR B 771 -24.69 -68.22 -3.16
N THR B 772 -24.98 -69.06 -2.18
CA THR B 772 -26.36 -69.29 -1.77
C THR B 772 -26.71 -68.28 -0.67
N GLU B 773 -27.88 -68.45 -0.06
CA GLU B 773 -28.38 -67.46 0.89
C GLU B 773 -27.51 -67.39 2.15
N GLU B 774 -27.18 -68.56 2.73
CA GLU B 774 -26.50 -68.58 4.01
C GLU B 774 -25.13 -67.93 3.93
N GLU B 775 -24.38 -68.18 2.85
CA GLU B 775 -23.06 -67.58 2.70
C GLU B 775 -23.17 -66.07 2.57
N LYS B 776 -24.12 -65.59 1.76
CA LYS B 776 -24.19 -64.16 1.50
C LYS B 776 -24.70 -63.38 2.72
N ASN B 777 -25.54 -64.00 3.54
CA ASN B 777 -26.01 -63.29 4.72
C ASN B 777 -25.00 -63.39 5.86
N ASN B 778 -24.48 -64.58 6.13
CA ASN B 778 -23.47 -64.73 7.18
C ASN B 778 -22.21 -63.93 6.87
N ILE B 779 -21.80 -63.93 5.61
CA ILE B 779 -20.60 -63.22 5.17
C ILE B 779 -21.08 -61.98 4.43
N ASN B 780 -20.93 -60.82 5.07
CA ASN B 780 -21.34 -59.57 4.46
C ASN B 780 -20.30 -59.06 3.47
N PHE B 781 -20.74 -58.17 2.58
CA PHE B 781 -19.85 -57.55 1.60
C PHE B 781 -20.58 -56.38 0.97
N ASN B 782 -19.84 -55.32 0.66
CA ASN B 782 -20.37 -54.17 -0.06
C ASN B 782 -19.35 -53.72 -1.08
N ILE B 783 -19.84 -53.03 -2.11
CA ILE B 783 -18.98 -52.59 -3.21
C ILE B 783 -18.52 -51.14 -3.04
N ASP B 784 -19.17 -50.36 -2.17
CA ASP B 784 -18.83 -48.95 -2.03
C ASP B 784 -17.42 -48.76 -1.49
N ASP B 785 -17.07 -49.49 -0.42
CA ASP B 785 -15.74 -49.37 0.16
C ASP B 785 -14.66 -49.84 -0.81
N LEU B 786 -14.93 -50.93 -1.52
CA LEU B 786 -14.00 -51.39 -2.54
C LEU B 786 -13.79 -50.35 -3.62
N SER B 787 -14.89 -49.75 -4.10
CA SER B 787 -14.77 -48.71 -5.11
C SER B 787 -13.96 -47.53 -4.59
N SER B 788 -14.20 -47.12 -3.34
CA SER B 788 -13.47 -46.00 -2.77
C SER B 788 -11.98 -46.29 -2.67
N LYS B 789 -11.61 -47.48 -2.18
CA LYS B 789 -10.19 -47.77 -2.00
C LYS B 789 -9.50 -47.98 -3.34
N LEU B 790 -10.17 -48.61 -4.31
CA LEU B 790 -9.58 -48.73 -5.65
C LEU B 790 -9.41 -47.37 -6.29
N ASN B 791 -10.38 -46.47 -6.11
CA ASN B 791 -10.25 -45.12 -6.65
C ASN B 791 -9.10 -44.38 -5.99
N GLU B 792 -8.92 -44.56 -4.68
CA GLU B 792 -7.81 -43.90 -4.00
C GLU B 792 -6.47 -44.43 -4.51
N SER B 793 -6.38 -45.74 -4.76
CA SER B 793 -5.17 -46.28 -5.37
C SER B 793 -4.95 -45.71 -6.76
N ILE B 794 -6.03 -45.58 -7.53
CA ILE B 794 -5.93 -44.97 -8.86
C ILE B 794 -5.39 -43.56 -8.75
N ASN B 795 -5.87 -42.80 -7.76
CA ASN B 795 -5.40 -41.42 -7.59
C ASN B 795 -3.94 -41.37 -7.20
N LYS B 796 -3.49 -42.25 -6.29
CA LYS B 796 -2.10 -42.19 -5.89
C LYS B 796 -1.17 -42.59 -7.04
N ALA B 797 -1.62 -43.53 -7.89
CA ALA B 797 -0.84 -43.84 -9.08
C ALA B 797 -0.89 -42.69 -10.09
N MET B 798 -2.03 -42.03 -10.19
CA MET B 798 -2.23 -40.96 -11.15
C MET B 798 -1.38 -39.74 -10.81
N ILE B 799 -1.14 -39.49 -9.53
CA ILE B 799 -0.22 -38.43 -9.15
C ILE B 799 1.16 -38.69 -9.75
N ASN B 800 1.64 -39.92 -9.61
CA ASN B 800 2.95 -40.28 -10.16
C ASN B 800 2.97 -40.14 -11.67
N ILE B 801 1.94 -40.65 -12.35
CA ILE B 801 1.95 -40.59 -13.81
C ILE B 801 1.85 -39.15 -14.29
N ASN B 802 1.07 -38.32 -13.60
CA ASN B 802 0.95 -36.91 -13.98
C ASN B 802 2.29 -36.21 -13.84
N LYS B 803 2.96 -36.41 -12.71
CA LYS B 803 4.27 -35.80 -12.52
C LYS B 803 5.25 -36.29 -13.58
N PHE B 804 5.24 -37.59 -13.85
CA PHE B 804 6.13 -38.18 -14.85
C PHE B 804 5.94 -37.51 -16.21
N LEU B 805 4.68 -37.40 -16.66
CA LEU B 805 4.42 -36.73 -17.92
C LEU B 805 4.86 -35.27 -17.88
N ASN B 806 4.76 -34.63 -16.71
CA ASN B 806 5.24 -33.25 -16.59
C ASN B 806 6.74 -33.15 -16.86
N GLN B 807 7.54 -33.98 -16.18
CA GLN B 807 8.97 -33.92 -16.50
C GLN B 807 9.25 -34.36 -17.93
N CYS B 808 8.44 -35.26 -18.49
CA CYS B 808 8.67 -35.65 -19.88
C CYS B 808 8.53 -34.43 -20.80
N SER B 809 7.45 -33.68 -20.65
CA SER B 809 7.24 -32.51 -21.49
C SER B 809 8.34 -31.47 -21.27
N VAL B 810 8.67 -31.19 -20.00
CA VAL B 810 9.65 -30.16 -19.71
C VAL B 810 11.02 -30.55 -20.24
N SER B 811 11.41 -31.82 -20.06
CA SER B 811 12.69 -32.28 -20.57
C SER B 811 12.74 -32.21 -22.09
N TYR B 812 11.64 -32.58 -22.76
CA TYR B 812 11.64 -32.49 -24.21
C TYR B 812 11.83 -31.04 -24.65
N LEU B 813 11.14 -30.10 -23.99
CA LEU B 813 11.31 -28.69 -24.31
C LEU B 813 12.76 -28.26 -24.12
N MET B 814 13.35 -28.64 -22.98
CA MET B 814 14.70 -28.16 -22.68
C MET B 814 15.76 -28.83 -23.54
N ASN B 815 15.46 -30.01 -24.09
CA ASN B 815 16.48 -30.76 -24.81
C ASN B 815 16.40 -30.60 -26.32
N SER B 816 15.22 -30.82 -26.92
CA SER B 816 15.11 -30.94 -28.36
C SER B 816 14.41 -29.77 -29.02
N MET B 817 14.17 -28.68 -28.31
CA MET B 817 13.56 -27.50 -28.91
C MET B 817 14.43 -26.26 -28.81
N ILE B 818 14.91 -25.94 -27.62
CA ILE B 818 15.62 -24.67 -27.40
C ILE B 818 16.99 -24.63 -28.06
N PRO B 819 17.75 -25.73 -28.23
CA PRO B 819 19.04 -25.60 -28.93
C PRO B 819 18.91 -25.08 -30.35
N TYR B 820 17.86 -25.49 -31.06
CA TYR B 820 17.68 -25.04 -32.44
C TYR B 820 17.54 -23.53 -32.51
N GLY B 821 16.76 -22.95 -31.61
CA GLY B 821 16.68 -21.50 -31.54
C GLY B 821 17.98 -20.87 -31.10
N VAL B 822 18.62 -21.45 -30.09
CA VAL B 822 19.74 -20.76 -29.45
C VAL B 822 20.95 -20.71 -30.38
N LYS B 823 21.13 -21.71 -31.25
CA LYS B 823 22.27 -21.67 -32.16
C LYS B 823 22.15 -20.52 -33.15
N ARG B 824 20.99 -20.40 -33.81
CA ARG B 824 20.77 -19.28 -34.71
C ARG B 824 20.83 -17.96 -33.97
N LEU B 825 20.36 -17.94 -32.72
CA LEU B 825 20.28 -16.71 -31.97
C LEU B 825 21.66 -16.23 -31.52
N GLU B 826 22.54 -17.15 -31.14
CA GLU B 826 23.92 -16.76 -30.83
C GLU B 826 24.69 -16.41 -32.10
N ASP B 827 24.33 -17.00 -33.25
CA ASP B 827 24.89 -16.52 -34.50
C ASP B 827 24.47 -15.08 -34.77
N PHE B 828 23.22 -14.76 -34.46
CA PHE B 828 22.75 -13.38 -34.55
C PHE B 828 23.54 -12.48 -33.62
N ASP B 829 23.82 -12.95 -32.40
CA ASP B 829 24.66 -12.19 -31.48
C ASP B 829 26.04 -11.96 -32.06
N ALA B 830 26.62 -12.98 -32.70
CA ALA B 830 27.93 -12.84 -33.30
C ALA B 830 27.93 -11.77 -34.39
N SER B 831 26.94 -11.81 -35.28
CA SER B 831 26.86 -10.79 -36.32
C SER B 831 26.65 -9.40 -35.74
N LEU B 832 25.80 -9.29 -34.72
CA LEU B 832 25.55 -7.99 -34.09
C LEU B 832 26.81 -7.46 -33.43
N LYS B 833 27.56 -8.33 -32.75
CA LYS B 833 28.82 -7.93 -32.15
C LYS B 833 29.81 -7.48 -33.21
N ASP B 834 29.83 -8.15 -34.36
CA ASP B 834 30.68 -7.71 -35.45
C ASP B 834 30.32 -6.30 -35.90
N ALA B 835 29.01 -6.03 -36.03
CA ALA B 835 28.58 -4.68 -36.45
C ALA B 835 28.97 -3.63 -35.41
N LEU B 836 28.73 -3.92 -34.13
CA LEU B 836 29.09 -2.98 -33.08
C LEU B 836 30.60 -2.77 -33.02
N LEU B 837 31.38 -3.81 -33.31
CA LEU B 837 32.83 -3.63 -33.36
C LEU B 837 33.22 -2.70 -34.50
N LYS B 838 32.66 -2.94 -35.69
CA LYS B 838 32.95 -2.06 -36.83
C LYS B 838 32.63 -0.62 -36.50
N TYR B 839 31.54 -0.38 -35.77
CA TYR B 839 31.27 0.98 -35.33
C TYR B 839 32.16 1.44 -34.17
N ILE B 840 32.67 0.54 -33.33
CA ILE B 840 33.42 0.98 -32.17
C ILE B 840 34.85 1.36 -32.55
N TYR B 841 35.39 0.83 -33.64
CA TYR B 841 36.65 1.39 -34.10
C TYR B 841 36.49 2.18 -35.39
N ASP B 842 35.90 1.59 -36.43
CA ASP B 842 35.69 2.25 -37.72
C ASP B 842 36.95 2.96 -38.18
N ASN B 843 38.12 2.40 -37.83
CA ASN B 843 39.44 2.95 -38.13
C ASN B 843 39.49 4.47 -37.96
N ARG B 844 38.77 4.99 -36.97
CA ARG B 844 38.72 6.43 -36.73
C ARG B 844 38.36 6.66 -35.27
N GLY B 845 38.40 7.93 -34.86
CA GLY B 845 38.22 8.26 -33.46
C GLY B 845 37.30 9.43 -33.19
N THR B 846 36.73 10.04 -34.22
CA THR B 846 35.79 11.14 -34.04
C THR B 846 34.48 10.59 -33.48
N LEU B 847 34.56 10.08 -32.26
CA LEU B 847 33.51 9.27 -31.68
C LEU B 847 33.45 9.56 -30.19
N ILE B 848 32.61 8.78 -29.50
CA ILE B 848 32.54 8.82 -28.05
C ILE B 848 32.62 7.41 -27.52
N VAL B 851 36.20 5.12 -24.48
CA VAL B 851 35.86 4.21 -25.58
C VAL B 851 35.96 2.76 -25.10
N ASP B 852 36.82 2.52 -24.10
CA ASP B 852 36.97 1.18 -23.57
C ASP B 852 35.71 0.71 -22.85
N ARG B 853 34.93 1.65 -22.30
CA ARG B 853 33.69 1.27 -21.63
C ARG B 853 32.69 0.66 -22.62
N LEU B 854 32.57 1.25 -23.81
CA LEU B 854 31.63 0.73 -24.80
C LEU B 854 32.02 -0.67 -25.25
N LYS B 855 33.31 -0.89 -25.54
CA LYS B 855 33.74 -2.21 -25.96
C LYS B 855 33.62 -3.21 -24.82
N ASP B 856 33.86 -2.78 -23.58
CA ASP B 856 33.65 -3.64 -22.44
C ASP B 856 32.20 -4.07 -22.34
N LYS B 857 31.27 -3.12 -22.51
CA LYS B 857 29.85 -3.44 -22.43
C LYS B 857 29.44 -4.41 -23.54
N VAL B 858 29.89 -4.15 -24.76
CA VAL B 858 29.46 -4.98 -25.88
C VAL B 858 30.07 -6.38 -25.78
N ASN B 859 31.31 -6.49 -25.30
CA ASN B 859 31.91 -7.80 -25.10
C ASN B 859 31.23 -8.52 -23.95
N ASN B 860 30.82 -7.78 -22.91
CA ASN B 860 30.14 -8.39 -21.78
C ASN B 860 28.82 -9.02 -22.22
N THR B 861 27.89 -8.20 -22.72
CA THR B 861 26.53 -8.68 -22.88
C THR B 861 26.39 -9.61 -24.08
N LEU B 862 27.14 -9.38 -25.15
CA LEU B 862 27.01 -10.18 -26.36
C LEU B 862 27.84 -11.45 -26.34
N SER B 863 28.54 -11.74 -25.24
CA SER B 863 29.22 -13.01 -25.08
C SER B 863 28.48 -13.97 -24.16
N THR B 864 27.54 -13.47 -23.36
CA THR B 864 26.78 -14.29 -22.43
C THR B 864 25.37 -14.53 -22.97
N ASP B 865 24.65 -15.42 -22.29
CA ASP B 865 23.31 -15.82 -22.69
C ASP B 865 22.30 -15.42 -21.62
N ILE B 866 21.13 -14.99 -22.08
CA ILE B 866 20.03 -14.66 -21.17
C ILE B 866 19.36 -15.94 -20.69
N PRO B 867 19.13 -16.12 -19.40
CA PRO B 867 18.51 -17.36 -18.92
C PRO B 867 17.12 -17.55 -19.48
N PHE B 868 16.75 -18.83 -19.65
CA PHE B 868 15.48 -19.22 -20.26
C PHE B 868 14.55 -19.71 -19.16
N GLN B 869 13.39 -19.05 -19.03
CA GLN B 869 12.40 -19.41 -18.02
C GLN B 869 11.01 -19.33 -18.63
N LEU B 870 10.14 -20.26 -18.24
CA LEU B 870 8.76 -20.22 -18.70
C LEU B 870 7.87 -19.39 -17.80
N SER B 871 8.41 -18.97 -16.66
CA SER B 871 7.64 -18.10 -15.75
C SER B 871 7.12 -16.93 -16.57
N LYS B 872 7.83 -16.56 -17.62
CA LYS B 872 7.42 -15.37 -18.41
C LYS B 872 6.78 -15.83 -19.71
N TYR B 873 6.27 -17.07 -19.73
CA TYR B 873 5.68 -17.60 -20.98
C TYR B 873 4.47 -18.49 -20.67
N VAL B 874 4.39 -19.04 -19.46
CA VAL B 874 3.28 -20.00 -19.17
C VAL B 874 2.69 -19.73 -17.79
N ASP B 875 1.47 -20.21 -17.54
CA ASP B 875 0.82 -20.02 -16.22
C ASP B 875 0.65 -21.39 -15.54
N ASN B 876 0.25 -22.42 -16.30
CA ASN B 876 0.03 -23.77 -15.72
C ASN B 876 0.98 -23.96 -14.54
N GLN B 877 0.48 -23.84 -13.32
CA GLN B 877 1.38 -23.91 -12.14
C GLN B 877 2.15 -25.23 -12.15
N ARG B 878 1.49 -26.33 -12.50
CA ARG B 878 2.19 -27.64 -12.41
C ARG B 878 3.45 -27.53 -13.27
N LEU B 879 3.31 -27.03 -14.49
CA LEU B 879 4.48 -26.95 -15.40
C LEU B 879 5.51 -26.03 -14.76
N LEU B 880 5.07 -24.88 -14.25
CA LEU B 880 6.03 -23.89 -13.69
C LEU B 880 6.95 -24.59 -12.70
N SER B 881 6.37 -25.28 -11.72
CA SER B 881 7.21 -25.89 -10.66
C SER B 881 8.22 -26.84 -11.29
N THR B 882 7.77 -27.77 -12.13
CA THR B 882 8.71 -28.78 -12.67
C THR B 882 9.93 -28.07 -13.25
N PHE B 883 9.72 -27.06 -14.10
CA PHE B 883 10.87 -26.42 -14.80
C PHE B 883 11.90 -25.93 -13.77
N THR B 884 11.55 -24.96 -12.95
CA THR B 884 12.57 -24.39 -12.04
C THR B 884 13.10 -25.49 -11.11
N GLU B 885 12.20 -26.20 -10.43
CA GLU B 885 12.66 -27.22 -9.45
C GLU B 885 13.75 -28.04 -10.12
N TYR B 886 13.55 -28.40 -11.39
CA TYR B 886 14.53 -29.25 -12.08
C TYR B 886 15.89 -28.57 -12.07
N ILE B 887 16.02 -27.44 -12.76
CA ILE B 887 17.39 -26.85 -12.91
C ILE B 887 18.07 -26.84 -11.55
N LYS B 888 17.42 -26.30 -10.52
CA LYS B 888 18.14 -26.16 -9.22
C LYS B 888 18.47 -27.56 -8.69
N ASN B 889 17.49 -28.47 -8.65
CA ASN B 889 17.76 -29.78 -8.03
C ASN B 889 18.97 -30.42 -8.72
N ILE B 890 18.99 -30.42 -10.05
CA ILE B 890 20.10 -31.12 -10.76
C ILE B 890 21.41 -30.38 -10.48
N ILE B 891 21.40 -29.05 -10.51
CA ILE B 891 22.68 -28.30 -10.35
C ILE B 891 23.17 -28.44 -8.91
N ASN B 892 22.30 -28.90 -8.02
CA ASN B 892 22.74 -29.12 -6.62
C ASN B 892 24.05 -29.91 -6.68
N THR B 893 24.03 -31.07 -7.33
CA THR B 893 25.27 -31.86 -7.47
C THR B 893 26.35 -30.90 -7.94
N SER B 894 27.44 -30.75 -7.16
CA SER B 894 28.45 -29.75 -7.54
C SER B 894 29.83 -30.15 -7.00
N ILE B 895 30.59 -29.20 -6.41
CA ILE B 895 31.97 -29.53 -5.96
C ILE B 895 31.90 -30.05 -4.52
N LEU B 896 31.44 -29.23 -3.57
CA LEU B 896 31.29 -29.70 -2.16
C LEU B 896 29.85 -29.48 -1.67
N ASN B 897 29.17 -30.55 -1.27
CA ASN B 897 27.78 -30.49 -0.74
C ASN B 897 27.83 -30.89 0.73
N LEU B 898 28.48 -30.08 1.56
CA LEU B 898 28.67 -30.39 2.98
C LEU B 898 27.33 -30.37 3.69
N ARG B 899 26.79 -31.55 4.02
CA ARG B 899 25.54 -31.67 4.74
C ARG B 899 25.71 -32.62 5.91
N TYR B 900 25.04 -32.32 7.03
CA TYR B 900 25.11 -33.16 8.22
C TYR B 900 23.84 -33.99 8.31
N GLU B 901 23.96 -35.26 7.91
CA GLU B 901 22.88 -36.22 8.02
C GLU B 901 23.46 -37.55 8.48
N SER B 902 22.58 -38.45 8.90
CA SER B 902 22.99 -39.77 9.39
C SER B 902 24.02 -39.65 10.51
N ASN B 903 23.85 -38.62 11.35
CA ASN B 903 24.71 -38.34 12.49
C ASN B 903 26.16 -38.04 12.07
N HIS B 904 26.37 -37.59 10.84
CA HIS B 904 27.71 -37.26 10.39
C HIS B 904 27.65 -36.15 9.35
N LEU B 905 28.74 -35.38 9.27
CA LEU B 905 28.87 -34.35 8.25
C LEU B 905 29.60 -34.95 7.05
N ILE B 906 28.87 -35.13 5.95
CA ILE B 906 29.39 -35.81 4.78
C ILE B 906 29.16 -34.93 3.54
N ASP B 907 29.90 -35.25 2.49
CA ASP B 907 29.72 -34.61 1.19
C ASP B 907 28.94 -35.55 0.28
N LEU B 908 27.76 -35.11 -0.15
CA LEU B 908 26.96 -35.90 -1.07
C LEU B 908 27.45 -35.83 -2.50
N SER B 909 28.44 -34.98 -2.80
CA SER B 909 29.01 -34.87 -4.13
C SER B 909 30.18 -35.82 -4.34
N ARG B 910 30.43 -36.72 -3.40
CA ARG B 910 31.36 -37.86 -3.49
C ARG B 910 32.72 -37.47 -4.08
N TYR B 911 33.07 -36.19 -4.04
CA TYR B 911 34.40 -35.72 -4.40
C TYR B 911 35.30 -35.48 -3.19
N ALA B 912 34.75 -34.94 -2.11
CA ALA B 912 35.55 -34.62 -0.94
C ALA B 912 36.26 -35.85 -0.40
N SER B 913 37.56 -35.72 -0.14
CA SER B 913 38.35 -36.85 0.32
C SER B 913 38.06 -37.17 1.78
N LYS B 914 38.31 -36.21 2.67
CA LYS B 914 38.06 -36.40 4.10
C LYS B 914 37.42 -35.14 4.64
N ILE B 915 36.62 -35.31 5.69
CA ILE B 915 35.94 -34.21 6.36
C ILE B 915 36.35 -34.25 7.83
N ASN B 916 37.25 -33.37 8.22
CA ASN B 916 37.71 -33.31 9.60
C ASN B 916 36.72 -32.54 10.46
N ILE B 917 36.48 -33.05 11.67
CA ILE B 917 35.60 -32.41 12.63
C ILE B 917 36.41 -32.12 13.88
N GLY B 918 36.42 -30.86 14.30
CA GLY B 918 37.10 -30.50 15.53
C GLY B 918 36.29 -30.88 16.76
N SER B 919 36.96 -30.87 17.91
CA SER B 919 36.29 -31.21 19.15
C SER B 919 35.40 -30.07 19.65
N LYS B 920 35.77 -28.83 19.38
CA LYS B 920 35.09 -27.67 19.93
C LYS B 920 33.99 -27.12 19.04
N VAL B 921 33.61 -27.85 17.99
CA VAL B 921 32.48 -27.43 17.17
C VAL B 921 31.20 -27.79 17.91
N ASN B 922 30.07 -27.27 17.45
CA ASN B 922 28.79 -27.51 18.09
C ASN B 922 27.74 -27.75 17.02
N PHE B 923 26.69 -28.47 17.40
CA PHE B 923 25.57 -28.74 16.51
C PHE B 923 24.27 -28.49 17.23
N ASP B 924 23.27 -28.03 16.49
CA ASP B 924 21.99 -27.66 17.07
C ASP B 924 21.14 -28.91 17.29
N PRO B 925 20.70 -29.18 18.52
CA PRO B 925 19.87 -30.38 18.74
C PRO B 925 18.57 -30.38 17.96
N ILE B 926 17.95 -29.21 17.75
CA ILE B 926 16.66 -29.19 17.07
C ILE B 926 16.85 -29.52 15.59
N ASP B 927 17.98 -29.15 15.01
CA ASP B 927 18.29 -29.50 13.62
C ASP B 927 19.80 -29.69 13.54
N LYS B 928 20.23 -30.89 13.14
CA LYS B 928 21.63 -31.25 13.19
C LYS B 928 22.47 -30.60 12.08
N ASN B 929 21.84 -29.92 11.13
CA ASN B 929 22.55 -29.37 9.98
C ASN B 929 23.17 -28.01 10.26
N GLN B 930 22.93 -27.42 11.42
CA GLN B 930 23.55 -26.13 11.77
C GLN B 930 24.92 -26.37 12.38
N ILE B 931 25.88 -25.54 12.00
CA ILE B 931 27.23 -25.60 12.53
C ILE B 931 27.52 -24.31 13.27
N GLN B 932 27.95 -24.43 14.52
CA GLN B 932 28.35 -23.30 15.34
C GLN B 932 29.84 -23.37 15.58
N LEU B 933 30.54 -22.27 15.28
CA LEU B 933 32.00 -22.23 15.35
C LEU B 933 32.39 -21.18 16.36
N PHE B 934 33.33 -21.52 17.25
CA PHE B 934 33.76 -20.62 18.30
C PHE B 934 35.18 -20.13 18.06
N ASN B 935 35.56 -19.07 18.77
CA ASN B 935 36.88 -18.48 18.64
C ASN B 935 37.89 -19.24 19.51
N LEU B 936 38.03 -20.52 19.21
CA LEU B 936 39.01 -21.38 19.85
C LEU B 936 39.69 -22.22 18.78
N GLU B 937 40.90 -22.69 19.09
CA GLU B 937 41.71 -23.37 18.09
C GLU B 937 41.04 -24.65 17.61
N SER B 938 40.47 -25.43 18.52
CA SER B 938 39.84 -26.69 18.15
C SER B 938 38.41 -26.52 17.64
N SER B 939 37.89 -25.30 17.62
CA SER B 939 36.61 -25.02 16.96
C SER B 939 36.84 -24.84 15.47
N LYS B 940 37.31 -25.91 14.85
CA LYS B 940 37.83 -25.88 13.49
C LYS B 940 37.20 -27.01 12.69
N ILE B 941 37.02 -26.78 11.39
CA ILE B 941 36.55 -27.80 10.46
C ILE B 941 37.47 -27.79 9.25
N GLU B 942 38.05 -28.94 8.94
CA GLU B 942 38.91 -29.07 7.78
C GLU B 942 38.23 -29.94 6.72
N VAL B 943 38.25 -29.47 5.48
CA VAL B 943 37.69 -30.23 4.36
C VAL B 943 38.82 -30.54 3.40
N ILE B 944 39.07 -31.83 3.17
CA ILE B 944 40.13 -32.26 2.26
C ILE B 944 39.53 -32.28 0.85
N LEU B 945 39.84 -31.24 0.08
CA LEU B 945 39.30 -31.12 -1.26
C LEU B 945 39.90 -32.20 -2.16
N LYS B 946 39.10 -32.66 -3.13
CA LYS B 946 39.52 -33.73 -4.00
C LYS B 946 40.80 -33.36 -4.74
N ASN B 947 41.78 -34.27 -4.70
CA ASN B 947 43.03 -34.02 -5.40
C ASN B 947 42.85 -34.00 -6.91
N ALA B 948 41.71 -34.47 -7.40
CA ALA B 948 41.44 -34.40 -8.84
C ALA B 948 41.25 -32.95 -9.29
N ILE B 949 40.23 -32.28 -8.76
CA ILE B 949 39.91 -30.91 -9.20
C ILE B 949 40.72 -29.98 -8.31
N VAL B 950 42.00 -29.86 -8.65
CA VAL B 950 42.89 -28.83 -8.12
C VAL B 950 43.81 -28.43 -9.26
N TYR B 951 43.65 -27.21 -9.78
CA TYR B 951 44.44 -26.73 -10.89
C TYR B 951 45.06 -25.39 -10.53
N ASN B 952 46.22 -25.10 -11.11
CA ASN B 952 46.87 -23.83 -10.86
C ASN B 952 46.03 -22.67 -11.38
N SER B 953 45.65 -22.73 -12.65
CA SER B 953 44.75 -21.73 -13.24
C SER B 953 43.32 -22.27 -13.33
N MET B 954 42.79 -22.71 -12.21
CA MET B 954 41.38 -23.07 -12.14
C MET B 954 40.60 -21.85 -11.66
N TYR B 955 39.32 -22.04 -11.29
CA TYR B 955 38.44 -20.98 -10.82
C TYR B 955 38.11 -19.97 -11.92
N GLU B 956 38.27 -20.36 -13.19
CA GLU B 956 37.96 -19.44 -14.28
C GLU B 956 36.50 -19.00 -14.22
N ASN B 957 35.59 -19.92 -13.92
CA ASN B 957 34.19 -19.61 -13.72
C ASN B 957 33.68 -20.50 -12.60
N PHE B 958 33.32 -19.89 -11.47
CA PHE B 958 32.88 -20.70 -10.34
C PHE B 958 32.16 -19.83 -9.32
N SER B 959 31.52 -20.49 -8.36
CA SER B 959 30.68 -19.78 -7.41
C SER B 959 30.68 -20.49 -6.06
N THR B 960 30.35 -19.73 -5.02
CA THR B 960 30.14 -20.27 -3.68
C THR B 960 28.81 -19.77 -3.14
N SER B 961 28.20 -20.54 -2.24
CA SER B 961 26.98 -20.10 -1.60
C SER B 961 26.83 -20.79 -0.26
N PHE B 962 26.28 -20.07 0.71
CA PHE B 962 26.10 -20.62 2.07
C PHE B 962 25.20 -19.69 2.86
N TRP B 963 24.89 -20.10 4.09
CA TRP B 963 24.09 -19.29 4.99
C TRP B 963 24.90 -18.97 6.25
N ILE B 964 24.89 -17.70 6.64
CA ILE B 964 25.61 -17.22 7.82
C ILE B 964 24.65 -16.46 8.73
N ARG B 965 24.77 -16.73 10.03
CA ARG B 965 24.16 -15.93 11.09
C ARG B 965 25.29 -15.38 11.96
N ILE B 966 25.29 -14.06 12.14
CA ILE B 966 26.34 -13.33 12.83
C ILE B 966 25.76 -12.75 14.10
N PRO B 967 26.41 -12.90 15.25
CA PRO B 967 25.92 -12.24 16.46
C PRO B 967 26.21 -10.75 16.40
N LYS B 968 25.68 -10.03 17.39
CA LYS B 968 25.74 -8.58 17.41
C LYS B 968 27.01 -8.12 18.10
N TYR B 969 27.79 -7.30 17.41
CA TYR B 969 29.11 -6.91 17.89
C TYR B 969 28.99 -6.07 19.15
N PHE B 970 29.77 -6.43 20.18
CA PHE B 970 29.73 -5.73 21.46
C PHE B 970 31.03 -5.00 21.75
N ASN B 971 32.16 -5.70 21.75
CA ASN B 971 33.41 -5.10 22.18
C ASN B 971 33.91 -4.09 21.15
N SER B 972 34.32 -2.92 21.63
CA SER B 972 34.74 -1.85 20.74
C SER B 972 36.05 -2.15 20.04
N ILE B 973 36.86 -3.06 20.58
CA ILE B 973 38.11 -3.43 19.92
C ILE B 973 37.85 -4.10 18.58
N SER B 974 36.65 -4.68 18.40
CA SER B 974 36.31 -5.33 17.15
C SER B 974 36.22 -4.36 15.98
N LEU B 975 36.18 -3.05 16.24
CA LEU B 975 36.21 -2.07 15.16
C LEU B 975 37.50 -2.19 14.35
N ASN B 976 37.35 -2.20 13.03
CA ASN B 976 38.47 -2.35 12.10
C ASN B 976 39.30 -3.59 12.37
N ASN B 977 38.71 -4.60 13.00
CA ASN B 977 39.41 -5.84 13.34
C ASN B 977 39.01 -6.90 12.32
N GLU B 978 39.69 -6.90 11.19
CA GLU B 978 39.40 -7.86 10.14
C GLU B 978 39.93 -9.23 10.52
N TYR B 979 39.13 -10.27 10.28
CA TYR B 979 39.54 -11.63 10.57
C TYR B 979 38.89 -12.57 9.56
N THR B 980 39.67 -13.55 9.10
CA THR B 980 39.21 -14.49 8.10
C THR B 980 38.36 -15.59 8.73
N ILE B 981 37.23 -15.88 8.12
CA ILE B 981 36.32 -16.89 8.66
C ILE B 981 36.42 -18.16 7.83
N ILE B 982 36.65 -18.02 6.52
CA ILE B 982 36.80 -19.15 5.62
C ILE B 982 38.01 -18.91 4.76
N ASN B 983 38.89 -19.90 4.68
CA ASN B 983 40.17 -19.75 4.00
C ASN B 983 40.35 -20.84 2.96
N CYS B 984 40.79 -20.46 1.77
CA CYS B 984 41.29 -21.40 0.77
C CYS B 984 42.53 -20.79 0.11
N MET B 985 43.38 -20.17 0.91
CA MET B 985 44.54 -19.44 0.42
C MET B 985 45.79 -20.12 0.95
N GLU B 986 46.75 -20.35 0.05
CA GLU B 986 48.03 -20.93 0.39
C GLU B 986 49.10 -20.11 -0.31
N ASN B 987 50.23 -19.90 0.38
CA ASN B 987 51.42 -19.29 -0.21
C ASN B 987 51.08 -18.01 -0.99
N ASN B 988 50.28 -17.15 -0.36
CA ASN B 988 49.93 -15.84 -0.91
C ASN B 988 49.14 -15.99 -2.22
N SER B 989 48.17 -16.92 -2.22
CA SER B 989 47.32 -17.12 -3.40
C SER B 989 46.11 -17.97 -3.02
N GLY B 990 44.92 -17.52 -3.40
CA GLY B 990 43.69 -18.21 -3.10
C GLY B 990 42.59 -17.19 -2.80
N TRP B 991 41.52 -17.64 -2.16
CA TRP B 991 40.48 -16.72 -1.74
C TRP B 991 40.17 -16.90 -0.27
N LYS B 992 39.50 -15.89 0.28
CA LYS B 992 39.09 -15.95 1.67
C LYS B 992 37.84 -15.12 1.90
N VAL B 993 36.94 -15.66 2.70
CA VAL B 993 35.79 -14.94 3.21
C VAL B 993 36.12 -14.49 4.62
N SER B 994 35.96 -13.20 4.88
CA SER B 994 36.31 -12.62 6.17
C SER B 994 35.19 -11.71 6.64
N LEU B 995 35.17 -11.47 7.95
CA LEU B 995 34.19 -10.59 8.56
C LEU B 995 34.88 -9.45 9.28
N ASN B 996 34.22 -8.30 9.29
CA ASN B 996 34.67 -7.17 10.09
C ASN B 996 33.43 -6.43 10.57
N TYR B 997 33.62 -5.23 11.10
CA TYR B 997 32.57 -4.61 11.89
C TYR B 997 31.38 -4.31 11.00
N GLY B 998 30.43 -5.23 10.96
CA GLY B 998 29.24 -5.04 10.16
C GLY B 998 29.45 -5.18 8.68
N GLU B 999 30.51 -5.86 8.23
CA GLU B 999 30.66 -6.08 6.80
C GLU B 999 31.28 -7.43 6.50
N ILE B 1000 30.90 -7.96 5.34
CA ILE B 1000 31.39 -9.22 4.80
C ILE B 1000 32.34 -8.91 3.66
N ILE B 1001 33.49 -9.60 3.64
CA ILE B 1001 34.54 -9.32 2.67
C ILE B 1001 34.89 -10.61 1.95
N TRP B 1002 34.83 -10.57 0.62
CA TRP B 1002 35.30 -11.66 -0.24
C TRP B 1002 36.59 -11.19 -0.91
N THR B 1003 37.68 -11.93 -0.68
CA THR B 1003 38.99 -11.55 -1.17
C THR B 1003 39.53 -12.61 -2.10
N LEU B 1004 39.90 -12.18 -3.32
CA LEU B 1004 40.59 -13.01 -4.28
C LEU B 1004 42.03 -12.53 -4.40
N GLN B 1005 42.97 -13.47 -4.51
CA GLN B 1005 44.37 -13.13 -4.38
C GLN B 1005 45.19 -14.05 -5.28
N ASP B 1006 45.98 -13.47 -6.18
CA ASP B 1006 46.79 -14.27 -7.08
C ASP B 1006 48.22 -14.38 -6.56
N THR B 1007 49.07 -15.08 -7.33
CA THR B 1007 50.46 -15.22 -6.95
C THR B 1007 51.20 -13.89 -7.00
N GLN B 1008 50.88 -13.05 -7.99
CA GLN B 1008 51.55 -11.77 -8.16
C GLN B 1008 50.84 -10.63 -7.44
N GLU B 1009 50.47 -10.88 -6.18
CA GLU B 1009 50.15 -9.84 -5.21
C GLU B 1009 48.87 -9.07 -5.53
N ILE B 1010 48.25 -9.34 -6.68
CA ILE B 1010 47.08 -8.55 -7.07
C ILE B 1010 45.89 -8.98 -6.24
N LYS B 1011 45.58 -8.18 -5.22
CA LYS B 1011 44.45 -8.45 -4.33
C LYS B 1011 43.19 -7.80 -4.89
N GLN B 1012 42.06 -8.47 -4.71
CA GLN B 1012 40.77 -7.94 -5.13
C GLN B 1012 39.78 -8.20 -4.00
N ARG B 1013 39.32 -7.14 -3.36
CA ARG B 1013 38.41 -7.23 -2.23
C ARG B 1013 37.06 -6.64 -2.59
N VAL B 1014 36.01 -7.44 -2.45
CA VAL B 1014 34.65 -6.97 -2.62
C VAL B 1014 33.96 -7.03 -1.26
N VAL B 1015 33.22 -5.98 -0.93
CA VAL B 1015 32.70 -5.80 0.41
C VAL B 1015 31.20 -5.55 0.34
N PHE B 1016 30.46 -6.12 1.30
CA PHE B 1016 29.07 -5.78 1.52
C PHE B 1016 28.92 -5.31 2.96
N LYS B 1017 28.43 -4.10 3.14
CA LYS B 1017 28.39 -3.45 4.45
C LYS B 1017 26.96 -3.21 4.88
N TYR B 1018 26.78 -3.06 6.20
CA TYR B 1018 25.48 -2.73 6.77
C TYR B 1018 25.73 -2.02 8.09
N SER B 1019 24.86 -1.08 8.41
CA SER B 1019 24.99 -0.30 9.63
C SER B 1019 24.29 -1.00 10.79
N GLN B 1020 24.85 -0.83 11.98
CA GLN B 1020 24.26 -1.37 13.19
C GLN B 1020 23.31 -0.39 13.88
N MET B 1021 23.33 0.88 13.49
CA MET B 1021 22.51 1.89 14.15
C MET B 1021 21.24 2.14 13.33
N ILE B 1022 20.36 1.13 13.33
CA ILE B 1022 19.10 1.21 12.59
C ILE B 1022 18.00 0.55 13.40
N ASN B 1023 16.78 1.03 13.21
CA ASN B 1023 15.65 0.59 14.05
C ASN B 1023 15.29 -0.87 13.78
N ILE B 1024 15.31 -1.29 12.53
CA ILE B 1024 15.04 -2.69 12.17
C ILE B 1024 16.09 -3.11 11.17
N SER B 1025 16.70 -4.28 11.40
CA SER B 1025 17.79 -4.77 10.58
C SER B 1025 17.46 -6.13 10.01
N ASP B 1026 17.83 -6.33 8.75
CA ASP B 1026 17.78 -7.63 8.11
C ASP B 1026 19.16 -8.25 7.98
N TYR B 1027 20.17 -7.66 8.63
CA TYR B 1027 21.54 -8.12 8.48
C TYR B 1027 22.25 -8.19 9.82
N ILE B 1028 21.56 -8.63 10.85
CA ILE B 1028 22.19 -8.91 12.14
C ILE B 1028 21.38 -9.97 12.85
N ASN B 1029 22.07 -10.98 13.38
CA ASN B 1029 21.49 -12.10 14.11
C ASN B 1029 20.45 -12.87 13.28
N ARG B 1030 20.31 -12.54 12.01
CA ARG B 1030 19.38 -13.19 11.10
C ARG B 1030 20.12 -14.11 10.15
N TRP B 1031 19.41 -15.11 9.65
CA TRP B 1031 19.99 -16.03 8.69
C TRP B 1031 20.12 -15.35 7.33
N ILE B 1032 21.34 -15.27 6.83
CA ILE B 1032 21.66 -14.51 5.62
C ILE B 1032 22.23 -15.45 4.59
N PHE B 1033 21.62 -15.49 3.41
CA PHE B 1033 22.18 -16.22 2.29
C PHE B 1033 23.21 -15.36 1.59
N VAL B 1034 24.42 -15.90 1.41
CA VAL B 1034 25.50 -15.19 0.76
C VAL B 1034 26.02 -16.07 -0.36
N THR B 1035 26.14 -15.50 -1.56
CA THR B 1035 26.74 -16.21 -2.68
C THR B 1035 27.64 -15.28 -3.47
N ILE B 1036 28.68 -15.89 -4.04
CA ILE B 1036 29.70 -15.19 -4.80
C ILE B 1036 29.81 -15.87 -6.16
N THR B 1037 29.68 -15.08 -7.23
CA THR B 1037 29.84 -15.57 -8.59
C THR B 1037 31.11 -14.98 -9.18
N ASN B 1038 31.85 -15.78 -9.95
CA ASN B 1038 33.15 -15.38 -10.45
C ASN B 1038 33.31 -15.81 -11.90
N ASN B 1039 33.62 -14.84 -12.76
CA ASN B 1039 34.03 -15.06 -14.14
C ASN B 1039 35.41 -14.43 -14.25
N ARG B 1040 36.45 -15.26 -14.19
CA ARG B 1040 37.81 -14.76 -14.24
C ARG B 1040 38.06 -13.97 -15.52
N LEU B 1041 37.26 -14.20 -16.56
CA LEU B 1041 37.37 -13.40 -17.77
C LEU B 1041 36.87 -11.98 -17.53
N ASN B 1042 35.72 -11.81 -16.88
CA ASN B 1042 35.08 -10.50 -16.82
C ASN B 1042 34.99 -9.91 -15.42
N ASN B 1043 34.31 -10.55 -14.47
CA ASN B 1043 33.94 -9.85 -13.25
C ASN B 1043 33.67 -10.82 -12.10
N SER B 1044 33.70 -10.28 -10.89
CA SER B 1044 33.26 -10.98 -9.70
C SER B 1044 32.09 -10.22 -9.10
N LYS B 1045 31.01 -10.95 -8.80
CA LYS B 1045 29.76 -10.38 -8.33
C LYS B 1045 29.38 -10.99 -6.99
N ILE B 1046 28.77 -10.18 -6.13
CA ILE B 1046 28.32 -10.61 -4.81
C ILE B 1046 26.81 -10.52 -4.75
N TYR B 1047 26.18 -11.49 -4.10
CA TYR B 1047 24.73 -11.51 -3.93
C TYR B 1047 24.40 -11.90 -2.50
N ILE B 1048 23.45 -11.20 -1.91
CA ILE B 1048 23.02 -11.45 -0.54
C ILE B 1048 21.52 -11.73 -0.56
N ASN B 1049 21.13 -12.93 -0.11
CA ASN B 1049 19.76 -13.41 -0.03
C ASN B 1049 19.03 -13.27 -1.36
N GLY B 1050 19.78 -13.08 -2.44
CA GLY B 1050 19.21 -13.03 -3.77
C GLY B 1050 18.97 -11.62 -4.30
N ARG B 1051 19.85 -10.68 -3.95
CA ARG B 1051 19.74 -9.32 -4.46
C ARG B 1051 21.12 -8.81 -4.84
N LEU B 1052 21.16 -7.98 -5.87
CA LEU B 1052 22.41 -7.50 -6.43
C LEU B 1052 23.03 -6.44 -5.52
N ILE B 1053 24.33 -6.57 -5.26
CA ILE B 1053 25.02 -5.59 -4.42
C ILE B 1053 26.23 -4.98 -5.14
N ASP B 1054 27.22 -5.79 -5.51
CA ASP B 1054 28.44 -5.21 -6.04
C ASP B 1054 29.11 -6.11 -7.05
N GLN B 1055 29.76 -5.48 -8.03
CA GLN B 1055 30.60 -6.12 -9.04
C GLN B 1055 31.95 -5.43 -9.08
N LYS B 1056 33.01 -6.21 -9.26
CA LYS B 1056 34.33 -5.64 -9.50
C LYS B 1056 35.06 -6.43 -10.56
N PRO B 1057 35.89 -5.76 -11.36
CA PRO B 1057 36.61 -6.47 -12.42
C PRO B 1057 37.71 -7.35 -11.85
N ILE B 1058 37.81 -8.56 -12.38
CA ILE B 1058 38.87 -9.49 -12.03
C ILE B 1058 39.67 -9.90 -13.26
N SER B 1059 39.54 -9.15 -14.35
CA SER B 1059 40.33 -9.42 -15.55
C SER B 1059 41.82 -9.25 -15.31
N ASN B 1060 42.19 -8.27 -14.46
CA ASN B 1060 43.59 -8.07 -14.15
C ASN B 1060 44.20 -9.21 -13.35
N LEU B 1061 43.37 -10.05 -12.74
CA LEU B 1061 43.89 -11.23 -12.06
C LEU B 1061 44.54 -12.18 -13.05
N GLY B 1062 45.65 -12.78 -12.65
CA GLY B 1062 46.40 -13.68 -13.50
C GLY B 1062 46.17 -15.14 -13.16
N ASN B 1063 47.11 -15.72 -12.41
CA ASN B 1063 47.06 -17.13 -12.05
C ASN B 1063 46.82 -17.26 -10.55
N ILE B 1064 45.81 -18.02 -10.17
CA ILE B 1064 45.37 -18.15 -8.78
C ILE B 1064 45.40 -19.64 -8.41
N HIS B 1065 46.49 -20.07 -7.78
CA HIS B 1065 46.70 -21.48 -7.52
C HIS B 1065 45.71 -22.00 -6.48
N ALA B 1066 45.33 -23.26 -6.62
CA ALA B 1066 44.25 -23.86 -5.85
C ALA B 1066 44.73 -24.36 -4.49
N SER B 1067 43.94 -24.09 -3.47
CA SER B 1067 44.25 -24.57 -2.13
C SER B 1067 44.11 -26.08 -2.05
N ASN B 1068 44.97 -26.70 -1.25
CA ASN B 1068 44.86 -28.15 -1.02
C ASN B 1068 43.60 -28.49 -0.26
N ASN B 1069 43.23 -27.69 0.74
CA ASN B 1069 42.10 -27.99 1.60
C ASN B 1069 41.27 -26.74 1.84
N ILE B 1070 40.25 -26.88 2.69
CA ILE B 1070 39.32 -25.82 3.05
C ILE B 1070 39.36 -25.67 4.56
N MET B 1071 39.53 -24.44 5.03
CA MET B 1071 39.69 -24.12 6.43
C MET B 1071 38.41 -23.46 6.95
N PHE B 1072 37.90 -23.93 8.08
CA PHE B 1072 36.76 -23.31 8.75
C PHE B 1072 37.21 -22.99 10.17
N LYS B 1073 37.59 -21.74 10.40
CA LYS B 1073 38.13 -21.34 11.69
C LYS B 1073 38.17 -19.83 11.77
N LEU B 1074 37.88 -19.29 12.95
CA LEU B 1074 38.16 -17.88 13.19
C LEU B 1074 39.67 -17.69 13.31
N ASP B 1075 40.18 -16.66 12.63
CA ASP B 1075 41.61 -16.41 12.59
C ASP B 1075 41.84 -14.91 12.65
N GLY B 1076 42.53 -14.46 13.69
CA GLY B 1076 42.85 -13.06 13.86
C GLY B 1076 41.78 -12.21 14.51
N CYS B 1077 40.68 -12.82 14.96
CA CYS B 1077 39.62 -12.07 15.62
C CYS B 1077 40.03 -11.79 17.06
N ARG B 1078 40.23 -10.51 17.38
CA ARG B 1078 40.68 -10.15 18.72
C ARG B 1078 39.64 -10.45 19.79
N ASP B 1079 38.37 -10.56 19.41
CA ASP B 1079 37.32 -10.83 20.38
C ASP B 1079 37.50 -12.22 20.97
N THR B 1080 37.33 -12.32 22.28
CA THR B 1080 37.44 -13.59 22.99
C THR B 1080 36.12 -14.33 23.08
N HIS B 1081 35.05 -13.75 22.55
CA HIS B 1081 33.73 -14.37 22.62
C HIS B 1081 33.07 -14.50 21.26
N ARG B 1082 33.73 -14.12 20.18
CA ARG B 1082 33.10 -14.15 18.87
C ARG B 1082 32.80 -15.57 18.43
N TYR B 1083 31.61 -15.77 17.89
CA TYR B 1083 31.19 -17.07 17.39
C TYR B 1083 30.28 -16.85 16.19
N ILE B 1084 30.18 -17.87 15.35
CA ILE B 1084 29.48 -17.77 14.07
C ILE B 1084 28.39 -18.84 14.02
N TRP B 1085 27.51 -18.73 13.03
CA TRP B 1085 26.62 -19.83 12.67
C TRP B 1085 26.63 -19.94 11.16
N ILE B 1086 26.91 -21.13 10.62
CA ILE B 1086 26.87 -21.32 9.18
C ILE B 1086 26.17 -22.63 8.87
N LYS B 1087 25.55 -22.68 7.69
CA LYS B 1087 24.92 -23.91 7.26
C LYS B 1087 24.75 -23.92 5.75
N TYR B 1088 24.50 -25.12 5.23
CA TYR B 1088 24.34 -25.41 3.81
C TYR B 1088 25.38 -24.72 2.95
N PHE B 1089 26.65 -25.04 3.18
CA PHE B 1089 27.73 -24.54 2.35
C PHE B 1089 27.84 -25.37 1.07
N ASN B 1090 27.99 -24.70 -0.06
CA ASN B 1090 27.99 -25.36 -1.36
C ASN B 1090 28.91 -24.62 -2.31
N LEU B 1091 29.56 -25.38 -3.18
CA LEU B 1091 30.50 -24.85 -4.15
C LEU B 1091 30.06 -25.28 -5.55
N PHE B 1092 30.27 -24.39 -6.52
CA PHE B 1092 29.79 -24.61 -7.88
C PHE B 1092 30.97 -24.46 -8.84
N ASP B 1093 31.22 -25.51 -9.63
CA ASP B 1093 32.36 -25.55 -10.54
C ASP B 1093 32.19 -24.63 -11.74
N LYS B 1094 31.02 -24.04 -11.92
CA LYS B 1094 30.79 -23.09 -12.98
C LYS B 1094 30.12 -21.85 -12.42
N GLU B 1095 30.30 -20.73 -13.13
CA GLU B 1095 29.68 -19.49 -12.68
C GLU B 1095 28.16 -19.58 -12.71
N LEU B 1096 27.51 -18.86 -11.81
CA LEU B 1096 26.03 -19.00 -11.73
C LEU B 1096 25.38 -17.81 -12.44
N ASN B 1097 24.06 -17.74 -12.42
CA ASN B 1097 23.35 -16.57 -13.00
C ASN B 1097 22.22 -16.14 -12.07
N GLU B 1098 21.70 -14.94 -12.26
CA GLU B 1098 20.67 -14.42 -11.33
C GLU B 1098 19.55 -15.45 -11.18
N LYS B 1099 19.14 -16.07 -12.29
CA LYS B 1099 17.97 -16.97 -12.18
C LYS B 1099 18.33 -18.14 -11.26
N GLU B 1100 19.42 -18.84 -11.57
CA GLU B 1100 19.72 -20.07 -10.79
C GLU B 1100 20.07 -19.70 -9.34
N ILE B 1101 20.36 -18.43 -9.07
CA ILE B 1101 20.81 -18.14 -7.68
C ILE B 1101 19.55 -17.80 -6.89
N LYS B 1102 18.65 -17.03 -7.50
CA LYS B 1102 17.44 -16.58 -6.75
C LYS B 1102 16.63 -17.80 -6.34
N ASP B 1103 16.33 -18.69 -7.27
CA ASP B 1103 15.46 -19.85 -6.92
C ASP B 1103 16.21 -20.70 -5.88
N LEU B 1104 17.53 -20.74 -5.97
CA LEU B 1104 18.33 -21.54 -5.02
C LEU B 1104 18.00 -21.03 -3.62
N TYR B 1105 17.94 -19.71 -3.48
CA TYR B 1105 17.66 -19.13 -2.16
C TYR B 1105 16.39 -19.80 -1.63
N ASP B 1106 15.33 -19.70 -2.42
CA ASP B 1106 14.04 -20.28 -1.97
C ASP B 1106 14.22 -21.77 -1.76
N ASN B 1107 14.98 -22.43 -2.64
CA ASN B 1107 15.09 -23.90 -2.53
C ASN B 1107 15.61 -24.25 -1.14
N GLN B 1108 16.77 -23.71 -0.77
CA GLN B 1108 17.36 -24.10 0.53
C GLN B 1108 16.45 -23.57 1.64
N SER B 1109 15.61 -22.59 1.34
CA SER B 1109 14.80 -21.97 2.40
C SER B 1109 14.00 -23.03 3.15
N ILE B 1113 8.19 -25.46 6.46
CA ILE B 1113 8.32 -25.24 7.89
C ILE B 1113 8.56 -23.76 8.14
N LEU B 1114 7.72 -23.17 8.99
CA LEU B 1114 7.82 -21.75 9.26
C LEU B 1114 9.07 -21.44 10.08
N LYS B 1115 9.49 -20.18 10.04
CA LYS B 1115 10.70 -19.72 10.70
C LYS B 1115 10.39 -18.56 11.63
N ASP B 1116 11.34 -18.26 12.50
CA ASP B 1116 11.26 -17.17 13.44
C ASP B 1116 11.93 -15.93 12.85
N PHE B 1117 12.14 -14.91 13.69
CA PHE B 1117 12.81 -13.69 13.25
C PHE B 1117 14.22 -14.00 12.74
N TRP B 1118 14.94 -14.86 13.45
CA TRP B 1118 16.30 -15.19 13.06
C TRP B 1118 16.36 -16.14 11.86
N GLY B 1119 15.23 -16.68 11.42
CA GLY B 1119 15.22 -17.66 10.36
C GLY B 1119 15.28 -19.09 10.82
N ASP B 1120 15.47 -19.33 12.13
CA ASP B 1120 15.51 -20.66 12.68
C ASP B 1120 14.09 -21.21 12.81
N TYR B 1121 13.99 -22.53 12.97
CA TYR B 1121 12.68 -23.18 13.05
C TYR B 1121 11.92 -22.70 14.28
N LEU B 1122 10.67 -22.29 14.07
CA LEU B 1122 9.78 -21.99 15.18
C LEU B 1122 9.45 -23.27 15.94
N GLN B 1123 9.41 -23.17 17.27
CA GLN B 1123 9.28 -24.35 18.11
C GLN B 1123 8.12 -24.20 19.07
N TYR B 1124 7.55 -25.34 19.46
CA TYR B 1124 6.41 -25.38 20.37
C TYR B 1124 6.86 -25.12 21.80
N ASP B 1125 5.85 -24.96 22.68
CA ASP B 1125 5.99 -24.78 24.12
C ASP B 1125 7.15 -23.87 24.49
N LYS B 1126 7.40 -22.85 23.66
CA LYS B 1126 8.45 -21.88 23.89
C LYS B 1126 7.83 -20.48 23.86
N PRO B 1127 8.28 -19.58 24.73
CA PRO B 1127 7.80 -18.21 24.65
C PRO B 1127 8.35 -17.48 23.43
N TYR B 1128 7.56 -16.51 22.95
CA TYR B 1128 7.97 -15.70 21.80
C TYR B 1128 7.35 -14.33 21.92
N TYR B 1129 8.13 -13.29 21.62
CA TYR B 1129 7.56 -11.96 21.47
C TYR B 1129 6.95 -11.80 20.08
N MET B 1130 6.18 -10.73 19.91
CA MET B 1130 5.40 -10.54 18.70
C MET B 1130 5.83 -9.26 17.99
N LEU B 1131 5.74 -9.25 16.67
CA LEU B 1131 6.05 -8.06 15.88
C LEU B 1131 5.30 -8.07 14.57
N ASN B 1132 4.57 -7.00 14.29
CA ASN B 1132 3.87 -6.85 13.01
C ASN B 1132 4.72 -6.01 12.07
N LEU B 1133 4.88 -6.48 10.83
CA LEU B 1133 5.72 -5.79 9.86
C LEU B 1133 5.10 -4.47 9.43
N TYR B 1134 3.77 -4.37 9.41
CA TYR B 1134 3.13 -3.13 9.00
C TYR B 1134 3.45 -2.00 9.96
N ASP B 1135 3.45 -2.30 11.26
CA ASP B 1135 3.72 -1.31 12.31
C ASP B 1135 4.88 -1.85 13.16
N PRO B 1136 6.12 -1.55 12.79
CA PRO B 1136 7.26 -2.10 13.55
C PRO B 1136 7.57 -1.37 14.84
N ASN B 1137 7.29 -0.06 14.87
CA ASN B 1137 7.74 0.79 15.97
C ASN B 1137 6.92 0.62 17.24
N LYS B 1138 5.85 -0.16 17.22
CA LYS B 1138 5.02 -0.37 18.39
C LYS B 1138 5.04 -1.84 18.79
N TYR B 1139 4.70 -2.10 20.05
CA TYR B 1139 4.61 -3.44 20.60
C TYR B 1139 3.20 -3.69 21.13
N VAL B 1140 2.97 -4.92 21.59
CA VAL B 1140 1.65 -5.36 22.03
C VAL B 1140 1.55 -5.22 23.54
N ASP B 1141 0.33 -4.99 24.03
CA ASP B 1141 0.06 -4.85 25.45
C ASP B 1141 -1.31 -5.41 25.77
N VAL B 1142 -1.49 -5.81 27.03
CA VAL B 1142 -2.72 -6.43 27.51
C VAL B 1142 -3.57 -5.37 28.19
N ASN B 1143 -4.88 -5.63 28.27
CA ASN B 1143 -5.76 -4.79 29.07
C ASN B 1143 -6.90 -5.63 29.65
N ASN B 1144 -7.01 -5.56 30.99
CA ASN B 1144 -8.10 -6.11 31.81
C ASN B 1144 -8.64 -7.43 31.25
N VAL B 1145 -7.73 -8.39 31.15
CA VAL B 1145 -7.93 -9.69 30.49
C VAL B 1145 -9.24 -10.36 30.89
N GLY B 1146 -9.84 -11.07 29.94
CA GLY B 1146 -11.14 -11.67 30.08
C GLY B 1146 -11.90 -11.52 28.79
N ILE B 1147 -13.21 -11.79 28.85
CA ILE B 1147 -14.05 -11.55 27.69
C ILE B 1147 -14.06 -10.06 27.34
N ARG B 1148 -14.15 -9.21 28.37
CA ARG B 1148 -14.05 -7.77 28.16
C ARG B 1148 -12.62 -7.34 27.85
N GLY B 1149 -11.63 -8.16 28.21
CA GLY B 1149 -10.25 -7.77 28.02
C GLY B 1149 -9.83 -7.77 26.56
N TYR B 1150 -8.71 -7.09 26.29
CA TYR B 1150 -8.28 -7.02 24.90
C TYR B 1150 -6.79 -6.72 24.81
N MET B 1151 -6.23 -7.07 23.66
CA MET B 1151 -4.84 -6.82 23.32
C MET B 1151 -4.83 -5.53 22.49
N TYR B 1152 -3.75 -4.76 22.59
CA TYR B 1152 -3.69 -3.52 21.83
C TYR B 1152 -2.24 -3.19 21.51
N LEU B 1153 -2.06 -2.18 20.64
CA LEU B 1153 -0.76 -1.77 20.14
C LEU B 1153 -0.39 -0.44 20.79
N LYS B 1154 0.73 -0.41 21.50
CA LYS B 1154 1.19 0.78 22.19
C LYS B 1154 2.69 0.93 21.96
N GLY B 1155 3.24 2.07 22.38
CA GLY B 1155 4.65 2.28 22.29
C GLY B 1155 5.08 3.70 22.62
N PRO B 1156 6.23 4.12 22.09
CA PRO B 1156 7.13 3.37 21.20
C PRO B 1156 7.86 2.26 21.93
N ARG B 1157 8.41 1.28 21.21
CA ARG B 1157 9.13 0.18 21.86
C ARG B 1157 10.36 0.64 22.61
N GLY B 1158 10.83 1.84 22.35
CA GLY B 1158 12.02 2.36 23.01
C GLY B 1158 13.27 2.15 22.18
N SER B 1159 14.40 2.19 22.87
CA SER B 1159 15.68 2.01 22.19
C SER B 1159 16.72 1.54 23.19
N VAL B 1160 17.53 0.57 22.76
CA VAL B 1160 18.71 0.12 23.47
C VAL B 1160 19.90 0.34 22.56
N MET B 1161 20.98 0.87 23.12
CA MET B 1161 22.13 1.21 22.31
C MET B 1161 23.39 1.19 23.15
N THR B 1162 24.52 1.10 22.47
CA THR B 1162 25.82 1.36 23.06
C THR B 1162 26.60 2.25 22.10
N THR B 1163 27.26 3.26 22.67
CA THR B 1163 27.84 4.34 21.89
C THR B 1163 28.77 3.79 20.82
N ASN B 1164 28.69 4.40 19.64
CA ASN B 1164 29.53 4.17 18.45
C ASN B 1164 29.75 2.68 18.18
N ILE B 1165 28.84 1.84 18.66
CA ILE B 1165 28.82 0.42 18.35
C ILE B 1165 27.47 0.01 17.76
N TYR B 1166 26.38 0.34 18.43
CA TYR B 1166 25.07 0.03 17.86
C TYR B 1166 24.00 0.90 18.48
N LEU B 1167 22.93 1.10 17.71
CA LEU B 1167 21.69 1.72 18.19
C LEU B 1167 20.54 0.94 17.59
N ASN B 1168 19.59 0.49 18.41
CA ASN B 1168 18.42 -0.17 17.84
C ASN B 1168 17.28 -0.15 18.83
N SER B 1169 16.06 -0.10 18.30
CA SER B 1169 14.87 -0.15 19.14
C SER B 1169 14.82 -1.46 19.91
N SER B 1170 14.23 -1.41 21.10
CA SER B 1170 14.13 -2.60 21.94
C SER B 1170 13.26 -3.65 21.26
N LEU B 1171 13.61 -4.91 21.48
CA LEU B 1171 12.88 -6.01 20.87
C LEU B 1171 12.05 -6.81 21.86
N TYR B 1172 12.55 -7.05 23.07
CA TYR B 1172 11.78 -7.79 24.08
C TYR B 1172 10.80 -6.85 24.78
N ARG B 1173 9.79 -6.43 24.03
CA ARG B 1173 8.70 -5.64 24.54
C ARG B 1173 7.38 -6.36 24.32
N GLY B 1174 6.47 -6.23 25.27
CA GLY B 1174 5.18 -6.87 25.21
C GLY B 1174 5.19 -8.26 25.83
N ALA B 1175 3.98 -8.77 26.07
CA ALA B 1175 3.82 -10.08 26.66
C ALA B 1175 4.27 -11.16 25.69
N LYS B 1176 4.90 -12.20 26.23
CA LYS B 1176 5.43 -13.27 25.40
C LYS B 1176 4.32 -14.24 25.00
N PHE B 1177 4.46 -14.83 23.81
CA PHE B 1177 3.47 -15.74 23.26
C PHE B 1177 4.05 -17.14 23.21
N ILE B 1178 3.23 -18.13 23.59
CA ILE B 1178 3.65 -19.52 23.58
C ILE B 1178 2.68 -20.33 22.72
N ILE B 1179 3.23 -21.34 22.06
CA ILE B 1179 2.51 -22.17 21.10
C ILE B 1179 2.67 -23.63 21.52
N LYS B 1180 1.55 -24.34 21.58
CA LYS B 1180 1.56 -25.76 21.94
C LYS B 1180 0.61 -26.52 21.04
N LYS B 1181 0.84 -27.83 20.94
CA LYS B 1181 0.08 -28.67 20.03
C LYS B 1181 -1.39 -28.74 20.44
N TYR B 1182 -2.27 -28.68 19.46
CA TYR B 1182 -3.69 -28.97 19.65
C TYR B 1182 -4.08 -30.32 19.06
N ALA B 1183 -3.74 -30.57 17.80
CA ALA B 1183 -4.04 -31.85 17.18
C ALA B 1183 -2.92 -32.35 16.28
N SER B 1184 -1.77 -31.69 16.26
CA SER B 1184 -0.65 -32.14 15.45
C SER B 1184 -0.07 -33.42 16.04
N GLY B 1185 0.08 -34.44 15.19
CA GLY B 1185 0.57 -35.74 15.64
C GLY B 1185 2.07 -35.90 15.64
N ASN B 1186 2.81 -34.94 15.08
CA ASN B 1186 4.26 -35.02 15.07
C ASN B 1186 4.81 -34.96 16.49
N LYS B 1187 5.70 -35.89 16.82
CA LYS B 1187 6.24 -35.97 18.17
C LYS B 1187 7.06 -34.73 18.52
N ASP B 1188 7.84 -34.24 17.57
CA ASP B 1188 8.72 -33.11 17.82
C ASP B 1188 7.92 -31.81 17.96
N ASN B 1189 8.58 -30.81 18.53
CA ASN B 1189 7.97 -29.52 18.79
C ASN B 1189 8.11 -28.55 17.63
N ILE B 1190 8.53 -29.03 16.46
CA ILE B 1190 8.66 -28.17 15.28
C ILE B 1190 7.28 -27.94 14.67
N VAL B 1191 7.00 -26.69 14.31
CA VAL B 1191 5.77 -26.33 13.63
C VAL B 1191 6.01 -26.40 12.13
N ARG B 1192 4.97 -26.77 11.38
CA ARG B 1192 5.01 -26.79 9.93
C ARG B 1192 3.82 -26.00 9.40
N ASN B 1193 3.71 -25.95 8.08
CA ASN B 1193 2.63 -25.22 7.44
C ASN B 1193 1.30 -25.96 7.64
N ASN B 1194 0.22 -25.18 7.72
CA ASN B 1194 -1.14 -25.72 7.87
C ASN B 1194 -1.27 -26.59 9.12
N ASP B 1195 -0.75 -26.10 10.24
CA ASP B 1195 -0.87 -26.77 11.53
C ASP B 1195 -1.85 -25.99 12.40
N ARG B 1196 -2.90 -26.67 12.85
CA ARG B 1196 -3.88 -26.07 13.75
C ARG B 1196 -3.41 -26.22 15.19
N VAL B 1197 -3.16 -25.08 15.85
CA VAL B 1197 -2.64 -25.06 17.21
C VAL B 1197 -3.34 -23.99 18.01
N TYR B 1198 -3.21 -24.09 19.33
CA TYR B 1198 -3.71 -23.08 20.25
C TYR B 1198 -2.62 -22.09 20.59
N ILE B 1199 -3.03 -20.88 20.98
CA ILE B 1199 -2.11 -19.78 21.25
C ILE B 1199 -2.37 -19.26 22.66
N ASN B 1200 -1.30 -19.18 23.46
CA ASN B 1200 -1.41 -18.68 24.82
C ASN B 1200 -0.42 -17.54 25.01
N VAL B 1201 -0.72 -16.69 26.00
CA VAL B 1201 0.09 -15.52 26.28
C VAL B 1201 0.40 -15.50 27.76
N VAL B 1202 1.60 -15.03 28.10
CA VAL B 1202 2.04 -14.92 29.48
C VAL B 1202 1.79 -13.50 29.97
N VAL B 1203 1.05 -13.38 31.07
CA VAL B 1203 0.75 -12.11 31.70
C VAL B 1203 1.09 -12.24 33.17
N LYS B 1204 2.00 -11.39 33.65
CA LYS B 1204 2.55 -11.45 35.01
C LYS B 1204 2.82 -12.90 35.43
N ASN B 1205 3.43 -13.64 34.52
CA ASN B 1205 3.90 -15.02 34.72
C ASN B 1205 2.75 -16.02 34.89
N LYS B 1206 1.59 -15.75 34.29
CA LYS B 1206 0.48 -16.69 34.29
C LYS B 1206 -0.04 -16.82 32.86
N GLU B 1207 -0.50 -18.02 32.51
CA GLU B 1207 -0.84 -18.32 31.12
C GLU B 1207 -2.31 -18.06 30.84
N TYR B 1208 -2.59 -17.49 29.66
CA TYR B 1208 -3.92 -17.16 29.20
C TYR B 1208 -4.15 -17.73 27.81
N ARG B 1209 -5.33 -18.30 27.59
CA ARG B 1209 -5.78 -18.61 26.24
C ARG B 1209 -6.04 -17.33 25.46
N LEU B 1210 -5.88 -17.38 24.14
CA LEU B 1210 -6.38 -16.32 23.27
C LEU B 1210 -7.63 -16.81 22.55
N ALA B 1211 -8.73 -16.06 22.68
CA ALA B 1211 -9.99 -16.46 22.06
C ALA B 1211 -10.89 -15.24 21.95
N THR B 1212 -11.90 -15.35 21.08
CA THR B 1212 -12.82 -14.25 20.82
C THR B 1212 -14.21 -14.80 20.51
N ASN B 1213 -15.20 -13.92 20.61
CA ASN B 1213 -16.59 -14.24 20.29
C ASN B 1213 -16.87 -13.76 18.88
N ALA B 1214 -17.11 -14.72 17.96
CA ALA B 1214 -17.34 -14.39 16.57
C ALA B 1214 -18.74 -13.84 16.31
N SER B 1215 -19.67 -13.98 17.25
CA SER B 1215 -21.03 -13.49 17.05
C SER B 1215 -21.13 -11.98 17.17
N GLN B 1216 -20.06 -11.30 17.58
CA GLN B 1216 -20.09 -9.85 17.68
C GLN B 1216 -20.29 -9.22 16.30
N ALA B 1217 -20.97 -8.09 16.26
CA ALA B 1217 -21.29 -7.43 15.01
C ALA B 1217 -20.01 -6.90 14.34
N GLY B 1218 -20.03 -6.88 13.02
CA GLY B 1218 -18.90 -6.40 12.25
C GLY B 1218 -17.98 -7.52 11.83
N VAL B 1219 -17.33 -7.33 10.67
CA VAL B 1219 -16.38 -8.32 10.19
C VAL B 1219 -15.17 -8.40 11.11
N GLU B 1220 -14.77 -7.29 11.70
CA GLU B 1220 -13.66 -7.29 12.66
C GLU B 1220 -14.08 -8.03 13.92
N LYS B 1221 -13.24 -8.95 14.37
CA LYS B 1221 -13.52 -9.78 15.55
C LYS B 1221 -12.45 -9.51 16.60
N ILE B 1222 -12.79 -8.66 17.56
CA ILE B 1222 -11.83 -8.28 18.60
C ILE B 1222 -11.50 -9.51 19.44
N LEU B 1223 -10.22 -9.92 19.39
CA LEU B 1223 -9.77 -11.03 20.21
C LEU B 1223 -9.67 -10.61 21.67
N SER B 1224 -9.56 -11.61 22.54
CA SER B 1224 -9.47 -11.38 23.98
C SER B 1224 -8.58 -12.44 24.61
N ALA B 1225 -8.06 -12.12 25.79
CA ALA B 1225 -7.24 -13.04 26.56
C ALA B 1225 -8.06 -13.57 27.73
N LEU B 1226 -8.26 -14.88 27.77
CA LEU B 1226 -9.09 -15.52 28.78
C LEU B 1226 -8.25 -16.45 29.63
N GLU B 1227 -8.80 -16.82 30.79
CA GLU B 1227 -8.15 -17.80 31.63
C GLU B 1227 -8.17 -19.17 30.97
N ILE B 1228 -7.26 -20.04 31.41
CA ILE B 1228 -7.21 -21.40 30.86
C ILE B 1228 -8.54 -22.12 31.02
N PRO B 1229 -9.23 -22.06 32.18
CA PRO B 1229 -10.59 -22.63 32.25
C PRO B 1229 -11.61 -21.77 31.50
N ASP B 1230 -11.45 -21.64 30.19
CA ASP B 1230 -12.37 -20.86 29.39
C ASP B 1230 -13.48 -21.75 28.84
N VAL B 1231 -14.34 -21.18 28.02
CA VAL B 1231 -15.46 -21.89 27.40
C VAL B 1231 -15.09 -22.20 25.95
N GLY B 1232 -15.33 -23.44 25.53
CA GLY B 1232 -14.87 -23.90 24.23
C GLY B 1232 -15.63 -23.34 23.05
N ASN B 1233 -16.74 -22.64 23.28
CA ASN B 1233 -17.50 -22.08 22.17
C ASN B 1233 -16.69 -21.04 21.41
N LEU B 1234 -15.95 -20.21 22.13
CA LEU B 1234 -15.16 -19.15 21.49
C LEU B 1234 -14.04 -19.75 20.66
N SER B 1235 -13.81 -19.16 19.50
CA SER B 1235 -12.82 -19.67 18.56
C SER B 1235 -11.42 -19.42 19.09
N GLN B 1236 -10.64 -20.48 19.23
CA GLN B 1236 -9.26 -20.38 19.69
C GLN B 1236 -8.27 -21.21 18.87
N VAL B 1237 -8.74 -22.02 17.93
CA VAL B 1237 -7.84 -22.80 17.09
C VAL B 1237 -7.34 -21.92 15.95
N VAL B 1238 -6.03 -21.93 15.74
CA VAL B 1238 -5.36 -21.06 14.78
C VAL B 1238 -4.49 -21.90 13.89
N VAL B 1239 -4.55 -21.65 12.58
CA VAL B 1239 -3.75 -22.37 11.61
C VAL B 1239 -2.61 -21.47 11.13
N MET B 1240 -1.49 -22.10 10.84
CA MET B 1240 -0.27 -21.43 10.39
C MET B 1240 -0.15 -21.63 8.88
N CYS B 1252 4.61 -15.78 6.58
CA CYS B 1252 4.18 -16.16 7.92
C CYS B 1252 2.87 -15.47 8.29
N LYS B 1253 1.77 -16.23 8.20
CA LYS B 1253 0.43 -15.74 8.50
C LYS B 1253 -0.28 -16.74 9.40
N MET B 1254 -1.25 -16.24 10.17
CA MET B 1254 -2.06 -17.09 11.03
C MET B 1254 -3.53 -16.74 10.87
N ASN B 1255 -4.37 -17.78 10.86
CA ASN B 1255 -5.79 -17.65 10.56
C ASN B 1255 -6.59 -18.33 11.67
N LEU B 1256 -7.51 -17.59 12.29
CA LEU B 1256 -8.35 -18.19 13.32
C LEU B 1256 -9.53 -18.92 12.69
N GLN B 1257 -9.83 -20.11 13.21
CA GLN B 1257 -10.92 -20.92 12.70
C GLN B 1257 -11.97 -21.12 13.79
N ASP B 1258 -13.23 -21.19 13.36
CA ASP B 1258 -14.30 -21.53 14.27
C ASP B 1258 -14.21 -23.01 14.66
N ASN B 1259 -14.86 -23.36 15.76
CA ASN B 1259 -14.88 -24.75 16.20
C ASN B 1259 -15.50 -25.68 15.15
N ASN B 1260 -16.30 -25.14 14.24
CA ASN B 1260 -16.90 -25.91 13.16
C ASN B 1260 -16.07 -25.89 11.88
N GLY B 1261 -14.93 -25.22 11.88
CA GLY B 1261 -14.05 -25.18 10.73
C GLY B 1261 -14.12 -23.90 9.94
N ASN B 1262 -15.11 -23.04 10.18
CA ASN B 1262 -15.20 -21.77 9.47
C ASN B 1262 -14.08 -20.83 9.89
N ASP B 1263 -13.46 -20.19 8.90
CA ASP B 1263 -12.38 -19.27 9.18
C ASP B 1263 -12.92 -17.97 9.75
N ILE B 1264 -12.60 -17.68 11.01
CA ILE B 1264 -13.03 -16.43 11.62
C ILE B 1264 -12.37 -15.25 10.93
N GLY B 1265 -11.10 -15.37 10.61
CA GLY B 1265 -10.39 -14.31 9.93
C GLY B 1265 -8.89 -14.40 10.14
N PHE B 1266 -8.17 -13.71 9.27
CA PHE B 1266 -6.73 -13.59 9.42
C PHE B 1266 -6.41 -12.75 10.66
N ILE B 1267 -5.53 -13.25 11.51
CA ILE B 1267 -5.20 -12.51 12.72
C ILE B 1267 -4.41 -11.27 12.33
N GLY B 1268 -4.92 -10.11 12.73
CA GLY B 1268 -4.26 -8.86 12.45
C GLY B 1268 -4.75 -7.85 13.44
N PHE B 1269 -4.69 -6.57 13.06
CA PHE B 1269 -5.16 -5.49 13.91
C PHE B 1269 -6.01 -4.53 13.10
N HIS B 1270 -6.91 -3.85 13.80
CA HIS B 1270 -7.67 -2.76 13.22
C HIS B 1270 -7.65 -1.57 14.16
N GLN B 1271 -7.64 -0.37 13.56
CA GLN B 1271 -7.59 0.88 14.31
C GLN B 1271 -8.98 1.18 14.83
N PHE B 1272 -9.36 0.48 15.90
CA PHE B 1272 -10.66 0.68 16.53
C PHE B 1272 -10.61 2.01 17.28
N ASN B 1273 -11.16 3.04 16.67
CA ASN B 1273 -11.12 4.41 17.23
C ASN B 1273 -9.63 4.74 17.44
N ASN B 1274 -9.26 5.33 18.58
CA ASN B 1274 -7.86 5.64 18.85
C ASN B 1274 -7.05 4.45 19.34
N ILE B 1275 -7.67 3.29 19.56
CA ILE B 1275 -6.95 2.12 20.05
C ILE B 1275 -6.73 1.16 18.89
N ALA B 1276 -5.47 0.77 18.68
CA ALA B 1276 -5.14 -0.21 17.65
C ALA B 1276 -5.41 -1.59 18.23
N LYS B 1277 -6.66 -2.04 18.14
CA LYS B 1277 -7.03 -3.32 18.71
C LYS B 1277 -6.70 -4.44 17.73
N LEU B 1278 -6.82 -5.68 18.20
CA LEU B 1278 -6.51 -6.85 17.41
C LEU B 1278 -7.81 -7.49 16.94
N VAL B 1279 -7.80 -8.02 15.72
CA VAL B 1279 -9.01 -8.55 15.10
C VAL B 1279 -8.70 -9.85 14.36
N ALA B 1280 -9.76 -10.62 14.11
CA ALA B 1280 -9.73 -11.80 13.24
C ALA B 1280 -10.79 -11.54 12.18
N SER B 1281 -10.42 -10.82 11.13
CA SER B 1281 -11.36 -10.39 10.10
C SER B 1281 -11.05 -11.08 8.79
N ASN B 1282 -12.09 -11.23 7.96
CA ASN B 1282 -11.92 -11.79 6.63
C ASN B 1282 -11.44 -10.78 5.61
N ARG B 1293 -7.01 -5.51 2.91
CA ARG B 1293 -5.73 -4.86 3.21
C ARG B 1293 -4.57 -5.60 2.55
N THR B 1294 -3.70 -4.85 1.89
CA THR B 1294 -2.50 -5.44 1.30
C THR B 1294 -1.49 -5.88 2.35
N LEU B 1295 -1.64 -5.41 3.58
CA LEU B 1295 -0.74 -5.77 4.68
C LEU B 1295 -1.58 -6.05 5.91
N GLY B 1296 -0.92 -6.10 7.07
CA GLY B 1296 -1.58 -6.42 8.32
C GLY B 1296 -1.73 -7.90 8.59
N CYS B 1297 -1.53 -8.74 7.59
CA CYS B 1297 -1.51 -10.19 7.76
C CYS B 1297 -0.11 -10.73 7.99
N SER B 1298 0.89 -9.87 8.03
CA SER B 1298 2.28 -10.27 8.23
C SER B 1298 2.65 -10.09 9.70
N TRP B 1299 3.24 -11.12 10.30
CA TRP B 1299 3.64 -11.08 11.68
C TRP B 1299 5.00 -11.75 11.83
N GLU B 1300 5.51 -11.77 13.05
CA GLU B 1300 6.86 -12.26 13.28
C GLU B 1300 7.01 -12.63 14.75
N PHE B 1301 7.66 -13.77 14.99
CA PHE B 1301 7.89 -14.29 16.33
C PHE B 1301 9.34 -14.06 16.71
N ILE B 1302 9.57 -13.59 17.94
CA ILE B 1302 10.90 -13.28 18.44
C ILE B 1302 11.20 -14.22 19.60
N PRO B 1303 11.87 -15.33 19.35
CA PRO B 1303 12.36 -16.16 20.44
C PRO B 1303 13.48 -15.45 21.20
N VAL B 1304 13.59 -15.75 22.49
CA VAL B 1304 14.66 -15.19 23.28
C VAL B 1304 15.99 -15.76 22.78
N ASP B 1305 16.89 -14.88 22.38
CA ASP B 1305 18.14 -15.27 21.74
C ASP B 1305 19.31 -14.73 22.54
N ASP B 1306 20.26 -15.61 22.85
CA ASP B 1306 21.50 -15.17 23.49
C ASP B 1306 22.37 -14.36 22.54
N GLY B 1307 22.17 -14.51 21.24
CA GLY B 1307 23.01 -13.79 20.29
C GLY B 1307 22.71 -12.31 20.20
N TRP B 1308 21.57 -11.87 20.69
CA TRP B 1308 21.22 -10.46 20.59
C TRP B 1308 21.71 -9.68 21.79
N GLY B 1309 21.46 -10.18 23.00
CA GLY B 1309 22.06 -9.66 24.20
C GLY B 1309 21.27 -8.60 24.95
N GLU B 1310 20.13 -8.15 24.45
CA GLU B 1310 19.37 -7.15 25.16
C GLU B 1310 18.82 -7.75 26.46
N ARG B 1311 18.87 -6.96 27.53
CA ARG B 1311 18.56 -7.47 28.85
C ARG B 1311 17.07 -7.33 29.13
N PRO B 1312 16.35 -8.42 29.38
CA PRO B 1312 14.93 -8.32 29.74
C PRO B 1312 14.75 -7.94 31.20
N LEU B 1313 13.50 -7.63 31.54
CA LEU B 1313 13.10 -7.43 32.93
C LEU B 1313 11.58 -7.50 33.06
#